data_9VPF
#
_entry.id   9VPF
#
_cell.length_a   84.983
_cell.length_b   109.338
_cell.length_c   189.401
_cell.angle_alpha   90.00
_cell.angle_beta   90.00
_cell.angle_gamma   90.00
#
_symmetry.space_group_name_H-M   'P 21 21 21'
#
loop_
_entity.id
_entity.type
_entity.pdbx_description
1 polymer 'D-aspartate oxidase'
2 non-polymer 'FLAVIN-ADENINE DINUCLEOTIDE'
3 non-polymer 'FLUORIDE ION'
4 water water
#
_entity_poly.entity_id   1
_entity_poly.type   'polypeptide(L)'
_entity_poly.pdbx_seq_one_letter_code
;MPPSDPIIVLGAGVIGLTTAVRLLEAHLGANVHILADHWPSDALDAQYASTIAGAHHLSFADDGDARQRRWDMRTFDVLY
DEWKAVGERTGLMALTQTEMWEGATSHLAVYEGNPDFRVLDPRTAPCSNITHMVSFTSLTIAPTVYLAALEARVRDLGAK
LHRAHVPSLGALRTDPALLALYTRPPAAVFVCAGLGARHLVPAPEAAALFPTRGQVVVVRAPWMRAGFTRQVGSLGGGEG
GTRTYIIPRCNGEVVLGGTMEQGDWTPYPRDETVTDILTRALQICPDIAPPYARSWPKDDQVAALRSIVVRDAVGFRPSR
AGGARVALASAAGMRVVYNYGHGGAGWQSCWGCAEDAVALWAGGAGGARL
;
_entity_poly.pdbx_strand_id   A,B,C,D
#
# COMPACT_ATOMS: atom_id res chain seq x y z
N SER A 4 -6.71 -0.46 43.43
CA SER A 4 -5.71 0.63 43.29
C SER A 4 -6.29 1.80 42.50
N ASP A 5 -6.22 3.00 43.08
CA ASP A 5 -6.79 4.21 42.46
C ASP A 5 -5.99 4.66 41.23
N PRO A 6 -6.69 5.04 40.13
CA PRO A 6 -5.96 5.38 38.89
C PRO A 6 -4.97 6.55 39.04
N ILE A 7 -3.84 6.41 38.37
CA ILE A 7 -2.85 7.48 38.25
C ILE A 7 -2.89 7.86 36.78
N ILE A 8 -3.25 9.12 36.51
CA ILE A 8 -3.49 9.60 35.14
C ILE A 8 -2.25 10.30 34.61
N VAL A 9 -1.81 9.90 33.42
CA VAL A 9 -0.90 10.76 32.65
C VAL A 9 -1.73 11.42 31.56
N LEU A 10 -1.85 12.74 31.66
CA LEU A 10 -2.63 13.53 30.72
C LEU A 10 -1.70 14.08 29.66
N GLY A 11 -1.69 13.45 28.49
CA GLY A 11 -0.85 13.88 27.36
C GLY A 11 -0.01 12.74 26.79
N ALA A 12 0.02 12.68 25.46
CA ALA A 12 0.74 11.64 24.72
C ALA A 12 1.71 12.26 23.72
N GLY A 13 2.24 13.44 24.08
CA GLY A 13 3.42 14.00 23.42
C GLY A 13 4.67 13.38 24.05
N VAL A 14 5.82 13.93 23.71
CA VAL A 14 7.08 13.38 24.24
C VAL A 14 7.14 13.49 25.78
N ILE A 15 6.55 14.56 26.30
CA ILE A 15 6.62 14.80 27.75
C ILE A 15 5.79 13.79 28.51
N GLY A 16 4.55 13.56 28.05
CA GLY A 16 3.66 12.60 28.68
C GLY A 16 4.14 11.18 28.58
N LEU A 17 4.62 10.80 27.40
CA LEU A 17 5.08 9.44 27.21
C LEU A 17 6.37 9.14 28.01
N THR A 18 7.33 10.06 28.06
CA THR A 18 8.54 9.82 28.90
C THR A 18 8.14 9.76 30.37
N THR A 19 7.24 10.65 30.79
CA THR A 19 6.71 10.65 32.17
C THR A 19 6.08 9.30 32.50
N ALA A 20 5.20 8.84 31.60
CA ALA A 20 4.58 7.51 31.76
C ALA A 20 5.57 6.35 31.83
N VAL A 21 6.57 6.34 30.95
CA VAL A 21 7.61 5.32 31.00
C VAL A 21 8.30 5.31 32.39
N ARG A 22 8.72 6.48 32.85
CA ARG A 22 9.44 6.58 34.12
C ARG A 22 8.54 6.25 35.30
N LEU A 23 7.27 6.62 35.20
CA LEU A 23 6.27 6.25 36.20
C LEU A 23 6.09 4.74 36.31
N LEU A 24 5.94 4.07 35.16
CA LEU A 24 5.77 2.61 35.13
C LEU A 24 7.04 1.87 35.58
N GLU A 25 8.20 2.39 35.16
CA GLU A 25 9.49 1.81 35.54
C GLU A 25 9.81 1.96 37.03
N ALA A 26 9.21 2.95 37.68
CA ALA A 26 9.35 3.17 39.13
C ALA A 26 8.88 1.96 39.97
N HIS A 27 8.03 1.11 39.36
CA HIS A 27 7.41 -0.07 40.01
C HIS A 27 6.82 0.27 41.40
N LEU A 28 6.00 1.32 41.43
CA LEU A 28 5.41 1.82 42.68
C LEU A 28 3.92 1.46 42.83
N GLY A 29 3.50 0.44 42.08
CA GLY A 29 2.12 -0.04 42.09
C GLY A 29 1.12 0.87 41.38
N ALA A 30 1.59 1.71 40.45
CA ALA A 30 0.73 2.68 39.79
C ALA A 30 -0.18 2.05 38.75
N ASN A 31 -1.48 2.31 38.90
CA ASN A 31 -2.50 1.89 37.94
C ASN A 31 -2.65 3.02 36.91
N VAL A 32 -1.83 2.92 35.84
CA VAL A 32 -1.60 4.04 34.92
C VAL A 32 -2.59 4.05 33.76
N HIS A 33 -3.26 5.19 33.62
CA HIS A 33 -4.12 5.45 32.48
C HIS A 33 -3.58 6.71 31.79
N ILE A 34 -3.28 6.57 30.50
CA ILE A 34 -2.79 7.68 29.69
C ILE A 34 -3.94 8.19 28.83
N LEU A 35 -4.31 9.45 29.05
CA LEU A 35 -5.39 10.12 28.30
C LEU A 35 -4.83 11.23 27.43
N ALA A 36 -5.26 11.27 26.17
CA ALA A 36 -4.84 12.32 25.23
C ALA A 36 -5.80 12.47 24.05
N ASP A 37 -5.97 13.69 23.57
CA ASP A 37 -6.81 13.91 22.39
C ASP A 37 -6.02 13.89 21.08
N HIS A 38 -4.70 13.69 21.19
CA HIS A 38 -3.84 13.53 20.01
C HIS A 38 -2.72 12.58 20.37
N TRP A 39 -2.55 11.56 19.52
CA TRP A 39 -1.58 10.49 19.72
C TRP A 39 -0.50 10.56 18.64
N PRO A 40 0.71 10.00 18.91
CA PRO A 40 1.86 10.27 18.00
C PRO A 40 1.65 9.91 16.53
N SER A 41 0.92 8.83 16.26
CA SER A 41 0.73 8.40 14.87
C SER A 41 -0.43 9.09 14.15
N ASP A 42 -1.16 9.98 14.85
CA ASP A 42 -2.17 10.81 14.22
C ASP A 42 -1.54 11.72 13.17
N ALA A 43 -2.37 12.19 12.26
CA ALA A 43 -1.95 13.16 11.25
C ALA A 43 -1.35 14.40 11.92
N LEU A 44 -0.32 14.98 11.30
CA LEU A 44 0.30 16.18 11.85
C LEU A 44 -0.70 17.30 12.06
N ASP A 45 -0.53 17.99 13.17
CA ASP A 45 -1.41 19.07 13.58
C ASP A 45 -0.51 20.06 14.31
N ALA A 46 -0.57 21.32 13.88
CA ALA A 46 0.21 22.39 14.51
C ALA A 46 0.05 22.47 16.03
N GLN A 47 -1.11 22.04 16.53
CA GLN A 47 -1.34 22.04 17.98
C GLN A 47 -0.63 20.93 18.73
N TYR A 48 -0.10 19.92 18.04
CA TYR A 48 0.66 18.84 18.69
C TYR A 48 2.12 19.03 18.36
N ALA A 49 2.88 19.57 19.30
CA ALA A 49 4.27 19.97 19.03
C ALA A 49 5.22 18.79 18.75
N SER A 50 4.97 17.65 19.40
CA SER A 50 6.00 16.59 19.46
C SER A 50 6.44 16.01 18.12
N THR A 51 5.52 15.87 17.18
CA THR A 51 5.88 15.38 15.83
C THR A 51 6.18 16.45 14.81
N ILE A 52 6.03 17.72 15.19
CA ILE A 52 6.46 18.82 14.30
C ILE A 52 7.97 19.03 14.46
N ALA A 53 8.48 18.76 15.66
CA ALA A 53 9.88 19.04 16.04
C ALA A 53 10.90 18.38 15.11
N GLY A 54 12.09 18.98 15.02
CA GLY A 54 13.17 18.49 14.14
C GLY A 54 13.43 16.98 14.24
N ALA A 55 13.87 16.48 15.40
CA ALA A 55 14.29 17.27 16.57
C ALA A 55 15.79 17.05 16.72
N HIS A 56 16.50 18.07 17.19
CA HIS A 56 17.89 17.88 17.58
C HIS A 56 18.09 18.20 19.05
N HIS A 57 19.16 17.67 19.61
CA HIS A 57 19.56 18.00 20.96
C HIS A 57 20.54 19.14 20.82
N LEU A 58 20.05 20.36 21.06
CA LEU A 58 20.87 21.57 20.98
C LEU A 58 20.44 22.50 22.09
N SER A 59 21.07 22.30 23.25
CA SER A 59 20.65 22.99 24.47
C SER A 59 20.58 24.50 24.33
N PHE A 60 19.58 25.10 24.98
CA PHE A 60 19.48 26.54 25.19
C PHE A 60 19.82 26.94 26.62
N ALA A 61 20.30 25.98 27.42
CA ALA A 61 20.46 26.22 28.86
C ALA A 61 21.51 27.29 29.13
N ASP A 62 21.06 28.39 29.72
CA ASP A 62 21.96 29.45 30.18
C ASP A 62 22.98 28.88 31.16
N ASP A 63 24.19 29.43 31.16
CA ASP A 63 25.25 29.01 32.08
C ASP A 63 24.77 28.97 33.53
N GLY A 64 23.93 29.93 33.93
CA GLY A 64 23.37 30.03 35.28
C GLY A 64 22.03 29.36 35.53
N ASP A 65 21.51 28.64 34.52
CA ASP A 65 20.26 27.89 34.62
C ASP A 65 20.59 26.42 34.91
N ALA A 66 20.84 26.15 36.20
CA ALA A 66 21.31 24.84 36.63
C ALA A 66 20.30 23.73 36.35
N ARG A 67 19.02 24.04 36.51
CA ARG A 67 17.95 23.06 36.29
C ARG A 67 17.92 22.61 34.82
N GLN A 68 17.89 23.57 33.90
CA GLN A 68 17.89 23.27 32.46
C GLN A 68 19.15 22.53 32.02
N ARG A 69 20.32 22.97 32.52
CA ARG A 69 21.55 22.25 32.20
C ARG A 69 21.49 20.79 32.64
N ARG A 70 20.98 20.54 33.85
CA ARG A 70 20.88 19.19 34.39
C ARG A 70 19.91 18.34 33.56
N TRP A 71 18.74 18.91 33.25
CA TRP A 71 17.77 18.22 32.42
C TRP A 71 18.33 17.85 31.06
N ASP A 72 18.96 18.81 30.40
CA ASP A 72 19.41 18.63 29.01
C ASP A 72 20.51 17.58 28.95
N MET A 73 21.45 17.64 29.89
CA MET A 73 22.55 16.67 29.89
C MET A 73 22.09 15.28 30.31
N ARG A 74 21.12 15.21 31.23
CA ARG A 74 20.56 13.92 31.60
C ARG A 74 19.87 13.25 30.41
N THR A 75 19.08 14.04 29.70
CA THR A 75 18.34 13.57 28.52
C THR A 75 19.33 13.15 27.45
N PHE A 76 20.40 13.94 27.27
CA PHE A 76 21.46 13.54 26.33
C PHE A 76 22.04 12.18 26.69
N ASP A 77 22.40 11.98 27.95
CA ASP A 77 22.93 10.69 28.37
C ASP A 77 22.00 9.51 28.05
N VAL A 78 20.72 9.66 28.37
CA VAL A 78 19.71 8.62 28.10
C VAL A 78 19.64 8.30 26.60
N LEU A 79 19.48 9.35 25.79
CA LEU A 79 19.35 9.19 24.33
C LEU A 79 20.62 8.65 23.67
N TYR A 80 21.77 9.17 24.11
CA TYR A 80 23.05 8.74 23.54
C TYR A 80 23.35 7.28 23.89
N ASP A 81 23.09 6.89 25.14
CA ASP A 81 23.20 5.48 25.54
C ASP A 81 22.25 4.57 24.77
N GLU A 82 21.03 5.05 24.52
CA GLU A 82 20.08 4.33 23.71
C GLU A 82 20.60 4.16 22.29
N TRP A 83 21.11 5.23 21.70
CA TRP A 83 21.71 5.14 20.36
C TRP A 83 22.89 4.14 20.35
N LYS A 84 23.71 4.15 21.39
CA LYS A 84 24.83 3.19 21.47
C LYS A 84 24.34 1.74 21.58
N ALA A 85 23.15 1.54 22.16
CA ALA A 85 22.62 0.20 22.32
C ALA A 85 21.88 -0.33 21.10
N VAL A 86 21.10 0.53 20.43
CA VAL A 86 20.19 0.06 19.38
C VAL A 86 20.38 0.76 18.03
N GLY A 87 21.32 1.70 17.99
CA GLY A 87 21.58 2.49 16.76
C GLY A 87 20.39 3.33 16.42
N GLU A 88 19.95 3.26 15.17
CA GLU A 88 18.86 4.09 14.67
C GLU A 88 17.48 3.45 14.78
N ARG A 89 17.39 2.29 15.44
CA ARG A 89 16.13 1.52 15.42
C ARG A 89 14.95 2.32 15.98
N THR A 90 15.22 3.19 16.96
CA THR A 90 14.15 4.02 17.52
C THR A 90 14.17 5.46 17.02
N GLY A 91 14.88 5.73 15.92
CA GLY A 91 14.84 7.08 15.33
C GLY A 91 15.95 8.05 15.73
N LEU A 92 16.95 7.55 16.45
CA LEU A 92 18.08 8.35 16.92
C LEU A 92 19.25 8.29 15.96
N MET A 93 19.95 9.41 15.81
CA MET A 93 21.16 9.44 14.98
C MET A 93 22.18 10.36 15.60
N ALA A 94 23.31 9.77 16.02
CA ALA A 94 24.45 10.59 16.46
C ALA A 94 25.05 11.34 15.28
N LEU A 95 25.49 12.55 15.55
CA LEU A 95 26.05 13.41 14.48
C LEU A 95 26.92 14.51 15.04
N THR A 96 27.70 15.13 14.16
CA THR A 96 28.41 16.33 14.50
C THR A 96 27.48 17.53 14.30
N GLN A 97 27.27 18.26 15.38
CA GLN A 97 26.49 19.51 15.37
C GLN A 97 27.43 20.70 15.34
N THR A 98 27.26 21.57 14.35
CA THR A 98 28.05 22.79 14.25
C THR A 98 27.14 23.98 14.54
N GLU A 99 27.50 24.77 15.54
CA GLU A 99 26.76 26.01 15.82
C GLU A 99 27.59 27.23 15.52
N MET A 100 26.99 28.16 14.78
CA MET A 100 27.64 29.43 14.47
C MET A 100 26.83 30.61 14.98
N TRP A 101 27.52 31.62 15.50
CA TRP A 101 26.84 32.79 16.03
C TRP A 101 27.14 34.01 15.18
N GLU A 102 26.11 34.82 14.95
CA GLU A 102 26.23 36.06 14.21
C GLU A 102 26.11 37.20 15.23
N GLY A 103 27.25 37.59 15.80
CA GLY A 103 27.31 38.66 16.80
C GLY A 103 28.05 38.25 18.07
N ALA A 104 27.67 37.10 18.64
CA ALA A 104 28.23 36.64 19.91
C ALA A 104 29.69 36.15 19.83
N THR A 105 30.40 36.26 20.95
CA THR A 105 31.81 35.85 21.02
C THR A 105 32.06 34.71 22.01
N SER A 106 30.99 34.03 22.43
CA SER A 106 31.09 32.86 23.31
C SER A 106 29.98 31.84 23.02
N HIS A 107 30.13 30.66 23.60
CA HIS A 107 29.16 29.57 23.49
C HIS A 107 28.65 29.28 24.88
N LEU A 108 27.55 28.53 24.98
CA LEU A 108 27.04 28.07 26.28
C LEU A 108 27.99 27.03 26.86
N ALA A 109 28.27 27.16 28.16
CA ALA A 109 29.07 26.18 28.90
C ALA A 109 28.55 24.73 28.79
N VAL A 110 27.22 24.58 28.73
CA VAL A 110 26.58 23.26 28.67
C VAL A 110 27.13 22.38 27.53
N TYR A 111 27.46 22.98 26.38
CA TYR A 111 27.97 22.24 25.21
C TYR A 111 29.28 21.48 25.45
N GLU A 112 30.08 21.99 26.39
CA GLU A 112 31.39 21.38 26.70
C GLU A 112 31.26 20.00 27.33
N GLY A 113 30.07 19.72 27.88
CA GLY A 113 29.74 18.37 28.35
C GLY A 113 29.51 17.32 27.27
N ASN A 114 29.28 17.73 26.02
CA ASN A 114 29.12 16.78 24.90
C ASN A 114 30.44 16.20 24.41
N PRO A 115 30.41 14.97 23.81
CA PRO A 115 31.63 14.41 23.24
C PRO A 115 32.16 15.25 22.09
N ASP A 116 33.48 15.19 21.90
CA ASP A 116 34.15 15.82 20.75
C ASP A 116 33.91 17.34 20.66
N PHE A 117 33.85 18.00 21.81
CA PHE A 117 33.64 19.45 21.78
C PHE A 117 34.86 20.16 21.20
N ARG A 118 34.60 21.18 20.38
CA ARG A 118 35.68 22.04 19.88
C ARG A 118 35.25 23.44 19.47
N VAL A 119 36.15 24.39 19.70
CA VAL A 119 35.96 25.76 19.26
C VAL A 119 36.62 25.85 17.89
N LEU A 120 35.85 26.31 16.91
CA LEU A 120 36.31 26.37 15.52
C LEU A 120 36.73 27.79 15.16
N ASP A 121 37.35 27.95 14.00
CA ASP A 121 37.71 29.26 13.49
C ASP A 121 36.48 29.82 12.78
N PRO A 122 35.89 30.92 13.30
CA PRO A 122 34.63 31.41 12.70
C PRO A 122 34.78 31.97 11.29
N ARG A 123 36.03 32.23 10.88
CA ARG A 123 36.32 32.67 9.51
C ARG A 123 36.08 31.58 8.46
N THR A 124 36.01 30.32 8.91
CA THR A 124 35.76 29.18 8.03
C THR A 124 34.27 28.90 7.82
N ALA A 125 33.41 29.66 8.50
CA ALA A 125 31.95 29.51 8.30
C ALA A 125 31.60 29.83 6.84
N PRO A 126 30.54 29.17 6.28
CA PRO A 126 30.28 29.42 4.85
C PRO A 126 29.58 30.74 4.57
N CYS A 127 28.97 31.30 5.61
CA CYS A 127 28.22 32.54 5.51
C CYS A 127 29.02 33.65 6.19
N SER A 128 28.65 34.89 5.90
CA SER A 128 29.36 36.05 6.43
C SER A 128 28.88 36.39 7.85
N ASN A 129 29.67 37.23 8.52
CA ASN A 129 29.31 37.84 9.80
C ASN A 129 29.28 36.88 10.99
N ILE A 130 29.93 35.74 10.83
CA ILE A 130 30.05 34.77 11.93
C ILE A 130 31.22 35.13 12.83
N THR A 131 30.94 35.27 14.12
CA THR A 131 31.91 35.74 15.11
C THR A 131 32.35 34.65 16.09
N HIS A 132 31.57 33.57 16.19
CA HIS A 132 31.91 32.42 17.04
C HIS A 132 31.34 31.15 16.41
N MET A 133 32.06 30.05 16.56
CA MET A 133 31.65 28.78 15.98
C MET A 133 32.22 27.64 16.77
N VAL A 134 31.37 26.66 17.09
CA VAL A 134 31.78 25.44 17.78
C VAL A 134 31.22 24.20 17.08
N SER A 135 31.77 23.03 17.39
CA SER A 135 31.11 21.77 17.05
C SER A 135 31.23 20.77 18.17
N PHE A 136 30.32 19.80 18.18
CA PHE A 136 30.34 18.73 19.18
C PHE A 136 29.43 17.61 18.71
N THR A 137 29.61 16.42 19.26
CA THR A 137 28.76 15.27 18.96
C THR A 137 27.44 15.47 19.68
N SER A 138 26.35 15.38 18.93
CA SER A 138 25.02 15.39 19.52
C SER A 138 24.15 14.32 18.84
N LEU A 139 22.83 14.48 18.90
CA LEU A 139 21.90 13.51 18.33
C LEU A 139 20.72 14.22 17.69
N THR A 140 20.15 13.59 16.67
CA THR A 140 18.83 13.96 16.22
C THR A 140 17.85 12.81 16.48
N ILE A 141 16.57 13.16 16.45
CA ILE A 141 15.49 12.21 16.68
C ILE A 141 14.46 12.41 15.58
N ALA A 142 14.06 11.31 14.94
CA ALA A 142 12.87 11.31 14.08
C ALA A 142 11.68 11.09 15.03
N PRO A 143 10.95 12.17 15.38
CA PRO A 143 9.99 12.08 16.50
C PRO A 143 8.89 11.03 16.35
N THR A 144 8.37 10.85 15.14
CA THR A 144 7.32 9.85 14.88
C THR A 144 7.79 8.44 15.26
N VAL A 145 9.03 8.10 14.86
CA VAL A 145 9.63 6.81 15.17
C VAL A 145 9.87 6.65 16.67
N TYR A 146 10.43 7.69 17.30
CA TYR A 146 10.77 7.59 18.72
C TYR A 146 9.50 7.50 19.55
N LEU A 147 8.51 8.31 19.18
CA LEU A 147 7.22 8.30 19.93
C LEU A 147 6.47 6.98 19.76
N ALA A 148 6.54 6.39 18.56
CA ALA A 148 5.99 5.04 18.37
C ALA A 148 6.66 4.02 19.28
N ALA A 149 7.99 4.11 19.44
CA ALA A 149 8.71 3.26 20.38
C ALA A 149 8.26 3.49 21.84
N LEU A 150 8.06 4.75 22.23
CA LEU A 150 7.54 5.03 23.60
C LEU A 150 6.13 4.49 23.82
N GLU A 151 5.28 4.63 22.81
CA GLU A 151 3.92 4.12 22.90
C GLU A 151 3.92 2.59 23.08
N ALA A 152 4.79 1.90 22.33
CA ALA A 152 4.89 0.45 22.43
C ALA A 152 5.39 0.08 23.81
N ARG A 153 6.34 0.86 24.32
CA ARG A 153 6.91 0.64 25.63
C ARG A 153 5.88 0.76 26.75
N VAL A 154 5.07 1.82 26.73
CA VAL A 154 4.06 1.99 27.81
C VAL A 154 2.98 0.89 27.76
N ARG A 155 2.64 0.43 26.55
CA ARG A 155 1.73 -0.72 26.40
C ARG A 155 2.32 -1.97 27.02
N ASP A 156 3.60 -2.24 26.73
CA ASP A 156 4.31 -3.39 27.26
C ASP A 156 4.40 -3.37 28.78
N LEU A 157 4.54 -2.16 29.34
CA LEU A 157 4.65 -1.99 30.79
C LEU A 157 3.29 -2.00 31.51
N GLY A 158 2.20 -2.06 30.77
CA GLY A 158 0.87 -2.26 31.34
C GLY A 158 -0.02 -1.04 31.49
N ALA A 159 0.39 0.10 30.93
CA ALA A 159 -0.46 1.30 30.91
C ALA A 159 -1.68 1.08 30.02
N LYS A 160 -2.81 1.68 30.40
CA LYS A 160 -4.00 1.73 29.57
C LYS A 160 -4.02 3.04 28.84
N LEU A 161 -4.27 2.97 27.53
CA LEU A 161 -4.21 4.12 26.66
C LEU A 161 -5.62 4.48 26.20
N HIS A 162 -5.98 5.76 26.33
CA HIS A 162 -7.31 6.24 25.97
C HIS A 162 -7.27 7.49 25.14
N ARG A 163 -8.10 7.52 24.09
CA ARG A 163 -8.31 8.71 23.31
C ARG A 163 -9.47 9.45 23.95
N ALA A 164 -9.17 10.59 24.58
CA ALA A 164 -10.19 11.33 25.31
C ALA A 164 -9.75 12.77 25.47
N HIS A 165 -10.71 13.70 25.37
CA HIS A 165 -10.45 15.11 25.70
C HIS A 165 -10.86 15.39 27.14
N VAL A 166 -9.95 16.02 27.89
CA VAL A 166 -10.20 16.34 29.31
C VAL A 166 -10.58 17.83 29.39
N PRO A 167 -11.86 18.15 29.74
CA PRO A 167 -12.24 19.57 29.70
C PRO A 167 -11.71 20.37 30.90
N SER A 168 -11.48 19.69 32.03
CA SER A 168 -10.91 20.28 33.25
C SER A 168 -10.30 19.17 34.07
N LEU A 169 -9.37 19.52 34.95
CA LEU A 169 -8.81 18.52 35.86
C LEU A 169 -9.85 17.86 36.76
N GLY A 170 -10.81 18.66 37.23
CA GLY A 170 -11.91 18.15 38.06
C GLY A 170 -12.72 17.06 37.37
N ALA A 171 -12.91 17.23 36.07
CA ALA A 171 -13.65 16.29 35.23
C ALA A 171 -13.10 14.87 35.32
N LEU A 172 -11.81 14.71 35.64
CA LEU A 172 -11.22 13.39 35.81
C LEU A 172 -11.90 12.60 36.92
N ARG A 173 -12.35 13.33 37.95
CA ARG A 173 -13.08 12.73 39.07
C ARG A 173 -14.61 12.72 38.89
N THR A 174 -15.15 13.68 38.14
CA THR A 174 -16.61 13.95 38.13
C THR A 174 -17.36 13.66 36.81
N ASP A 175 -16.64 13.52 35.70
CA ASP A 175 -17.27 13.41 34.40
C ASP A 175 -17.47 11.94 34.04
N PRO A 176 -18.74 11.50 33.86
CA PRO A 176 -18.99 10.08 33.59
C PRO A 176 -18.29 9.55 32.31
N ALA A 177 -18.10 10.42 31.32
CA ALA A 177 -17.40 10.09 30.06
C ALA A 177 -15.93 9.70 30.31
N LEU A 178 -15.31 10.32 31.32
CA LEU A 178 -13.93 10.00 31.70
C LEU A 178 -13.87 8.89 32.72
N LEU A 179 -14.82 8.87 33.65
CA LEU A 179 -14.87 7.83 34.67
C LEU A 179 -15.06 6.43 34.09
N ALA A 180 -15.75 6.34 32.94
CA ALA A 180 -15.94 5.05 32.27
C ALA A 180 -14.62 4.45 31.78
N LEU A 181 -13.59 5.29 31.62
CA LEU A 181 -12.27 4.79 31.21
C LEU A 181 -11.52 3.97 32.28
N TYR A 182 -11.65 4.38 33.55
CA TYR A 182 -10.85 3.81 34.64
C TYR A 182 -11.64 3.51 35.94
N THR A 183 -12.95 3.72 35.90
CA THR A 183 -13.92 3.30 36.96
C THR A 183 -13.85 4.17 38.22
N ARG A 184 -12.70 4.16 38.88
CA ARG A 184 -12.54 4.88 40.17
C ARG A 184 -12.01 6.30 40.00
N PRO A 185 -12.39 7.23 40.91
CA PRO A 185 -11.80 8.58 40.84
C PRO A 185 -10.27 8.50 40.99
N PRO A 186 -9.52 9.16 40.09
CA PRO A 186 -8.06 9.11 40.16
C PRO A 186 -7.51 9.74 41.44
N ALA A 187 -6.42 9.17 41.96
CA ALA A 187 -5.70 9.72 43.11
C ALA A 187 -4.73 10.82 42.67
N ALA A 188 -4.23 10.73 41.43
CA ALA A 188 -3.19 11.64 40.95
C ALA A 188 -3.28 11.86 39.45
N VAL A 189 -2.74 13.00 39.01
CA VAL A 189 -2.65 13.30 37.57
C VAL A 189 -1.32 14.02 37.25
N PHE A 190 -0.62 13.53 36.23
CA PHE A 190 0.53 14.21 35.66
C PHE A 190 0.03 15.01 34.46
N VAL A 191 0.16 16.33 34.54
CA VAL A 191 -0.42 17.23 33.55
C VAL A 191 0.69 17.54 32.55
N CYS A 192 0.66 16.79 31.46
CA CYS A 192 1.70 16.84 30.45
C CYS A 192 1.02 17.26 29.15
N ALA A 193 0.24 18.34 29.27
CA ALA A 193 -0.66 18.77 28.21
C ALA A 193 -0.05 19.73 27.22
N GLY A 194 1.23 20.04 27.38
CA GLY A 194 1.90 21.00 26.50
C GLY A 194 1.17 22.33 26.47
N LEU A 195 0.99 22.91 25.29
CA LEU A 195 0.32 24.22 25.20
C LEU A 195 -1.17 24.16 25.60
N GLY A 196 -1.73 22.96 25.48
CA GLY A 196 -3.07 22.65 25.99
C GLY A 196 -3.25 22.84 27.51
N ALA A 197 -2.15 22.90 28.27
CA ALA A 197 -2.22 23.19 29.70
C ALA A 197 -2.89 24.53 30.00
N ARG A 198 -2.91 25.43 29.02
CA ARG A 198 -3.57 26.75 29.16
C ARG A 198 -5.07 26.64 29.50
N HIS A 199 -5.66 25.49 29.20
CA HIS A 199 -7.08 25.20 29.51
C HIS A 199 -7.29 24.33 30.74
N LEU A 200 -6.22 23.95 31.41
CA LEU A 200 -6.31 22.99 32.50
C LEU A 200 -5.77 23.55 33.83
N VAL A 201 -4.85 24.47 33.75
CA VAL A 201 -4.26 25.04 34.97
C VAL A 201 -5.19 26.15 35.42
N PRO A 202 -5.22 26.47 36.74
CA PRO A 202 -5.93 27.68 37.17
C PRO A 202 -5.66 28.87 36.25
N ALA A 203 -6.74 29.54 35.86
CA ALA A 203 -6.72 30.63 34.88
C ALA A 203 -5.64 31.73 35.00
N PRO A 204 -5.28 32.20 36.22
CA PRO A 204 -4.16 33.18 36.27
C PRO A 204 -2.76 32.63 35.91
N GLU A 205 -2.57 31.31 36.05
CA GLU A 205 -1.35 30.62 35.58
C GLU A 205 -1.29 30.45 34.05
N ALA A 206 -2.44 30.59 33.38
CA ALA A 206 -2.53 30.37 31.92
C ALA A 206 -1.89 31.48 31.09
N ALA A 207 -1.88 32.71 31.62
CA ALA A 207 -1.25 33.85 30.96
C ALA A 207 0.26 33.66 30.78
N ALA A 208 0.84 32.76 31.58
CA ALA A 208 2.27 32.48 31.56
C ALA A 208 2.65 31.66 30.32
N LEU A 209 1.66 30.94 29.77
CA LEU A 209 1.84 30.11 28.58
C LEU A 209 1.48 30.85 27.30
N PHE A 210 2.33 30.70 26.28
CA PHE A 210 2.09 31.32 24.99
C PHE A 210 2.76 30.50 23.88
N PRO A 211 2.22 30.57 22.65
CA PRO A 211 2.86 29.89 21.52
C PRO A 211 4.08 30.67 21.04
N THR A 212 5.16 29.94 20.73
CA THR A 212 6.17 30.50 19.83
C THR A 212 6.10 29.64 18.57
N ARG A 213 5.46 30.19 17.55
CA ARG A 213 5.21 29.51 16.28
C ARG A 213 6.53 29.21 15.60
N GLY A 214 6.62 28.00 15.04
CA GLY A 214 7.78 27.58 14.25
C GLY A 214 7.32 26.95 12.96
N GLN A 215 7.77 27.49 11.83
CA GLN A 215 7.55 26.86 10.53
C GLN A 215 8.83 26.13 10.14
N VAL A 216 8.67 24.95 9.53
CA VAL A 216 9.84 24.20 9.02
C VAL A 216 9.55 23.70 7.62
N VAL A 217 10.60 23.41 6.86
CA VAL A 217 10.47 22.77 5.54
C VAL A 217 11.23 21.44 5.65
N VAL A 218 10.57 20.33 5.35
CA VAL A 218 11.22 19.01 5.36
C VAL A 218 11.62 18.65 3.92
N VAL A 219 12.91 18.37 3.72
CA VAL A 219 13.42 17.97 2.40
C VAL A 219 13.96 16.54 2.46
N ARG A 220 14.04 15.90 1.29
CA ARG A 220 14.64 14.57 1.19
C ARG A 220 16.09 14.78 0.82
N ALA A 221 16.96 14.75 1.82
CA ALA A 221 18.38 15.03 1.58
C ALA A 221 19.26 14.04 2.34
N PRO A 222 19.22 12.74 1.95
CA PRO A 222 19.94 11.72 2.72
C PRO A 222 21.46 11.83 2.70
N TRP A 223 22.00 12.68 1.80
CA TRP A 223 23.43 13.07 1.84
C TRP A 223 23.85 13.90 3.04
N MET A 224 22.86 14.45 3.75
CA MET A 224 23.12 15.33 4.87
C MET A 224 22.95 14.55 6.15
N ARG A 225 24.07 14.32 6.82
CA ARG A 225 24.08 13.59 8.10
C ARG A 225 24.86 14.34 9.17
N ALA A 226 24.97 15.66 9.00
CA ALA A 226 25.59 16.54 9.94
C ALA A 226 24.57 17.64 10.22
N GLY A 227 24.68 18.26 11.40
CA GLY A 227 23.73 19.30 11.83
C GLY A 227 24.38 20.66 11.85
N PHE A 228 23.60 21.69 11.52
CA PHE A 228 24.09 23.07 11.51
C PHE A 228 23.05 24.00 12.07
N THR A 229 23.49 24.96 12.89
CA THR A 229 22.60 25.99 13.45
C THR A 229 23.30 27.32 13.43
N ARG A 230 22.58 28.38 13.05
CA ARG A 230 23.10 29.74 13.20
C ARG A 230 22.19 30.52 14.12
N GLN A 231 22.78 31.10 15.15
CA GLN A 231 22.07 31.85 16.18
C GLN A 231 22.31 33.33 15.91
N VAL A 232 21.21 34.07 15.76
CA VAL A 232 21.27 35.52 15.59
C VAL A 232 20.60 36.15 16.81
N GLY A 233 21.28 37.10 17.45
CA GLY A 233 20.75 37.75 18.66
C GLY A 233 21.02 36.90 19.88
N SER A 234 20.69 37.44 21.05
CA SER A 234 20.98 36.79 22.31
C SER A 234 19.83 35.88 22.76
N LEU A 235 20.18 34.76 23.38
CA LEU A 235 19.19 33.87 24.00
C LEU A 235 18.48 34.55 25.17
N GLY A 236 19.15 35.52 25.79
CA GLY A 236 18.56 36.32 26.88
C GLY A 236 18.21 35.53 28.13
N GLY A 237 18.94 34.43 28.38
CA GLY A 237 18.65 33.56 29.51
C GLY A 237 17.57 32.52 29.26
N GLY A 238 16.94 32.61 28.10
CA GLY A 238 15.86 31.70 27.67
C GLY A 238 16.15 31.15 26.28
N GLU A 239 15.20 31.31 25.37
CA GLU A 239 15.30 30.79 24.00
C GLU A 239 15.21 31.94 22.98
N GLY A 240 15.74 33.10 23.37
CA GLY A 240 15.64 34.32 22.56
C GLY A 240 16.42 34.31 21.25
N GLY A 241 16.17 35.33 20.43
CA GLY A 241 16.82 35.49 19.15
C GLY A 241 16.20 34.59 18.10
N THR A 242 16.87 34.45 16.96
CA THR A 242 16.37 33.62 15.86
C THR A 242 17.41 32.61 15.41
N ARG A 243 16.94 31.47 14.91
CA ARG A 243 17.84 30.44 14.43
C ARG A 243 17.52 29.98 13.03
N THR A 244 18.59 29.68 12.29
CA THR A 244 18.53 28.87 11.07
C THR A 244 19.09 27.51 11.46
N TYR A 245 18.48 26.43 10.99
CA TYR A 245 19.02 25.10 11.29
C TYR A 245 18.77 24.07 10.21
N ILE A 246 19.66 23.07 10.18
CA ILE A 246 19.55 21.88 9.35
C ILE A 246 19.54 20.72 10.36
N ILE A 247 18.45 19.95 10.41
CA ILE A 247 18.32 18.83 11.36
C ILE A 247 18.03 17.56 10.57
N PRO A 248 19.07 16.75 10.29
CA PRO A 248 18.84 15.55 9.51
C PRO A 248 18.35 14.37 10.34
N ARG A 249 17.34 13.65 9.84
CA ARG A 249 16.86 12.45 10.51
C ARG A 249 17.50 11.24 9.86
N CYS A 250 17.55 10.14 10.62
CA CYS A 250 18.09 8.88 10.10
C CYS A 250 17.36 8.33 8.87
N ASN A 251 16.11 8.73 8.65
CA ASN A 251 15.32 8.25 7.50
C ASN A 251 15.54 9.05 6.20
N GLY A 252 16.47 10.00 6.26
CA GLY A 252 16.81 10.81 5.06
C GLY A 252 16.01 12.09 4.91
N GLU A 253 14.95 12.24 5.71
CA GLU A 253 14.27 13.55 5.81
C GLU A 253 15.16 14.50 6.61
N VAL A 254 15.25 15.75 6.13
CA VAL A 254 16.05 16.77 6.80
C VAL A 254 15.12 17.96 7.04
N VAL A 255 15.06 18.38 8.30
CA VAL A 255 14.17 19.45 8.71
C VAL A 255 14.98 20.75 8.64
N LEU A 256 14.46 21.70 7.87
CA LEU A 256 15.09 23.01 7.68
C LEU A 256 14.23 24.04 8.40
N GLY A 257 14.88 24.97 9.11
CA GLY A 257 14.12 26.02 9.79
C GLY A 257 15.01 27.20 10.12
N GLY A 258 14.51 28.11 10.95
CA GLY A 258 13.18 28.02 11.51
C GLY A 258 12.66 29.42 11.73
N THR A 259 11.51 29.49 12.39
CA THR A 259 10.95 30.77 12.80
C THR A 259 10.57 30.68 14.25
N MET A 260 10.46 31.87 14.88
CA MET A 260 10.26 31.96 16.32
C MET A 260 9.30 33.10 16.61
N GLU A 261 8.04 32.93 16.23
CA GLU A 261 7.05 34.01 16.25
C GLU A 261 6.18 33.92 17.50
N GLN A 262 6.52 34.71 18.51
CA GLN A 262 5.79 34.69 19.78
C GLN A 262 4.38 35.25 19.60
N GLY A 263 3.41 34.52 20.13
CA GLY A 263 2.00 34.94 20.07
C GLY A 263 1.32 34.73 18.74
N ASP A 264 2.01 34.09 17.79
CA ASP A 264 1.46 33.87 16.46
C ASP A 264 0.78 32.50 16.43
N TRP A 265 -0.55 32.53 16.37
CA TRP A 265 -1.36 31.33 16.39
C TRP A 265 -1.74 30.79 14.99
N THR A 266 -1.15 31.33 13.93
CA THR A 266 -1.48 30.88 12.57
C THR A 266 -0.94 29.45 12.36
N PRO A 267 -1.83 28.47 12.12
CA PRO A 267 -1.34 27.09 12.05
C PRO A 267 -0.89 26.63 10.67
N TYR A 268 -0.99 27.49 9.67
CA TYR A 268 -0.69 27.08 8.30
C TYR A 268 0.59 27.71 7.78
N PRO A 269 1.33 26.96 6.94
CA PRO A 269 2.57 27.54 6.42
C PRO A 269 2.39 28.71 5.46
N ARG A 270 3.27 29.71 5.60
CA ARG A 270 3.29 30.89 4.74
C ARG A 270 4.26 30.70 3.62
N ASP A 271 3.85 31.05 2.40
CA ASP A 271 4.68 30.89 1.20
C ASP A 271 6.02 31.59 1.29
N GLU A 272 6.01 32.82 1.80
CA GLU A 272 7.22 33.64 1.88
C GLU A 272 8.22 33.05 2.90
N THR A 273 7.69 32.39 3.93
CA THR A 273 8.52 31.75 4.93
C THR A 273 9.23 30.51 4.39
N VAL A 274 8.56 29.78 3.49
CA VAL A 274 9.20 28.65 2.80
C VAL A 274 10.46 29.17 2.08
N THR A 275 10.28 30.23 1.28
CA THR A 275 11.39 30.84 0.54
C THR A 275 12.53 31.30 1.48
N ASP A 276 12.17 32.00 2.55
CA ASP A 276 13.09 32.44 3.61
C ASP A 276 13.92 31.27 4.18
N ILE A 277 13.22 30.21 4.63
CA ILE A 277 13.89 29.05 5.23
C ILE A 277 14.86 28.38 4.25
N LEU A 278 14.43 28.19 3.01
CA LEU A 278 15.29 27.52 2.03
C LEU A 278 16.55 28.34 1.76
N THR A 279 16.36 29.65 1.62
CA THR A 279 17.44 30.59 1.38
C THR A 279 18.45 30.59 2.54
N ARG A 280 17.95 30.68 3.77
CA ARG A 280 18.81 30.71 4.94
C ARG A 280 19.52 29.36 5.16
N ALA A 281 18.81 28.27 4.89
CA ALA A 281 19.41 26.92 4.97
C ALA A 281 20.66 26.82 4.09
N LEU A 282 20.55 27.31 2.86
CA LEU A 282 21.65 27.28 1.90
C LEU A 282 22.83 28.11 2.36
N GLN A 283 22.56 29.24 3.01
CA GLN A 283 23.62 30.10 3.55
C GLN A 283 24.49 29.36 4.56
N ILE A 284 23.87 28.61 5.47
CA ILE A 284 24.61 28.01 6.59
C ILE A 284 25.15 26.61 6.28
N CYS A 285 24.61 25.99 5.24
CA CYS A 285 24.97 24.63 4.91
C CYS A 285 24.85 24.43 3.40
N PRO A 286 25.88 24.85 2.64
CA PRO A 286 25.80 24.72 1.18
C PRO A 286 25.49 23.31 0.69
N ASP A 287 25.94 22.29 1.44
CA ASP A 287 25.70 20.90 1.03
C ASP A 287 24.28 20.41 1.24
N ILE A 288 23.40 21.24 1.78
CA ILE A 288 21.98 20.85 1.80
C ILE A 288 21.44 20.69 0.37
N ALA A 289 21.99 21.47 -0.57
CA ALA A 289 21.58 21.41 -1.96
C ALA A 289 21.89 20.03 -2.53
N PRO A 290 21.00 19.51 -3.41
CA PRO A 290 21.35 18.30 -4.17
C PRO A 290 22.76 18.37 -4.75
N PRO A 291 23.55 17.28 -4.63
CA PRO A 291 24.92 17.29 -5.12
C PRO A 291 25.06 17.94 -6.51
N TYR A 292 24.19 17.61 -7.46
CA TYR A 292 24.36 18.08 -8.85
C TYR A 292 24.09 19.59 -8.99
N ALA A 293 23.54 20.18 -7.92
CA ALA A 293 23.14 21.62 -7.94
C ALA A 293 24.16 22.56 -7.30
N ARG A 294 25.21 22.01 -6.70
CA ARG A 294 26.06 22.80 -5.81
C ARG A 294 26.91 23.90 -6.45
N SER A 295 27.10 23.80 -7.76
CA SER A 295 27.87 24.83 -8.49
C SER A 295 27.03 25.96 -9.07
N TRP A 296 25.72 25.86 -8.96
CA TRP A 296 24.81 26.81 -9.62
C TRP A 296 24.66 28.12 -8.85
N PRO A 297 24.14 29.18 -9.51
CA PRO A 297 23.79 30.39 -8.75
C PRO A 297 22.81 30.10 -7.62
N LYS A 298 22.91 30.87 -6.54
CA LYS A 298 22.07 30.71 -5.34
C LYS A 298 20.58 30.59 -5.63
N ASP A 299 20.06 31.40 -6.56
CA ASP A 299 18.64 31.33 -6.93
C ASP A 299 18.24 29.97 -7.51
N ASP A 300 19.08 29.41 -8.39
CA ASP A 300 18.85 28.09 -8.97
C ASP A 300 18.93 26.97 -7.92
N GLN A 301 19.75 27.16 -6.91
CA GLN A 301 19.87 26.19 -5.82
C GLN A 301 18.62 26.17 -4.93
N VAL A 302 18.04 27.35 -4.70
CA VAL A 302 16.74 27.42 -4.01
C VAL A 302 15.68 26.58 -4.75
N ALA A 303 15.64 26.69 -6.08
CA ALA A 303 14.72 25.89 -6.91
C ALA A 303 15.00 24.39 -6.78
N ALA A 304 16.29 24.01 -6.73
CA ALA A 304 16.67 22.60 -6.52
C ALA A 304 16.18 22.10 -5.17
N LEU A 305 16.29 22.94 -4.14
CA LEU A 305 15.71 22.57 -2.82
C LEU A 305 14.20 22.40 -2.85
N ARG A 306 13.49 23.28 -3.58
CA ARG A 306 12.06 23.13 -3.73
C ARG A 306 11.70 21.79 -4.35
N SER A 307 12.54 21.31 -5.29
CA SER A 307 12.27 20.05 -5.99
C SER A 307 12.39 18.81 -5.09
N ILE A 308 13.05 18.95 -3.93
CA ILE A 308 13.18 17.82 -2.98
C ILE A 308 12.37 18.00 -1.69
N VAL A 309 11.47 18.99 -1.66
CA VAL A 309 10.56 19.14 -0.54
C VAL A 309 9.62 17.94 -0.36
N VAL A 310 9.57 17.45 0.86
CA VAL A 310 8.67 16.38 1.28
C VAL A 310 7.36 16.99 1.83
N ARG A 311 7.50 17.97 2.74
CA ARG A 311 6.34 18.62 3.35
C ARG A 311 6.75 19.96 4.00
N ASP A 312 5.78 20.85 4.12
CA ASP A 312 5.85 22.02 5.00
C ASP A 312 5.14 21.67 6.28
N ALA A 313 5.58 22.23 7.41
CA ALA A 313 4.91 21.98 8.67
C ALA A 313 5.00 23.22 9.54
N VAL A 314 4.04 23.36 10.44
CA VAL A 314 4.03 24.45 11.41
C VAL A 314 3.71 23.84 12.77
N GLY A 315 4.34 24.33 13.84
CA GLY A 315 3.98 23.92 15.19
C GLY A 315 4.01 25.10 16.13
N PHE A 316 3.38 24.95 17.30
CA PHE A 316 3.44 26.00 18.33
C PHE A 316 4.25 25.50 19.49
N ARG A 317 5.43 26.08 19.74
CA ARG A 317 6.22 25.69 20.90
C ARG A 317 5.45 26.14 22.17
N PRO A 318 5.35 25.26 23.18
CA PRO A 318 4.64 25.58 24.44
C PRO A 318 5.53 26.44 25.33
N SER A 319 5.60 27.72 24.99
CA SER A 319 6.52 28.62 25.67
C SER A 319 5.95 29.09 27.00
N ARG A 320 6.85 29.31 27.95
CA ARG A 320 6.48 29.78 29.28
C ARG A 320 7.62 30.59 29.84
N ALA A 321 7.29 31.75 30.42
CA ALA A 321 8.26 32.56 31.14
C ALA A 321 8.82 31.77 32.33
N GLY A 322 10.15 31.62 32.34
CA GLY A 322 10.86 30.81 33.33
C GLY A 322 11.15 29.37 32.89
N GLY A 323 10.68 29.01 31.70
CA GLY A 323 10.85 27.64 31.21
C GLY A 323 9.75 26.78 31.79
N ALA A 324 9.98 25.47 31.76
CA ALA A 324 8.95 24.49 32.04
C ALA A 324 8.53 24.54 33.50
N ARG A 325 7.24 24.29 33.72
CA ARG A 325 6.72 24.09 35.05
C ARG A 325 6.77 22.60 35.34
N VAL A 326 7.60 22.21 36.30
CA VAL A 326 7.68 20.83 36.81
C VAL A 326 7.53 20.96 38.31
N ALA A 327 6.33 20.68 38.80
CA ALA A 327 5.96 21.10 40.16
C ALA A 327 4.80 20.29 40.69
N LEU A 328 4.87 20.03 42.00
CA LEU A 328 3.80 19.35 42.72
C LEU A 328 2.75 20.34 43.21
N ALA A 329 1.49 19.97 43.06
CA ALA A 329 0.35 20.74 43.56
C ALA A 329 -0.77 19.81 44.02
N SER A 330 -1.80 20.40 44.61
CA SER A 330 -3.04 19.69 44.91
C SER A 330 -4.15 20.48 44.25
N ALA A 331 -4.91 19.80 43.39
CA ALA A 331 -6.08 20.40 42.74
C ALA A 331 -7.17 19.35 42.51
N ALA A 332 -8.42 19.79 42.61
CA ALA A 332 -9.62 18.94 42.42
C ALA A 332 -9.61 17.61 43.21
N GLY A 333 -9.05 17.64 44.41
CA GLY A 333 -8.94 16.46 45.28
C GLY A 333 -7.81 15.51 44.93
N MET A 334 -7.02 15.84 43.90
CA MET A 334 -5.97 14.94 43.41
C MET A 334 -4.59 15.50 43.69
N ARG A 335 -3.61 14.59 43.78
CA ARG A 335 -2.19 14.92 43.82
C ARG A 335 -1.81 15.23 42.36
N VAL A 336 -1.31 16.43 42.10
CA VAL A 336 -1.10 16.90 40.73
C VAL A 336 0.40 17.17 40.56
N VAL A 337 0.98 16.65 39.47
CA VAL A 337 2.33 17.05 39.09
C VAL A 337 2.23 17.70 37.72
N TYR A 338 2.60 18.97 37.65
CA TYR A 338 2.64 19.70 36.38
C TYR A 338 3.95 19.39 35.68
N ASN A 339 3.90 19.22 34.36
CA ASN A 339 5.12 18.98 33.57
C ASN A 339 4.84 19.52 32.17
N TYR A 340 4.91 20.83 32.02
CA TYR A 340 4.55 21.50 30.76
C TYR A 340 5.29 22.80 30.58
N GLY A 341 5.26 23.32 29.36
CA GLY A 341 5.84 24.63 29.07
C GLY A 341 7.30 24.58 28.71
N HIS A 342 7.68 23.55 27.96
CA HIS A 342 9.08 23.28 27.59
C HIS A 342 9.58 24.07 26.38
N GLY A 343 8.71 24.87 25.77
CA GLY A 343 9.09 25.77 24.67
C GLY A 343 9.69 24.96 23.53
N GLY A 344 10.83 25.42 23.03
CA GLY A 344 11.57 24.74 21.97
C GLY A 344 12.56 23.67 22.43
N ALA A 345 12.40 23.14 23.64
CA ALA A 345 13.41 22.28 24.26
C ALA A 345 12.83 21.00 24.87
N GLY A 346 11.58 20.69 24.55
CA GLY A 346 10.94 19.48 25.08
C GLY A 346 11.65 18.18 24.75
N TRP A 347 12.10 18.05 23.50
CA TRP A 347 12.81 16.84 23.12
C TRP A 347 14.16 16.70 23.82
N GLN A 348 14.85 17.82 24.02
CA GLN A 348 16.19 17.77 24.59
C GLN A 348 16.21 17.71 26.12
N SER A 349 15.04 17.86 26.76
CA SER A 349 14.94 17.84 28.21
C SER A 349 13.98 16.75 28.72
N CYS A 350 13.29 16.05 27.81
CA CYS A 350 12.20 15.12 28.17
C CYS A 350 12.48 14.11 29.30
N TRP A 351 13.55 13.33 29.17
CA TRP A 351 13.86 12.30 30.16
C TRP A 351 14.20 12.92 31.54
N GLY A 352 14.95 14.02 31.53
CA GLY A 352 15.29 14.75 32.77
C GLY A 352 14.03 15.22 33.49
N CYS A 353 13.12 15.87 32.75
CA CYS A 353 11.84 16.35 33.29
C CYS A 353 10.98 15.21 33.81
N ALA A 354 10.89 14.12 33.03
CA ALA A 354 10.09 12.95 33.40
C ALA A 354 10.51 12.42 34.78
N GLU A 355 11.82 12.33 34.99
CA GLU A 355 12.36 11.77 36.22
C GLU A 355 12.06 12.68 37.41
N ASP A 356 12.18 14.01 37.23
CA ASP A 356 11.81 14.97 38.27
C ASP A 356 10.32 14.88 38.59
N ALA A 357 9.49 14.77 37.54
CA ALA A 357 8.04 14.70 37.70
C ALA A 357 7.64 13.47 38.52
N VAL A 358 8.22 12.32 38.18
CA VAL A 358 7.91 11.07 38.88
C VAL A 358 8.39 11.12 40.34
N ALA A 359 9.58 11.68 40.55
CA ALA A 359 10.09 11.87 41.93
C ALA A 359 9.19 12.78 42.77
N LEU A 360 8.71 13.89 42.19
CA LEU A 360 7.74 14.77 42.87
C LEU A 360 6.47 14.01 43.31
N TRP A 361 5.89 13.22 42.40
CA TRP A 361 4.72 12.39 42.74
C TRP A 361 5.02 11.38 43.85
N ALA A 362 6.16 10.70 43.75
CA ALA A 362 6.51 9.60 44.65
C ALA A 362 6.74 10.07 46.08
N GLY A 363 7.27 11.29 46.24
CA GLY A 363 7.49 11.92 47.55
C GLY A 363 8.38 11.09 48.46
N SER B 4 14.95 -40.82 -6.11
CA SER B 4 16.18 -39.97 -6.08
C SER B 4 16.38 -39.21 -7.39
N ASP B 5 16.12 -39.86 -8.53
CA ASP B 5 16.16 -39.13 -9.82
C ASP B 5 14.95 -38.17 -9.86
N PRO B 6 15.18 -36.91 -10.29
CA PRO B 6 14.09 -35.91 -10.25
C PRO B 6 12.92 -36.24 -11.17
N ILE B 7 11.74 -35.87 -10.71
CA ILE B 7 10.52 -35.93 -11.52
C ILE B 7 10.11 -34.49 -11.79
N ILE B 8 10.03 -34.13 -13.06
CA ILE B 8 9.72 -32.77 -13.46
C ILE B 8 8.24 -32.61 -13.80
N VAL B 9 7.65 -31.57 -13.24
CA VAL B 9 6.36 -31.10 -13.73
C VAL B 9 6.64 -29.80 -14.48
N LEU B 10 6.39 -29.83 -15.78
CA LEU B 10 6.67 -28.68 -16.63
C LEU B 10 5.37 -27.93 -16.83
N GLY B 11 5.23 -26.81 -16.13
CA GLY B 11 4.01 -26.01 -16.17
C GLY B 11 3.46 -25.70 -14.80
N ALA B 12 3.12 -24.43 -14.61
CA ALA B 12 2.49 -23.97 -13.36
C ALA B 12 1.17 -23.20 -13.62
N GLY B 13 0.45 -23.67 -14.63
CA GLY B 13 -0.96 -23.35 -14.79
C GLY B 13 -1.78 -24.30 -13.91
N VAL B 14 -3.10 -24.25 -14.06
CA VAL B 14 -3.97 -25.14 -13.27
C VAL B 14 -3.67 -26.62 -13.55
N ILE B 15 -3.32 -26.94 -14.80
CA ILE B 15 -3.03 -28.33 -15.17
C ILE B 15 -1.76 -28.87 -14.47
N GLY B 16 -0.65 -28.14 -14.56
CA GLY B 16 0.60 -28.55 -13.89
C GLY B 16 0.49 -28.58 -12.39
N LEU B 17 -0.16 -27.58 -11.80
CA LEU B 17 -0.25 -27.54 -10.35
C LEU B 17 -1.12 -28.66 -9.77
N THR B 18 -2.26 -28.95 -10.41
CA THR B 18 -3.09 -30.09 -9.96
C THR B 18 -2.36 -31.42 -10.16
N THR B 19 -1.66 -31.57 -11.28
CA THR B 19 -0.81 -32.77 -11.54
C THR B 19 0.21 -32.95 -10.40
N ALA B 20 0.91 -31.86 -10.06
CA ALA B 20 1.93 -31.90 -9.02
C ALA B 20 1.34 -32.25 -7.66
N VAL B 21 0.15 -31.70 -7.36
CA VAL B 21 -0.52 -32.02 -6.08
C VAL B 21 -0.82 -33.53 -6.01
N ARG B 22 -1.42 -34.07 -7.07
CA ARG B 22 -1.79 -35.50 -7.09
C ARG B 22 -0.56 -36.40 -7.09
N LEU B 23 0.50 -35.97 -7.78
CA LEU B 23 1.77 -36.67 -7.78
C LEU B 23 2.38 -36.78 -6.38
N LEU B 24 2.47 -35.64 -5.69
CA LEU B 24 3.04 -35.59 -4.35
C LEU B 24 2.20 -36.30 -3.29
N GLU B 25 0.88 -36.32 -3.48
CA GLU B 25 -0.03 -37.00 -2.54
C GLU B 25 0.05 -38.52 -2.70
N ALA B 26 0.31 -38.98 -3.93
CA ALA B 26 0.42 -40.41 -4.24
C ALA B 26 1.75 -40.97 -3.76
N HIS B 27 2.79 -40.15 -3.85
CA HIS B 27 4.15 -40.55 -3.54
C HIS B 27 4.79 -39.54 -2.62
N LEU B 28 4.53 -39.72 -1.32
CA LEU B 28 4.94 -38.76 -0.28
C LEU B 28 6.45 -38.61 -0.25
N GLY B 29 6.91 -37.36 -0.26
CA GLY B 29 8.33 -37.05 -0.26
C GLY B 29 9.09 -37.31 -1.56
N ALA B 30 8.39 -37.58 -2.67
CA ALA B 30 9.04 -37.81 -3.97
C ALA B 30 9.82 -36.56 -4.40
N ASN B 31 10.80 -36.75 -5.28
CA ASN B 31 11.70 -35.69 -5.69
C ASN B 31 11.10 -34.91 -6.86
N VAL B 32 10.25 -33.94 -6.55
CA VAL B 32 9.47 -33.26 -7.60
C VAL B 32 9.96 -31.82 -7.75
N HIS B 33 10.26 -31.47 -8.99
CA HIS B 33 10.64 -30.10 -9.35
C HIS B 33 9.64 -29.57 -10.35
N ILE B 34 9.06 -28.42 -10.05
CA ILE B 34 8.09 -27.77 -10.94
C ILE B 34 8.82 -26.62 -11.63
N LEU B 35 8.89 -26.69 -12.94
CA LEU B 35 9.53 -25.66 -13.77
C LEU B 35 8.48 -24.97 -14.61
N ALA B 36 8.54 -23.62 -14.65
CA ALA B 36 7.62 -22.84 -15.49
C ALA B 36 8.17 -21.45 -15.76
N ASP B 37 7.85 -20.93 -16.93
CA ASP B 37 8.27 -19.57 -17.26
C ASP B 37 7.19 -18.50 -16.93
N HIS B 38 6.04 -18.93 -16.42
CA HIS B 38 5.01 -18.02 -15.90
C HIS B 38 4.32 -18.68 -14.72
N TRP B 39 4.21 -17.94 -13.63
CA TRP B 39 3.66 -18.45 -12.38
C TRP B 39 2.36 -17.72 -12.02
N PRO B 40 1.46 -18.37 -11.24
CA PRO B 40 0.10 -17.82 -11.04
C PRO B 40 0.05 -16.36 -10.59
N SER B 41 0.96 -15.93 -9.71
CA SER B 41 0.91 -14.56 -9.19
C SER B 41 1.59 -13.50 -10.08
N ASP B 42 2.17 -13.93 -11.20
CA ASP B 42 2.73 -13.02 -12.20
C ASP B 42 1.61 -12.14 -12.78
N ALA B 43 2.00 -10.99 -13.33
CA ALA B 43 1.03 -10.15 -14.03
C ALA B 43 0.36 -10.97 -15.11
N LEU B 44 -0.93 -10.67 -15.35
CA LEU B 44 -1.69 -11.31 -16.41
C LEU B 44 -1.00 -11.19 -17.77
N ASP B 45 -1.04 -12.29 -18.52
CA ASP B 45 -0.41 -12.39 -19.84
C ASP B 45 -1.30 -13.29 -20.68
N ALA B 46 -1.65 -12.81 -21.87
CA ALA B 46 -2.52 -13.57 -22.77
C ALA B 46 -2.02 -14.98 -23.02
N GLN B 47 -0.70 -15.19 -22.94
CA GLN B 47 -0.13 -16.51 -23.17
C GLN B 47 -0.33 -17.47 -22.00
N TYR B 48 -0.67 -16.96 -20.82
CA TYR B 48 -0.95 -17.82 -19.65
C TYR B 48 -2.46 -17.95 -19.40
N ALA B 49 -3.04 -19.08 -19.79
CA ALA B 49 -4.50 -19.17 -19.83
C ALA B 49 -5.16 -19.20 -18.45
N SER B 50 -4.49 -19.81 -17.47
CA SER B 50 -5.17 -20.16 -16.21
C SER B 50 -5.72 -19.01 -15.39
N THR B 51 -5.08 -17.83 -15.44
CA THR B 51 -5.61 -16.67 -14.71
C THR B 51 -6.45 -15.73 -15.56
N ILE B 52 -6.56 -16.01 -16.86
CA ILE B 52 -7.51 -15.29 -17.73
C ILE B 52 -8.92 -15.90 -17.60
N ALA B 53 -8.96 -17.21 -17.33
CA ALA B 53 -10.23 -17.96 -17.20
C ALA B 53 -11.24 -17.33 -16.23
N GLY B 54 -12.52 -17.53 -16.51
CA GLY B 54 -13.59 -17.00 -15.64
C GLY B 54 -13.44 -17.21 -14.14
N ALA B 55 -13.43 -18.45 -13.64
CA ALA B 55 -13.75 -19.68 -14.37
C ALA B 55 -15.05 -20.26 -13.82
N HIS B 56 -15.86 -20.85 -14.69
CA HIS B 56 -17.01 -21.61 -14.19
C HIS B 56 -16.86 -23.09 -14.51
N HIS B 57 -17.57 -23.91 -13.74
CA HIS B 57 -17.67 -25.32 -14.08
C HIS B 57 -18.93 -25.46 -14.90
N LEU B 58 -18.75 -25.53 -16.21
CA LEU B 58 -19.84 -25.67 -17.16
C LEU B 58 -19.37 -26.57 -18.29
N SER B 59 -19.54 -27.87 -18.05
CA SER B 59 -19.05 -28.92 -18.92
C SER B 59 -19.49 -28.70 -20.38
N PHE B 60 -18.59 -29.03 -21.30
CA PHE B 60 -18.90 -29.12 -22.73
C PHE B 60 -18.94 -30.58 -23.20
N ALA B 61 -18.88 -31.52 -22.25
CA ALA B 61 -18.77 -32.95 -22.52
C ALA B 61 -19.96 -33.48 -23.32
N ASP B 62 -19.68 -33.95 -24.53
CA ASP B 62 -20.67 -34.64 -25.36
C ASP B 62 -21.19 -35.87 -24.62
N ASP B 63 -22.49 -36.14 -24.78
CA ASP B 63 -23.13 -37.33 -24.22
C ASP B 63 -22.30 -38.59 -24.44
N GLY B 64 -21.73 -38.70 -25.64
CA GLY B 64 -20.89 -39.85 -26.03
C GLY B 64 -19.41 -39.78 -25.68
N ASP B 65 -18.97 -38.67 -25.10
CA ASP B 65 -17.56 -38.49 -24.69
C ASP B 65 -17.38 -38.91 -23.22
N ALA B 66 -17.19 -40.22 -23.01
CA ALA B 66 -17.14 -40.81 -21.66
C ALA B 66 -15.97 -40.28 -20.83
N ARG B 67 -14.82 -40.08 -21.49
CA ARG B 67 -13.62 -39.56 -20.84
C ARG B 67 -13.87 -38.14 -20.29
N GLN B 68 -14.36 -37.24 -21.14
CA GLN B 68 -14.64 -35.85 -20.70
C GLN B 68 -15.69 -35.77 -19.61
N ARG B 69 -16.76 -36.55 -19.74
CA ARG B 69 -17.81 -36.59 -18.71
C ARG B 69 -17.21 -37.03 -17.36
N ARG B 70 -16.36 -38.04 -17.41
CA ARG B 70 -15.72 -38.57 -16.20
C ARG B 70 -14.80 -37.50 -15.58
N TRP B 71 -13.99 -36.87 -16.41
CA TRP B 71 -13.07 -35.82 -15.92
C TRP B 71 -13.82 -34.65 -15.30
N ASP B 72 -14.86 -34.19 -15.98
CA ASP B 72 -15.60 -33.01 -15.54
C ASP B 72 -16.32 -33.27 -14.23
N MET B 73 -16.95 -34.44 -14.12
CA MET B 73 -17.71 -34.74 -12.90
C MET B 73 -16.79 -35.06 -11.73
N ARG B 74 -15.66 -35.70 -12.01
CA ARG B 74 -14.64 -35.91 -10.98
C ARG B 74 -14.14 -34.58 -10.44
N THR B 75 -13.83 -33.66 -11.35
CA THR B 75 -13.35 -32.33 -10.97
C THR B 75 -14.41 -31.58 -10.17
N PHE B 76 -15.67 -31.66 -10.62
CA PHE B 76 -16.75 -31.03 -9.86
C PHE B 76 -16.82 -31.61 -8.44
N ASP B 77 -16.73 -32.94 -8.32
CA ASP B 77 -16.77 -33.58 -7.00
C ASP B 77 -15.67 -33.05 -6.07
N VAL B 78 -14.45 -32.95 -6.57
CA VAL B 78 -13.31 -32.45 -5.80
C VAL B 78 -13.53 -30.99 -5.38
N LEU B 79 -13.89 -30.14 -6.33
CA LEU B 79 -14.10 -28.72 -6.04
C LEU B 79 -15.27 -28.48 -5.08
N TYR B 80 -16.34 -29.25 -5.26
CA TYR B 80 -17.54 -29.05 -4.45
C TYR B 80 -17.29 -29.51 -3.03
N ASP B 81 -16.62 -30.66 -2.85
CA ASP B 81 -16.19 -31.13 -1.53
C ASP B 81 -15.29 -30.11 -0.82
N GLU B 82 -14.38 -29.48 -1.59
CA GLU B 82 -13.50 -28.45 -1.07
C GLU B 82 -14.31 -27.24 -0.60
N TRP B 83 -15.23 -26.75 -1.43
CA TRP B 83 -16.13 -25.65 -1.04
C TRP B 83 -16.93 -26.01 0.22
N LYS B 84 -17.42 -27.24 0.31
CA LYS B 84 -18.13 -27.68 1.54
C LYS B 84 -17.23 -27.61 2.78
N ALA B 85 -15.93 -27.83 2.58
CA ALA B 85 -14.98 -27.84 3.69
C ALA B 85 -14.46 -26.46 4.10
N VAL B 86 -14.23 -25.59 3.11
CA VAL B 86 -13.50 -24.33 3.37
C VAL B 86 -14.25 -23.07 2.89
N GLY B 87 -15.42 -23.28 2.30
CA GLY B 87 -16.21 -22.17 1.76
C GLY B 87 -15.45 -21.52 0.62
N GLU B 88 -15.33 -20.21 0.70
CA GLU B 88 -14.74 -19.38 -0.35
C GLU B 88 -13.25 -19.10 -0.12
N ARG B 89 -12.68 -19.73 0.92
CA ARG B 89 -11.30 -19.41 1.34
C ARG B 89 -10.27 -19.58 0.22
N THR B 90 -10.49 -20.54 -0.68
CA THR B 90 -9.59 -20.77 -1.82
C THR B 90 -10.13 -20.27 -3.17
N GLY B 91 -11.18 -19.45 -3.11
CA GLY B 91 -11.72 -18.80 -4.31
C GLY B 91 -12.89 -19.51 -4.98
N LEU B 92 -13.47 -20.50 -4.31
CA LEU B 92 -14.62 -21.25 -4.85
C LEU B 92 -15.94 -20.63 -4.36
N MET B 93 -16.95 -20.63 -5.23
CA MET B 93 -18.27 -20.19 -4.86
C MET B 93 -19.31 -21.07 -5.51
N ALA B 94 -20.10 -21.77 -4.69
CA ALA B 94 -21.24 -22.51 -5.20
C ALA B 94 -22.33 -21.56 -5.62
N LEU B 95 -23.03 -21.89 -6.69
CA LEU B 95 -24.05 -20.99 -7.25
C LEU B 95 -24.99 -21.77 -8.15
N THR B 96 -26.15 -21.19 -8.42
CA THR B 96 -27.03 -21.72 -9.46
C THR B 96 -26.53 -21.24 -10.82
N GLN B 97 -26.20 -22.19 -11.69
CA GLN B 97 -25.83 -21.91 -13.08
C GLN B 97 -27.08 -22.05 -13.95
N THR B 98 -27.34 -21.05 -14.78
CA THR B 98 -28.43 -21.14 -15.75
C THR B 98 -27.85 -21.17 -17.16
N GLU B 99 -28.21 -22.18 -17.93
CA GLU B 99 -27.79 -22.21 -19.33
C GLU B 99 -29.01 -22.14 -20.22
N MET B 100 -28.92 -21.28 -21.23
CA MET B 100 -29.97 -21.12 -22.23
C MET B 100 -29.41 -21.39 -23.64
N TRP B 101 -30.23 -22.03 -24.48
CA TRP B 101 -29.82 -22.35 -25.85
C TRP B 101 -30.67 -21.61 -26.85
N GLU B 102 -30.01 -21.03 -27.85
CA GLU B 102 -30.71 -20.28 -28.87
C GLU B 102 -30.67 -21.12 -30.15
N GLY B 103 -31.51 -22.14 -30.18
CA GLY B 103 -31.60 -23.10 -31.29
C GLY B 103 -31.95 -24.49 -30.82
N ALA B 104 -31.11 -25.04 -29.93
CA ALA B 104 -31.23 -26.43 -29.45
C ALA B 104 -32.48 -26.68 -28.59
N THR B 105 -32.96 -27.93 -28.60
CA THR B 105 -34.06 -28.38 -27.76
C THR B 105 -33.60 -29.51 -26.81
N SER B 106 -32.31 -29.48 -26.45
CA SER B 106 -31.76 -30.41 -25.46
C SER B 106 -30.56 -29.78 -24.74
N HIS B 107 -30.28 -30.31 -23.55
CA HIS B 107 -29.09 -30.00 -22.77
C HIS B 107 -28.15 -31.21 -22.78
N LEU B 108 -26.91 -31.02 -22.33
CA LEU B 108 -25.99 -32.14 -22.16
C LEU B 108 -26.39 -33.02 -20.98
N ALA B 109 -26.37 -34.33 -21.19
CA ALA B 109 -26.73 -35.29 -20.14
C ALA B 109 -25.85 -35.17 -18.90
N VAL B 110 -24.59 -34.77 -19.10
CA VAL B 110 -23.64 -34.56 -18.01
C VAL B 110 -24.16 -33.61 -16.92
N TYR B 111 -24.95 -32.60 -17.29
CA TYR B 111 -25.49 -31.64 -16.30
C TYR B 111 -26.42 -32.28 -15.27
N GLU B 112 -27.06 -33.39 -15.64
CA GLU B 112 -27.99 -34.07 -14.74
C GLU B 112 -27.30 -34.70 -13.52
N GLY B 113 -25.97 -34.80 -13.58
CA GLY B 113 -25.18 -35.24 -12.43
C GLY B 113 -24.98 -34.20 -11.36
N ASN B 114 -25.17 -32.92 -11.72
CA ASN B 114 -25.07 -31.83 -10.73
C ASN B 114 -26.28 -31.77 -9.83
N PRO B 115 -26.12 -31.24 -8.60
CA PRO B 115 -27.27 -31.09 -7.70
C PRO B 115 -28.28 -30.11 -8.25
N ASP B 116 -29.54 -30.29 -7.88
CA ASP B 116 -30.63 -29.35 -8.18
C ASP B 116 -30.82 -29.12 -9.67
N PHE B 117 -30.58 -30.13 -10.50
CA PHE B 117 -30.86 -29.99 -11.94
C PHE B 117 -32.35 -29.77 -12.20
N ARG B 118 -32.67 -28.78 -13.02
CA ARG B 118 -34.07 -28.45 -13.34
C ARG B 118 -34.16 -28.01 -14.79
N VAL B 119 -35.17 -28.51 -15.50
CA VAL B 119 -35.50 -27.96 -16.81
C VAL B 119 -36.46 -26.80 -16.60
N LEU B 120 -36.14 -25.66 -17.19
CA LEU B 120 -36.92 -24.43 -16.99
C LEU B 120 -37.74 -24.13 -18.24
N ASP B 121 -38.70 -23.22 -18.09
CA ASP B 121 -39.50 -22.75 -19.23
C ASP B 121 -38.68 -21.76 -20.05
N PRO B 122 -38.34 -22.12 -21.31
CA PRO B 122 -37.47 -21.24 -22.10
C PRO B 122 -38.06 -19.87 -22.39
N ARG B 123 -39.39 -19.75 -22.33
CA ARG B 123 -40.08 -18.45 -22.47
C ARG B 123 -39.78 -17.47 -21.33
N THR B 124 -39.27 -17.97 -20.19
CA THR B 124 -38.92 -17.11 -19.04
C THR B 124 -37.51 -16.49 -19.12
N ALA B 125 -36.74 -16.87 -20.15
CA ALA B 125 -35.44 -16.24 -20.44
C ALA B 125 -35.63 -14.74 -20.75
N PRO B 126 -34.69 -13.87 -20.31
CA PRO B 126 -34.83 -12.42 -20.57
C PRO B 126 -34.57 -12.01 -22.02
N CYS B 127 -33.82 -12.82 -22.75
CA CYS B 127 -33.54 -12.59 -24.15
C CYS B 127 -34.46 -13.48 -24.98
N SER B 128 -34.65 -13.11 -26.25
CA SER B 128 -35.57 -13.83 -27.12
C SER B 128 -34.87 -14.98 -27.85
N ASN B 129 -35.67 -15.84 -28.48
CA ASN B 129 -35.21 -16.98 -29.28
C ASN B 129 -34.56 -18.11 -28.46
N ILE B 130 -34.85 -18.14 -27.17
CA ILE B 130 -34.36 -19.23 -26.32
C ILE B 130 -35.31 -20.40 -26.46
N THR B 131 -34.75 -21.54 -26.84
CA THR B 131 -35.53 -22.74 -27.13
C THR B 131 -35.37 -23.83 -26.07
N HIS B 132 -34.35 -23.70 -25.22
CA HIS B 132 -34.17 -24.64 -24.12
C HIS B 132 -33.40 -23.93 -23.03
N MET B 133 -33.74 -24.23 -21.78
CA MET B 133 -33.12 -23.57 -20.64
C MET B 133 -33.14 -24.46 -19.40
N VAL B 134 -31.97 -24.61 -18.77
CA VAL B 134 -31.83 -25.45 -17.57
C VAL B 134 -31.06 -24.68 -16.49
N SER B 135 -31.17 -25.17 -15.25
CA SER B 135 -30.34 -24.69 -14.16
C SER B 135 -29.91 -25.83 -13.25
N PHE B 136 -28.80 -25.62 -12.55
CA PHE B 136 -28.26 -26.61 -11.65
C PHE B 136 -27.23 -25.93 -10.78
N THR B 137 -26.91 -26.57 -9.67
CA THR B 137 -25.86 -26.08 -8.79
C THR B 137 -24.50 -26.41 -9.38
N SER B 138 -23.66 -25.39 -9.49
CA SER B 138 -22.29 -25.58 -9.92
C SER B 138 -21.39 -24.68 -9.08
N LEU B 139 -20.19 -24.41 -9.55
CA LEU B 139 -19.20 -23.59 -8.84
C LEU B 139 -18.51 -22.65 -9.81
N THR B 140 -18.09 -21.50 -9.29
CA THR B 140 -17.11 -20.65 -9.98
C THR B 140 -15.82 -20.61 -9.17
N ILE B 141 -14.75 -20.22 -9.84
CA ILE B 141 -13.40 -20.21 -9.24
C ILE B 141 -12.80 -18.85 -9.56
N ALA B 142 -12.26 -18.19 -8.53
CA ALA B 142 -11.38 -17.04 -8.75
C ALA B 142 -9.98 -17.63 -8.94
N PRO B 143 -9.52 -17.72 -10.22
CA PRO B 143 -8.32 -18.53 -10.50
C PRO B 143 -7.05 -18.07 -9.78
N THR B 144 -6.88 -16.78 -9.62
CA THR B 144 -5.68 -16.29 -8.92
C THR B 144 -5.62 -16.81 -7.50
N VAL B 145 -6.76 -16.77 -6.81
CA VAL B 145 -6.86 -17.26 -5.43
C VAL B 145 -6.67 -18.78 -5.33
N TYR B 146 -7.32 -19.54 -6.22
CA TYR B 146 -7.22 -20.99 -6.19
C TYR B 146 -5.81 -21.46 -6.55
N LEU B 147 -5.22 -20.83 -7.55
CA LEU B 147 -3.85 -21.18 -7.96
C LEU B 147 -2.85 -20.84 -6.86
N ALA B 148 -3.08 -19.74 -6.14
CA ALA B 148 -2.20 -19.44 -4.99
C ALA B 148 -2.31 -20.54 -3.93
N ALA B 149 -3.52 -21.07 -3.74
CA ALA B 149 -3.71 -22.18 -2.79
C ALA B 149 -3.00 -23.45 -3.26
N LEU B 150 -3.02 -23.74 -4.57
CA LEU B 150 -2.32 -24.91 -5.11
C LEU B 150 -0.80 -24.75 -4.98
N GLU B 151 -0.31 -23.53 -5.25
CA GLU B 151 1.10 -23.23 -5.07
C GLU B 151 1.57 -23.44 -3.63
N ALA B 152 0.78 -22.94 -2.67
CA ALA B 152 1.06 -23.18 -1.25
C ALA B 152 1.08 -24.68 -0.92
N ARG B 153 0.14 -25.41 -1.52
CA ARG B 153 -0.02 -26.83 -1.28
C ARG B 153 1.17 -27.64 -1.78
N VAL B 154 1.65 -27.33 -3.00
CA VAL B 154 2.80 -28.08 -3.52
C VAL B 154 4.07 -27.75 -2.73
N ARG B 155 4.18 -26.52 -2.24
CA ARG B 155 5.30 -26.16 -1.35
C ARG B 155 5.25 -27.00 -0.08
N ASP B 156 4.06 -27.05 0.53
CA ASP B 156 3.85 -27.81 1.76
C ASP B 156 4.13 -29.32 1.56
N LEU B 157 3.80 -29.84 0.38
CA LEU B 157 4.09 -31.22 0.03
C LEU B 157 5.55 -31.48 -0.36
N GLY B 158 6.38 -30.44 -0.37
CA GLY B 158 7.82 -30.59 -0.63
C GLY B 158 8.34 -30.43 -2.05
N ALA B 159 7.51 -29.92 -2.97
CA ALA B 159 7.97 -29.65 -4.34
C ALA B 159 8.98 -28.50 -4.33
N LYS B 160 9.96 -28.56 -5.23
CA LYS B 160 10.87 -27.44 -5.44
C LYS B 160 10.33 -26.70 -6.66
N LEU B 161 10.27 -25.37 -6.57
CA LEU B 161 9.65 -24.54 -7.60
C LEU B 161 10.73 -23.68 -8.25
N HIS B 162 10.73 -23.64 -9.59
CA HIS B 162 11.77 -22.94 -10.33
C HIS B 162 11.18 -22.15 -11.47
N ARG B 163 11.63 -20.90 -11.61
CA ARG B 163 11.30 -20.10 -12.77
C ARG B 163 12.34 -20.37 -13.84
N ALA B 164 11.92 -21.06 -14.89
CA ALA B 164 12.81 -21.46 -15.98
C ALA B 164 12.03 -21.67 -17.26
N HIS B 165 12.68 -21.35 -18.37
CA HIS B 165 12.17 -21.69 -19.68
C HIS B 165 12.83 -22.97 -20.20
N VAL B 166 12.02 -23.90 -20.71
CA VAL B 166 12.51 -25.19 -21.23
C VAL B 166 12.38 -25.19 -22.75
N PRO B 167 13.52 -25.08 -23.49
CA PRO B 167 13.38 -24.91 -24.95
C PRO B 167 13.04 -26.22 -25.69
N SER B 168 13.35 -27.36 -25.07
CA SER B 168 12.97 -28.66 -25.61
C SER B 168 12.98 -29.65 -24.46
N LEU B 169 12.31 -30.79 -24.61
CA LEU B 169 12.33 -31.83 -23.58
C LEU B 169 13.74 -32.36 -23.34
N GLY B 170 14.50 -32.50 -24.44
CA GLY B 170 15.93 -32.90 -24.37
C GLY B 170 16.77 -32.00 -23.49
N ALA B 171 16.46 -30.71 -23.50
CA ALA B 171 17.17 -29.75 -22.68
C ALA B 171 17.12 -30.10 -21.19
N LEU B 172 16.07 -30.80 -20.74
CA LEU B 172 15.98 -31.19 -19.34
C LEU B 172 17.12 -32.11 -18.91
N ARG B 173 17.62 -32.89 -19.88
CA ARG B 173 18.75 -33.78 -19.66
C ARG B 173 20.08 -33.07 -19.93
N THR B 174 20.11 -32.18 -20.90
CA THR B 174 21.40 -31.68 -21.43
C THR B 174 21.82 -30.26 -21.05
N ASP B 175 20.85 -29.39 -20.76
CA ASP B 175 21.14 -27.97 -20.57
C ASP B 175 21.65 -27.67 -19.15
N PRO B 176 22.90 -27.17 -19.01
CA PRO B 176 23.47 -26.95 -17.66
C PRO B 176 22.65 -25.95 -16.83
N ALA B 177 21.93 -25.05 -17.49
CA ALA B 177 21.08 -24.11 -16.75
C ALA B 177 19.92 -24.82 -16.04
N LEU B 178 19.39 -25.86 -16.67
CA LEU B 178 18.31 -26.65 -16.08
C LEU B 178 18.86 -27.69 -15.12
N LEU B 179 19.99 -28.32 -15.48
CA LEU B 179 20.61 -29.30 -14.57
C LEU B 179 21.00 -28.70 -13.23
N ALA B 180 21.34 -27.41 -13.19
CA ALA B 180 21.67 -26.76 -11.93
C ALA B 180 20.49 -26.76 -10.95
N LEU B 181 19.27 -26.87 -11.48
CA LEU B 181 18.07 -26.81 -10.64
C LEU B 181 17.82 -28.10 -9.87
N TYR B 182 18.07 -29.23 -10.53
CA TYR B 182 17.72 -30.52 -9.96
C TYR B 182 18.85 -31.57 -9.99
N THR B 183 20.03 -31.14 -10.44
CA THR B 183 21.32 -31.89 -10.37
C THR B 183 21.49 -33.04 -11.36
N ARG B 184 20.50 -33.94 -11.39
CA ARG B 184 20.58 -35.15 -12.22
C ARG B 184 19.54 -35.12 -13.33
N PRO B 185 19.83 -35.76 -14.50
CA PRO B 185 18.80 -35.86 -15.52
C PRO B 185 17.52 -36.49 -14.94
N PRO B 186 16.35 -35.95 -15.32
CA PRO B 186 15.07 -36.42 -14.78
C PRO B 186 14.78 -37.86 -15.20
N ALA B 187 14.13 -38.58 -14.30
CA ALA B 187 13.55 -39.90 -14.64
C ALA B 187 12.25 -39.75 -15.43
N ALA B 188 11.51 -38.65 -15.19
CA ALA B 188 10.19 -38.47 -15.79
C ALA B 188 9.85 -36.98 -15.90
N VAL B 189 9.04 -36.65 -16.90
CA VAL B 189 8.48 -35.29 -17.03
C VAL B 189 6.98 -35.34 -17.34
N PHE B 190 6.21 -34.55 -16.60
CA PHE B 190 4.82 -34.32 -16.91
C PHE B 190 4.76 -33.02 -17.71
N VAL B 191 4.34 -33.12 -18.96
CA VAL B 191 4.34 -31.97 -19.87
C VAL B 191 3.00 -31.29 -19.76
N CYS B 192 2.95 -30.30 -18.89
CA CYS B 192 1.72 -29.55 -18.64
C CYS B 192 1.89 -28.10 -19.13
N ALA B 193 2.33 -27.99 -20.36
CA ALA B 193 2.79 -26.71 -20.91
C ALA B 193 1.69 -25.93 -21.62
N GLY B 194 0.45 -26.43 -21.55
CA GLY B 194 -0.68 -25.82 -22.24
C GLY B 194 -0.35 -25.61 -23.71
N LEU B 195 -0.69 -24.44 -24.21
CA LEU B 195 -0.44 -24.13 -25.63
C LEU B 195 1.06 -24.09 -25.96
N GLY B 196 1.87 -23.83 -24.93
CA GLY B 196 3.33 -23.93 -25.01
C GLY B 196 3.83 -25.31 -25.44
N ALA B 197 3.00 -26.36 -25.31
CA ALA B 197 3.41 -27.70 -25.77
C ALA B 197 3.71 -27.75 -27.27
N ARG B 198 3.19 -26.78 -28.02
CA ARG B 198 3.47 -26.71 -29.47
C ARG B 198 4.97 -26.65 -29.81
N HIS B 199 5.77 -26.14 -28.88
CA HIS B 199 7.21 -26.00 -29.06
C HIS B 199 8.00 -27.16 -28.49
N LEU B 200 7.29 -28.15 -27.94
CA LEU B 200 7.91 -29.25 -27.19
C LEU B 200 7.62 -30.65 -27.73
N VAL B 201 6.70 -30.74 -28.68
CA VAL B 201 6.31 -32.04 -29.25
C VAL B 201 6.67 -32.06 -30.74
N PRO B 202 6.78 -33.27 -31.37
CA PRO B 202 7.09 -33.33 -32.82
C PRO B 202 6.02 -32.67 -33.69
N ALA B 203 6.43 -32.31 -34.91
CA ALA B 203 5.61 -31.54 -35.85
C ALA B 203 4.13 -31.97 -36.03
N PRO B 204 3.83 -33.30 -36.20
CA PRO B 204 2.41 -33.66 -36.36
C PRO B 204 1.52 -33.35 -35.13
N GLU B 205 2.04 -33.61 -33.94
CA GLU B 205 1.36 -33.27 -32.69
C GLU B 205 1.31 -31.77 -32.43
N ALA B 206 2.37 -31.07 -32.83
CA ALA B 206 2.44 -29.62 -32.71
C ALA B 206 1.35 -28.95 -33.53
N ALA B 207 1.15 -29.49 -34.74
CA ALA B 207 0.12 -29.04 -35.70
C ALA B 207 -1.30 -29.15 -35.17
N ALA B 208 -1.52 -30.07 -34.24
CA ALA B 208 -2.84 -30.34 -33.69
C ALA B 208 -3.30 -29.23 -32.73
N LEU B 209 -2.33 -28.50 -32.17
CA LEU B 209 -2.62 -27.39 -31.23
C LEU B 209 -2.87 -26.08 -31.95
N PHE B 210 -3.85 -25.33 -31.46
CA PHE B 210 -4.17 -24.02 -32.01
C PHE B 210 -4.79 -23.16 -30.91
N PRO B 211 -4.63 -21.82 -31.02
CA PRO B 211 -5.31 -20.98 -30.04
C PRO B 211 -6.78 -20.83 -30.41
N THR B 212 -7.65 -20.85 -29.40
CA THR B 212 -8.99 -20.30 -29.57
C THR B 212 -9.02 -19.08 -28.68
N ARG B 213 -8.85 -17.91 -29.29
CA ARG B 213 -8.77 -16.64 -28.56
C ARG B 213 -10.09 -16.32 -27.86
N GLY B 214 -9.99 -15.85 -26.61
CA GLY B 214 -11.15 -15.41 -25.86
C GLY B 214 -10.86 -14.09 -25.20
N GLN B 215 -11.70 -13.11 -25.49
CA GLN B 215 -11.64 -11.81 -24.80
C GLN B 215 -12.74 -11.77 -23.74
N VAL B 216 -12.42 -11.18 -22.59
CA VAL B 216 -13.41 -11.01 -21.51
C VAL B 216 -13.38 -9.59 -20.96
N VAL B 217 -14.49 -9.21 -20.28
CA VAL B 217 -14.57 -7.93 -19.57
C VAL B 217 -14.89 -8.27 -18.13
N VAL B 218 -14.05 -7.81 -17.21
CA VAL B 218 -14.28 -8.06 -15.79
C VAL B 218 -14.88 -6.80 -15.18
N VAL B 219 -16.04 -6.94 -14.54
CA VAL B 219 -16.73 -5.82 -13.87
C VAL B 219 -16.82 -6.05 -12.37
N ARG B 220 -17.00 -4.97 -11.62
CA ARG B 220 -17.21 -5.08 -10.18
C ARG B 220 -18.73 -5.10 -9.99
N ALA B 221 -19.27 -6.29 -9.76
CA ALA B 221 -20.72 -6.46 -9.66
C ALA B 221 -21.08 -7.48 -8.59
N PRO B 222 -20.79 -7.16 -7.31
CA PRO B 222 -20.96 -8.15 -6.22
C PRO B 222 -22.41 -8.53 -5.91
N TRP B 223 -23.35 -7.79 -6.51
CA TRP B 223 -24.77 -8.15 -6.50
C TRP B 223 -25.07 -9.41 -7.32
N MET B 224 -24.13 -9.77 -8.20
CA MET B 224 -24.30 -10.93 -9.06
C MET B 224 -23.63 -12.16 -8.45
N ARG B 225 -24.44 -13.11 -8.01
CA ARG B 225 -23.95 -14.36 -7.40
C ARG B 225 -24.61 -15.61 -8.00
N ALA B 226 -25.11 -15.44 -9.22
CA ALA B 226 -25.65 -16.53 -10.04
C ALA B 226 -24.96 -16.48 -11.40
N GLY B 227 -24.87 -17.64 -12.04
CA GLY B 227 -24.19 -17.79 -13.33
C GLY B 227 -25.18 -17.91 -14.48
N PHE B 228 -24.84 -17.33 -15.63
CA PHE B 228 -25.69 -17.38 -16.83
C PHE B 228 -24.84 -17.62 -18.07
N THR B 229 -25.30 -18.51 -18.94
CA THR B 229 -24.59 -18.79 -20.21
C THR B 229 -25.66 -18.94 -21.28
N ARG B 230 -25.41 -18.34 -22.44
CA ARG B 230 -26.23 -18.57 -23.63
C ARG B 230 -25.35 -19.22 -24.71
N GLN B 231 -25.77 -20.40 -25.16
CA GLN B 231 -25.08 -21.18 -26.19
C GLN B 231 -25.80 -20.99 -27.54
N VAL B 232 -25.05 -20.54 -28.56
CA VAL B 232 -25.57 -20.38 -29.92
C VAL B 232 -24.74 -21.29 -30.84
N GLY B 233 -25.41 -22.13 -31.63
CA GLY B 233 -24.73 -23.10 -32.49
C GLY B 233 -24.40 -24.39 -31.74
N SER B 234 -24.10 -25.43 -32.50
CA SER B 234 -23.79 -26.74 -31.94
C SER B 234 -22.40 -26.76 -31.31
N LEU B 235 -22.26 -27.49 -30.19
CA LEU B 235 -20.92 -27.82 -29.67
C LEU B 235 -20.17 -28.71 -30.66
N GLY B 236 -20.92 -29.47 -31.46
CA GLY B 236 -20.38 -30.33 -32.50
C GLY B 236 -19.47 -31.42 -31.96
N GLY B 237 -19.79 -31.92 -30.77
CA GLY B 237 -18.98 -32.96 -30.11
C GLY B 237 -17.74 -32.43 -29.42
N GLY B 238 -17.49 -31.13 -29.55
CA GLY B 238 -16.34 -30.46 -28.93
C GLY B 238 -16.80 -29.23 -28.16
N GLU B 239 -16.16 -28.10 -28.46
CA GLU B 239 -16.48 -26.82 -27.80
C GLU B 239 -16.98 -25.79 -28.82
N GLY B 240 -17.69 -26.27 -29.83
CA GLY B 240 -18.15 -25.44 -30.95
C GLY B 240 -19.20 -24.39 -30.61
N GLY B 241 -19.48 -23.54 -31.59
CA GLY B 241 -20.44 -22.45 -31.41
C GLY B 241 -19.90 -21.29 -30.58
N THR B 242 -20.80 -20.40 -30.17
CA THR B 242 -20.38 -19.21 -29.40
C THR B 242 -21.17 -19.10 -28.11
N ARG B 243 -20.55 -18.51 -27.10
CA ARG B 243 -21.18 -18.32 -25.81
C ARG B 243 -21.15 -16.88 -25.33
N THR B 244 -22.26 -16.48 -24.70
CA THR B 244 -22.29 -15.30 -23.85
C THR B 244 -22.35 -15.86 -22.43
N TYR B 245 -21.60 -15.27 -21.51
CA TYR B 245 -21.60 -15.74 -20.14
C TYR B 245 -21.37 -14.67 -19.10
N ILE B 246 -21.95 -14.91 -17.93
CA ILE B 246 -21.77 -14.11 -16.72
C ILE B 246 -21.17 -15.08 -15.69
N ILE B 247 -19.93 -14.81 -15.25
CA ILE B 247 -19.22 -15.73 -14.31
C ILE B 247 -18.82 -14.94 -13.08
N PRO B 248 -19.63 -15.02 -12.01
CA PRO B 248 -19.29 -14.19 -10.86
C PRO B 248 -18.31 -14.90 -9.93
N ARG B 249 -17.31 -14.16 -9.45
CA ARG B 249 -16.36 -14.66 -8.45
C ARG B 249 -16.76 -14.28 -7.04
N CYS B 250 -16.27 -15.04 -6.06
CA CYS B 250 -16.58 -14.77 -4.66
C CYS B 250 -16.09 -13.37 -4.21
N ASN B 251 -15.10 -12.80 -4.91
CA ASN B 251 -14.54 -11.48 -4.57
C ASN B 251 -15.30 -10.27 -5.15
N GLY B 252 -16.41 -10.55 -5.83
CA GLY B 252 -17.25 -9.50 -6.39
C GLY B 252 -16.90 -9.08 -7.80
N GLU B 253 -15.77 -9.55 -8.33
CA GLU B 253 -15.49 -9.41 -9.75
C GLU B 253 -16.34 -10.42 -10.51
N VAL B 254 -16.85 -9.99 -11.66
CA VAL B 254 -17.70 -10.84 -12.47
C VAL B 254 -17.13 -10.80 -13.89
N VAL B 255 -16.87 -11.97 -14.46
CA VAL B 255 -16.26 -12.08 -15.78
C VAL B 255 -17.37 -12.17 -16.83
N LEU B 256 -17.34 -11.24 -17.79
CA LEU B 256 -18.31 -11.23 -18.88
C LEU B 256 -17.62 -11.63 -20.15
N GLY B 257 -18.27 -12.48 -20.94
CA GLY B 257 -17.69 -12.98 -22.18
C GLY B 257 -18.75 -13.54 -23.10
N GLY B 258 -18.33 -14.15 -24.22
CA GLY B 258 -16.94 -14.30 -24.58
C GLY B 258 -16.80 -14.35 -26.08
N THR B 259 -15.60 -14.65 -26.54
CA THR B 259 -15.30 -14.82 -27.95
C THR B 259 -14.55 -16.14 -28.11
N MET B 260 -14.64 -16.70 -29.31
CA MET B 260 -14.07 -18.00 -29.56
C MET B 260 -13.45 -17.96 -30.94
N GLU B 261 -12.32 -17.24 -31.05
CA GLU B 261 -11.66 -17.01 -32.35
C GLU B 261 -10.52 -18.00 -32.61
N GLN B 262 -10.81 -19.03 -33.42
CA GLN B 262 -9.83 -20.05 -33.76
C GLN B 262 -8.71 -19.48 -34.62
N GLY B 263 -7.47 -19.74 -34.20
CA GLY B 263 -6.27 -19.30 -34.94
C GLY B 263 -5.90 -17.83 -34.82
N ASP B 264 -6.58 -17.11 -33.94
CA ASP B 264 -6.38 -15.68 -33.75
C ASP B 264 -5.40 -15.48 -32.59
N TRP B 265 -4.19 -15.06 -32.94
CA TRP B 265 -3.12 -14.86 -31.97
C TRP B 265 -2.99 -13.42 -31.41
N THR B 266 -3.95 -12.55 -31.71
CA THR B 266 -3.91 -11.16 -31.20
C THR B 266 -4.06 -11.14 -29.66
N PRO B 267 -3.03 -10.65 -28.93
CA PRO B 267 -3.05 -10.75 -27.47
C PRO B 267 -3.74 -9.59 -26.78
N TYR B 268 -4.12 -8.55 -27.53
CA TYR B 268 -4.60 -7.31 -26.95
C TYR B 268 -6.10 -7.16 -27.20
N PRO B 269 -6.84 -6.58 -26.24
CA PRO B 269 -8.29 -6.49 -26.41
C PRO B 269 -8.69 -5.53 -27.54
N ARG B 270 -9.78 -5.86 -28.23
CA ARG B 270 -10.34 -5.02 -29.30
C ARG B 270 -11.49 -4.20 -28.72
N ASP B 271 -11.52 -2.90 -29.04
CA ASP B 271 -12.53 -2.01 -28.51
C ASP B 271 -13.95 -2.44 -28.90
N GLU B 272 -14.13 -2.93 -30.12
CA GLU B 272 -15.46 -3.32 -30.61
C GLU B 272 -15.97 -4.57 -29.88
N THR B 273 -15.04 -5.44 -29.49
CA THR B 273 -15.38 -6.65 -28.77
C THR B 273 -15.79 -6.33 -27.33
N VAL B 274 -15.17 -5.32 -26.73
CA VAL B 274 -15.61 -4.82 -25.42
C VAL B 274 -17.08 -4.44 -25.52
N THR B 275 -17.43 -3.65 -26.53
CA THR B 275 -18.82 -3.20 -26.70
C THR B 275 -19.76 -4.40 -26.89
N ASP B 276 -19.33 -5.33 -27.75
CA ASP B 276 -20.04 -6.57 -28.04
C ASP B 276 -20.32 -7.39 -26.78
N ILE B 277 -19.28 -7.63 -25.97
CA ILE B 277 -19.43 -8.41 -24.74
C ILE B 277 -20.42 -7.74 -23.80
N LEU B 278 -20.27 -6.43 -23.58
CA LEU B 278 -21.17 -5.71 -22.67
C LEU B 278 -22.63 -5.76 -23.12
N THR B 279 -22.82 -5.61 -24.44
CA THR B 279 -24.17 -5.63 -25.01
C THR B 279 -24.83 -7.00 -24.82
N ARG B 280 -24.10 -8.07 -25.10
CA ARG B 280 -24.62 -9.43 -24.99
C ARG B 280 -24.85 -9.84 -23.54
N ALA B 281 -23.96 -9.40 -22.64
CA ALA B 281 -24.11 -9.69 -21.22
C ALA B 281 -25.44 -9.13 -20.69
N LEU B 282 -25.75 -7.87 -21.06
CA LEU B 282 -27.03 -7.26 -20.69
C LEU B 282 -28.27 -8.00 -21.24
N GLN B 283 -28.15 -8.57 -22.43
CA GLN B 283 -29.21 -9.40 -23.03
C GLN B 283 -29.56 -10.62 -22.17
N ILE B 284 -28.53 -11.38 -21.78
CA ILE B 284 -28.78 -12.66 -21.10
C ILE B 284 -28.99 -12.51 -19.60
N CYS B 285 -28.54 -11.38 -19.07
CA CYS B 285 -28.58 -11.13 -17.64
C CYS B 285 -28.78 -9.64 -17.36
N PRO B 286 -30.04 -9.15 -17.40
CA PRO B 286 -30.27 -7.72 -17.16
C PRO B 286 -29.76 -7.21 -15.81
N ASP B 287 -29.76 -8.07 -14.79
CA ASP B 287 -29.28 -7.68 -13.46
C ASP B 287 -27.76 -7.46 -13.34
N ILE B 288 -27.01 -7.75 -14.42
CA ILE B 288 -25.56 -7.42 -14.41
C ILE B 288 -25.34 -5.91 -14.32
N ALA B 289 -26.30 -5.15 -14.85
CA ALA B 289 -26.27 -3.67 -14.77
C ALA B 289 -26.27 -3.22 -13.32
N PRO B 290 -25.52 -2.14 -13.01
CA PRO B 290 -25.60 -1.50 -11.71
C PRO B 290 -27.08 -1.29 -11.36
N PRO B 291 -27.49 -1.68 -10.14
CA PRO B 291 -28.89 -1.57 -9.74
C PRO B 291 -29.56 -0.23 -10.13
N TYR B 292 -28.90 0.89 -9.92
CA TYR B 292 -29.51 2.19 -10.23
C TYR B 292 -29.78 2.45 -11.72
N ALA B 293 -29.16 1.67 -12.60
CA ALA B 293 -29.30 1.90 -14.04
C ALA B 293 -30.28 0.96 -14.72
N ARG B 294 -30.86 0.03 -13.96
CA ARG B 294 -31.65 -1.06 -14.55
C ARG B 294 -32.97 -0.64 -15.24
N SER B 295 -33.51 0.51 -14.87
CA SER B 295 -34.73 1.03 -15.52
C SER B 295 -34.47 1.90 -16.75
N TRP B 296 -33.20 2.22 -17.01
CA TRP B 296 -32.83 3.09 -18.14
C TRP B 296 -33.04 2.37 -19.47
N PRO B 297 -33.16 3.13 -20.59
CA PRO B 297 -33.19 2.47 -21.90
C PRO B 297 -31.97 1.55 -22.11
N LYS B 298 -32.21 0.39 -22.72
CA LYS B 298 -31.17 -0.65 -22.87
C LYS B 298 -29.87 -0.08 -23.42
N ASP B 299 -29.99 0.81 -24.41
CA ASP B 299 -28.86 1.53 -25.01
C ASP B 299 -27.99 2.31 -24.00
N ASP B 300 -28.62 2.93 -23.00
CA ASP B 300 -27.92 3.71 -21.96
C ASP B 300 -27.22 2.84 -20.88
N GLN B 301 -27.62 1.58 -20.77
CA GLN B 301 -27.08 0.72 -19.71
C GLN B 301 -25.67 0.18 -20.00
N VAL B 302 -25.29 0.20 -21.27
CA VAL B 302 -23.93 -0.15 -21.67
C VAL B 302 -22.93 0.79 -20.99
N ALA B 303 -23.19 2.10 -21.03
CA ALA B 303 -22.33 3.08 -20.35
C ALA B 303 -22.28 2.87 -18.84
N ALA B 304 -23.40 2.48 -18.24
CA ALA B 304 -23.41 2.10 -16.81
C ALA B 304 -22.51 0.91 -16.54
N LEU B 305 -22.57 -0.12 -17.39
CA LEU B 305 -21.63 -1.26 -17.27
C LEU B 305 -20.19 -0.83 -17.44
N ARG B 306 -19.92 0.01 -18.45
CA ARG B 306 -18.57 0.56 -18.64
C ARG B 306 -18.01 1.19 -17.38
N SER B 307 -18.87 1.84 -16.60
CA SER B 307 -18.43 2.59 -15.42
C SER B 307 -17.99 1.69 -14.28
N ILE B 308 -18.31 0.39 -14.37
CA ILE B 308 -17.91 -0.56 -13.31
C ILE B 308 -16.87 -1.59 -13.80
N VAL B 309 -16.30 -1.35 -14.98
CA VAL B 309 -15.24 -2.21 -15.54
C VAL B 309 -14.00 -2.13 -14.66
N VAL B 310 -13.50 -3.32 -14.28
CA VAL B 310 -12.25 -3.48 -13.54
C VAL B 310 -11.09 -3.62 -14.53
N ARG B 311 -11.23 -4.50 -15.52
CA ARG B 311 -10.17 -4.75 -16.50
C ARG B 311 -10.73 -5.43 -17.73
N ASP B 312 -10.02 -5.29 -18.84
CA ASP B 312 -10.20 -6.10 -20.03
C ASP B 312 -9.13 -7.17 -19.99
N ALA B 313 -9.41 -8.33 -20.55
CA ALA B 313 -8.41 -9.40 -20.63
C ALA B 313 -8.60 -10.28 -21.86
N VAL B 314 -7.48 -10.82 -22.33
CA VAL B 314 -7.47 -11.75 -23.47
C VAL B 314 -6.68 -12.98 -23.11
N GLY B 315 -7.14 -14.14 -23.53
CA GLY B 315 -6.36 -15.36 -23.39
C GLY B 315 -6.49 -16.25 -24.60
N PHE B 316 -5.59 -17.22 -24.72
CA PHE B 316 -5.64 -18.18 -25.81
C PHE B 316 -5.92 -19.55 -25.25
N ARG B 317 -7.12 -20.08 -25.53
CA ARG B 317 -7.44 -21.42 -25.08
C ARG B 317 -6.53 -22.41 -25.81
N PRO B 318 -5.91 -23.33 -25.07
CA PRO B 318 -5.03 -24.29 -25.72
C PRO B 318 -5.86 -25.40 -26.37
N SER B 319 -6.38 -25.13 -27.57
CA SER B 319 -7.28 -26.06 -28.25
C SER B 319 -6.55 -27.15 -29.01
N ARG B 320 -7.21 -28.30 -29.11
CA ARG B 320 -6.67 -29.47 -29.78
C ARG B 320 -7.82 -30.32 -30.33
N ALA B 321 -7.66 -30.85 -31.55
CA ALA B 321 -8.65 -31.79 -32.10
C ALA B 321 -8.75 -33.06 -31.23
N GLY B 322 -9.95 -33.37 -30.78
CA GLY B 322 -10.18 -34.52 -29.89
C GLY B 322 -10.04 -34.19 -28.41
N GLY B 323 -9.80 -32.91 -28.13
CA GLY B 323 -9.62 -32.45 -26.75
C GLY B 323 -8.23 -32.74 -26.24
N ALA B 324 -8.11 -32.75 -24.92
CA ALA B 324 -6.82 -32.87 -24.25
C ALA B 324 -6.07 -34.15 -24.58
N ARG B 325 -4.75 -34.00 -24.69
CA ARG B 325 -3.85 -35.14 -24.79
C ARG B 325 -3.37 -35.46 -23.39
N VAL B 326 -3.81 -36.62 -22.90
CA VAL B 326 -3.30 -37.20 -21.66
C VAL B 326 -2.80 -38.61 -22.00
N ALA B 327 -1.49 -38.75 -22.15
CA ALA B 327 -0.90 -39.94 -22.76
C ALA B 327 0.51 -40.17 -22.26
N LEU B 328 0.96 -41.43 -22.32
CA LEU B 328 2.28 -41.84 -21.85
C LEU B 328 3.18 -42.03 -23.08
N ALA B 329 4.36 -41.43 -23.05
CA ALA B 329 5.36 -41.58 -24.11
C ALA B 329 6.78 -41.56 -23.54
N SER B 330 7.75 -41.29 -24.40
CA SER B 330 9.17 -41.33 -24.05
C SER B 330 9.85 -40.24 -24.86
N ALA B 331 10.83 -39.57 -24.26
CA ALA B 331 11.67 -38.58 -24.96
C ALA B 331 12.98 -38.41 -24.22
N ALA B 332 14.08 -38.34 -24.99
CA ALA B 332 15.45 -38.19 -24.46
C ALA B 332 15.76 -39.11 -23.27
N GLY B 333 15.29 -40.36 -23.36
CA GLY B 333 15.45 -41.36 -22.30
C GLY B 333 14.66 -41.13 -21.02
N MET B 334 13.70 -40.20 -21.04
CA MET B 334 12.80 -39.95 -19.90
C MET B 334 11.41 -40.53 -20.18
N ARG B 335 10.73 -40.95 -19.12
CA ARG B 335 9.31 -41.32 -19.14
C ARG B 335 8.50 -40.01 -19.20
N VAL B 336 7.65 -39.87 -20.22
CA VAL B 336 6.93 -38.62 -20.48
C VAL B 336 5.43 -38.85 -20.34
N VAL B 337 4.77 -37.99 -19.55
CA VAL B 337 3.31 -37.98 -19.52
C VAL B 337 2.87 -36.62 -20.03
N TYR B 338 2.13 -36.62 -21.14
CA TYR B 338 1.57 -35.40 -21.69
C TYR B 338 0.25 -35.11 -21.00
N ASN B 339 -0.02 -33.85 -20.68
CA ASN B 339 -1.29 -33.44 -20.09
C ASN B 339 -1.52 -32.03 -20.53
N TYR B 340 -1.98 -31.86 -21.78
CA TYR B 340 -2.13 -30.52 -22.37
C TYR B 340 -3.23 -30.51 -23.42
N GLY B 341 -3.65 -29.31 -23.81
CA GLY B 341 -4.62 -29.14 -24.87
C GLY B 341 -6.05 -29.19 -24.38
N HIS B 342 -6.32 -28.58 -23.22
CA HIS B 342 -7.64 -28.64 -22.59
C HIS B 342 -8.67 -27.62 -23.12
N GLY B 343 -8.26 -26.80 -24.09
CA GLY B 343 -9.15 -25.82 -24.72
C GLY B 343 -9.74 -24.90 -23.69
N GLY B 344 -11.07 -24.77 -23.74
CA GLY B 344 -11.80 -23.94 -22.82
C GLY B 344 -12.31 -24.65 -21.59
N ALA B 345 -11.71 -25.80 -21.26
CA ALA B 345 -12.25 -26.67 -20.20
C ALA B 345 -11.22 -27.14 -19.18
N GLY B 346 -10.04 -26.52 -19.18
CA GLY B 346 -9.00 -26.88 -18.20
C GLY B 346 -9.40 -26.77 -16.74
N TRP B 347 -10.10 -25.71 -16.37
CA TRP B 347 -10.51 -25.55 -14.99
C TRP B 347 -11.55 -26.60 -14.58
N GLN B 348 -12.47 -26.92 -15.46
CA GLN B 348 -13.53 -27.88 -15.12
C GLN B 348 -13.11 -29.35 -15.24
N SER B 349 -11.90 -29.62 -15.76
CA SER B 349 -11.40 -30.98 -15.91
C SER B 349 -10.09 -31.25 -15.16
N CYS B 350 -9.51 -30.22 -14.54
CA CYS B 350 -8.14 -30.30 -14.00
C CYS B 350 -7.85 -31.49 -13.07
N TRP B 351 -8.66 -31.67 -12.04
CA TRP B 351 -8.41 -32.74 -11.08
C TRP B 351 -8.54 -34.11 -11.72
N GLY B 352 -9.53 -34.28 -12.60
CA GLY B 352 -9.72 -35.52 -13.37
C GLY B 352 -8.50 -35.88 -14.20
N CYS B 353 -8.02 -34.89 -14.96
CA CYS B 353 -6.84 -35.09 -15.82
C CYS B 353 -5.61 -35.40 -14.98
N ALA B 354 -5.45 -34.66 -13.89
CA ALA B 354 -4.30 -34.81 -12.99
C ALA B 354 -4.20 -36.25 -12.49
N GLU B 355 -5.34 -36.81 -12.10
CA GLU B 355 -5.39 -38.17 -11.56
C GLU B 355 -5.05 -39.20 -12.64
N ASP B 356 -5.60 -39.03 -13.84
CA ASP B 356 -5.24 -39.89 -15.00
C ASP B 356 -3.74 -39.80 -15.32
N ALA B 357 -3.19 -38.58 -15.32
CA ALA B 357 -1.78 -38.37 -15.63
C ALA B 357 -0.85 -39.10 -14.65
N VAL B 358 -1.12 -38.93 -13.36
CA VAL B 358 -0.34 -39.58 -12.30
C VAL B 358 -0.46 -41.12 -12.38
N ALA B 359 -1.66 -41.61 -12.69
CA ALA B 359 -1.90 -43.04 -12.85
C ALA B 359 -1.07 -43.62 -14.01
N LEU B 360 -1.01 -42.88 -15.12
CA LEU B 360 -0.20 -43.29 -16.28
C LEU B 360 1.28 -43.40 -15.92
N TRP B 361 1.79 -42.38 -15.22
CA TRP B 361 3.17 -42.40 -14.75
C TRP B 361 3.43 -43.60 -13.83
N ALA B 362 2.52 -43.82 -12.88
CA ALA B 362 2.67 -44.86 -11.86
C ALA B 362 2.57 -46.26 -12.44
N SER C 4 7.80 1.19 -42.50
CA SER C 4 6.63 0.27 -42.63
C SER C 4 6.95 -1.16 -42.19
N ASP C 5 8.07 -1.71 -42.64
CA ASP C 5 8.50 -3.03 -42.20
C ASP C 5 9.02 -2.94 -40.76
N PRO C 6 8.58 -3.86 -39.87
CA PRO C 6 8.98 -3.73 -38.47
C PRO C 6 10.47 -3.98 -38.25
N ILE C 7 11.03 -3.22 -37.31
CA ILE C 7 12.40 -3.42 -36.85
C ILE C 7 12.26 -3.93 -35.42
N ILE C 8 12.85 -5.10 -35.15
CA ILE C 8 12.69 -5.75 -33.84
C ILE C 8 13.90 -5.45 -32.97
N VAL C 9 13.65 -5.07 -31.72
CA VAL C 9 14.70 -5.10 -30.71
C VAL C 9 14.30 -6.25 -29.80
N LEU C 10 15.13 -7.29 -29.79
CA LEU C 10 14.89 -8.47 -28.98
C LEU C 10 15.70 -8.33 -27.69
N GLY C 11 14.99 -8.02 -26.61
CA GLY C 11 15.62 -7.81 -25.30
C GLY C 11 15.24 -6.50 -24.66
N ALA C 12 14.84 -6.55 -23.39
CA ALA C 12 14.51 -5.35 -22.62
C ALA C 12 15.36 -5.26 -21.33
N GLY C 13 16.60 -5.73 -21.44
CA GLY C 13 17.64 -5.40 -20.45
C GLY C 13 18.25 -4.05 -20.81
N VAL C 14 19.32 -3.69 -20.12
CA VAL C 14 19.98 -2.40 -20.39
C VAL C 14 20.49 -2.32 -21.82
N ILE C 15 20.92 -3.44 -22.38
CA ILE C 15 21.48 -3.44 -23.75
C ILE C 15 20.40 -3.17 -24.79
N GLY C 16 19.28 -3.92 -24.72
CA GLY C 16 18.15 -3.74 -25.65
C GLY C 16 17.52 -2.34 -25.56
N LEU C 17 17.34 -1.85 -24.34
CA LEU C 17 16.66 -0.57 -24.16
C LEU C 17 17.49 0.63 -24.62
N THR C 18 18.79 0.64 -24.32
CA THR C 18 19.69 1.67 -24.88
C THR C 18 19.78 1.56 -26.40
N THR C 19 19.86 0.33 -26.94
CA THR C 19 19.85 0.13 -28.40
C THR C 19 18.58 0.74 -29.00
N ALA C 20 17.43 0.48 -28.38
CA ALA C 20 16.14 0.98 -28.86
C ALA C 20 16.06 2.51 -28.81
N VAL C 21 16.57 3.10 -27.72
CA VAL C 21 16.62 4.58 -27.59
C VAL C 21 17.44 5.18 -28.71
N ARG C 22 18.66 4.65 -28.93
CA ARG C 22 19.52 5.22 -29.97
C ARG C 22 18.94 5.00 -31.36
N LEU C 23 18.31 3.84 -31.56
CA LEU C 23 17.64 3.54 -32.83
C LEU C 23 16.54 4.55 -33.14
N LEU C 24 15.69 4.78 -32.15
CA LEU C 24 14.55 5.67 -32.32
C LEU C 24 14.97 7.14 -32.41
N GLU C 25 16.04 7.51 -31.71
CA GLU C 25 16.63 8.87 -31.81
C GLU C 25 17.27 9.16 -33.17
N ALA C 26 17.83 8.13 -33.81
CA ALA C 26 18.51 8.28 -35.11
C ALA C 26 17.50 8.31 -36.25
N HIS C 27 16.37 7.63 -36.06
CA HIS C 27 15.38 7.40 -37.11
C HIS C 27 14.02 7.57 -36.47
N LEU C 28 13.65 8.84 -36.31
CA LEU C 28 12.42 9.25 -35.64
C LEU C 28 11.21 8.66 -36.34
N GLY C 29 10.27 8.16 -35.54
CA GLY C 29 9.06 7.53 -36.05
C GLY C 29 9.21 6.17 -36.73
N ALA C 30 10.39 5.54 -36.63
CA ALA C 30 10.62 4.20 -37.21
C ALA C 30 9.67 3.22 -36.56
N ASN C 31 9.38 2.14 -37.28
CA ASN C 31 8.47 1.11 -36.84
C ASN C 31 9.20 0.10 -35.97
N VAL C 32 9.32 0.42 -34.68
CA VAL C 32 10.15 -0.40 -33.77
C VAL C 32 9.29 -1.16 -32.78
N HIS C 33 9.50 -2.48 -32.71
CA HIS C 33 8.80 -3.35 -31.77
C HIS C 33 9.84 -4.00 -30.87
N ILE C 34 9.69 -3.83 -29.57
CA ILE C 34 10.62 -4.41 -28.59
C ILE C 34 9.95 -5.66 -28.02
N LEU C 35 10.59 -6.81 -28.20
CA LEU C 35 10.05 -8.09 -27.69
C LEU C 35 10.97 -8.58 -26.57
N ALA C 36 10.38 -9.00 -25.46
CA ALA C 36 11.19 -9.59 -24.37
C ALA C 36 10.32 -10.44 -23.49
N ASP C 37 10.89 -11.50 -22.93
CA ASP C 37 10.19 -12.33 -21.98
C ASP C 37 10.39 -11.91 -20.51
N HIS C 38 11.24 -10.91 -20.28
CA HIS C 38 11.44 -10.34 -18.94
C HIS C 38 11.65 -8.84 -19.09
N TRP C 39 10.86 -8.05 -18.34
CA TRP C 39 10.89 -6.60 -18.41
C TRP C 39 11.43 -6.01 -17.10
N PRO C 40 11.99 -4.79 -17.12
CA PRO C 40 12.72 -4.26 -15.96
C PRO C 40 11.95 -4.30 -14.64
N SER C 41 10.67 -4.00 -14.67
CA SER C 41 9.91 -3.91 -13.43
C SER C 41 9.41 -5.28 -12.96
N ASP C 42 9.71 -6.35 -13.70
CA ASP C 42 9.40 -7.72 -13.24
C ASP C 42 10.18 -8.03 -11.96
N ALA C 43 9.71 -9.03 -11.22
CA ALA C 43 10.40 -9.50 -10.02
C ALA C 43 11.80 -9.94 -10.44
N LEU C 44 12.78 -9.73 -9.55
CA LEU C 44 14.16 -10.13 -9.84
C LEU C 44 14.28 -11.61 -10.16
N ASP C 45 15.16 -11.94 -11.10
CA ASP C 45 15.40 -13.30 -11.57
C ASP C 45 16.87 -13.36 -11.99
N ALA C 46 17.59 -14.37 -11.52
CA ALA C 46 18.99 -14.55 -11.84
C ALA C 46 19.28 -14.54 -13.34
N GLN C 47 18.32 -14.97 -14.16
CA GLN C 47 18.51 -14.98 -15.60
C GLN C 47 18.47 -13.58 -16.22
N TYR C 48 17.93 -12.58 -15.52
CA TYR C 48 17.85 -11.21 -16.05
C TYR C 48 18.89 -10.40 -15.33
N ALA C 49 20.03 -10.22 -15.99
CA ALA C 49 21.16 -9.60 -15.32
C ALA C 49 20.97 -8.12 -14.97
N SER C 50 20.22 -7.38 -15.79
CA SER C 50 20.25 -5.91 -15.70
C SER C 50 19.78 -5.32 -14.38
N THR C 51 18.83 -5.98 -13.71
CA THR C 51 18.40 -5.49 -12.39
C THR C 51 19.06 -6.17 -11.18
N ILE C 52 19.92 -7.16 -11.43
CA ILE C 52 20.77 -7.74 -10.35
C ILE C 52 22.01 -6.86 -10.12
N ALA C 53 22.52 -6.27 -11.20
CA ALA C 53 23.73 -5.44 -11.18
C ALA C 53 23.75 -4.33 -10.13
N GLY C 54 24.96 -3.98 -9.67
CA GLY C 54 25.19 -2.94 -8.65
C GLY C 54 24.36 -1.67 -8.83
N ALA C 55 24.59 -0.89 -9.91
CA ALA C 55 25.70 -1.07 -10.83
C ALA C 55 26.62 0.11 -10.66
N HIS C 56 27.92 -0.12 -10.83
CA HIS C 56 28.83 1.03 -10.89
C HIS C 56 29.57 1.08 -12.22
N HIS C 57 30.10 2.25 -12.53
CA HIS C 57 30.94 2.40 -13.71
C HIS C 57 32.38 2.22 -13.25
N LEU C 58 32.92 1.02 -13.48
CA LEU C 58 34.28 0.68 -13.10
C LEU C 58 34.83 -0.22 -14.17
N SER C 59 35.39 0.43 -15.21
CA SER C 59 35.87 -0.28 -16.39
C SER C 59 36.84 -1.43 -16.06
N PHE C 60 36.73 -2.50 -16.83
CA PHE C 60 37.71 -3.59 -16.81
C PHE C 60 38.54 -3.55 -18.07
N ALA C 61 38.40 -2.48 -18.87
CA ALA C 61 39.05 -2.46 -20.19
C ALA C 61 40.58 -2.51 -20.10
N ASP C 62 41.17 -3.56 -20.68
CA ASP C 62 42.62 -3.69 -20.76
C ASP C 62 43.20 -2.49 -21.53
N ASP C 63 44.42 -2.08 -21.19
CA ASP C 63 45.10 -0.97 -21.87
C ASP C 63 45.10 -1.13 -23.37
N GLY C 64 45.19 -2.39 -23.84
CA GLY C 64 45.24 -2.71 -25.27
C GLY C 64 43.90 -3.02 -25.92
N ASP C 65 42.81 -2.96 -25.15
CA ASP C 65 41.48 -3.26 -25.64
C ASP C 65 40.81 -1.94 -26.06
N ALA C 66 41.08 -1.51 -27.29
CA ALA C 66 40.67 -0.17 -27.72
C ALA C 66 39.16 -0.05 -27.79
N ARG C 67 38.50 -1.12 -28.23
CA ARG C 67 37.04 -1.15 -28.36
C ARG C 67 36.38 -1.01 -26.98
N GLN C 68 36.81 -1.81 -26.01
CA GLN C 68 36.22 -1.73 -24.67
C GLN C 68 36.48 -0.37 -24.04
N ARG C 69 37.70 0.16 -24.20
CA ARG C 69 38.01 1.48 -23.64
C ARG C 69 37.08 2.54 -24.22
N ARG C 70 36.87 2.49 -25.54
CA ARG C 70 36.03 3.49 -26.21
C ARG C 70 34.58 3.41 -25.73
N TRP C 71 34.03 2.20 -25.68
CA TRP C 71 32.67 2.01 -25.18
C TRP C 71 32.51 2.49 -23.74
N ASP C 72 33.43 2.08 -22.86
CA ASP C 72 33.33 2.44 -21.44
C ASP C 72 33.39 3.95 -21.22
N MET C 73 34.33 4.62 -21.91
CA MET C 73 34.45 6.08 -21.79
C MET C 73 33.25 6.82 -22.39
N ARG C 74 32.74 6.32 -23.52
CA ARG C 74 31.56 6.93 -24.14
C ARG C 74 30.35 6.83 -23.20
N THR C 75 30.17 5.65 -22.62
CA THR C 75 29.06 5.42 -21.70
C THR C 75 29.19 6.30 -20.46
N PHE C 76 30.40 6.42 -19.91
CA PHE C 76 30.61 7.35 -18.82
C PHE C 76 30.21 8.78 -19.20
N ASP C 77 30.62 9.23 -20.38
CA ASP C 77 30.27 10.59 -20.81
C ASP C 77 28.76 10.79 -20.89
N VAL C 78 28.03 9.81 -21.45
CA VAL C 78 26.57 9.93 -21.57
C VAL C 78 25.92 9.97 -20.18
N LEU C 79 26.30 9.02 -19.32
CA LEU C 79 25.72 8.95 -17.98
C LEU C 79 26.05 10.17 -17.11
N TYR C 80 27.29 10.64 -17.18
CA TYR C 80 27.71 11.79 -16.39
C TYR C 80 27.02 13.08 -16.86
N ASP C 81 26.94 13.26 -18.18
CA ASP C 81 26.08 14.33 -18.77
C ASP C 81 24.64 14.28 -18.25
N GLU C 82 24.07 13.07 -18.20
CA GLU C 82 22.71 12.90 -17.73
C GLU C 82 22.59 13.28 -16.25
N TRP C 83 23.55 12.82 -15.43
CA TRP C 83 23.57 13.18 -14.02
C TRP C 83 23.67 14.71 -13.84
N LYS C 84 24.54 15.38 -14.60
CA LYS C 84 24.60 16.86 -14.50
C LYS C 84 23.23 17.50 -14.85
N ALA C 85 22.51 16.89 -15.80
CA ALA C 85 21.22 17.47 -16.28
C ALA C 85 20.04 17.21 -15.35
N VAL C 86 19.98 16.01 -14.75
CA VAL C 86 18.78 15.57 -14.01
C VAL C 86 19.03 15.15 -12.54
N GLY C 87 20.29 15.17 -12.11
CA GLY C 87 20.65 14.71 -10.78
C GLY C 87 20.39 13.23 -10.68
N GLU C 88 19.76 12.85 -9.57
CA GLU C 88 19.45 11.46 -9.23
C GLU C 88 18.09 11.00 -9.72
N ARG C 89 17.40 11.85 -10.50
CA ARG C 89 16.03 11.55 -10.96
C ARG C 89 15.89 10.21 -11.68
N THR C 90 16.91 9.82 -12.45
CA THR C 90 16.89 8.55 -13.18
C THR C 90 17.74 7.44 -12.53
N GLY C 91 18.14 7.64 -11.27
CA GLY C 91 18.86 6.60 -10.55
C GLY C 91 20.37 6.72 -10.57
N LEU C 92 20.88 7.83 -11.11
CA LEU C 92 22.34 8.02 -11.19
C LEU C 92 22.87 8.78 -9.97
N MET C 93 24.06 8.42 -9.50
CA MET C 93 24.71 9.19 -8.45
C MET C 93 26.21 9.31 -8.71
N ALA C 94 26.72 10.54 -8.91
CA ALA C 94 28.16 10.75 -8.99
C ALA C 94 28.82 10.50 -7.63
N LEU C 95 30.00 9.90 -7.64
CA LEU C 95 30.71 9.62 -6.38
C LEU C 95 32.21 9.44 -6.64
N THR C 96 32.98 9.50 -5.57
CA THR C 96 34.38 9.10 -5.61
C THR C 96 34.44 7.58 -5.52
N GLN C 97 35.05 6.99 -6.54
CA GLN C 97 35.30 5.56 -6.58
C GLN C 97 36.74 5.32 -6.17
N THR C 98 36.96 4.46 -5.17
CA THR C 98 38.33 4.09 -4.75
C THR C 98 38.57 2.63 -5.12
N GLU C 99 39.64 2.37 -5.87
CA GLU C 99 39.98 1.00 -6.16
C GLU C 99 41.32 0.66 -5.55
N MET C 100 41.39 -0.52 -4.94
CA MET C 100 42.62 -1.00 -4.34
C MET C 100 42.98 -2.36 -4.91
N TRP C 101 44.28 -2.60 -5.05
CA TRP C 101 44.76 -3.87 -5.59
C TRP C 101 45.57 -4.59 -4.53
N GLU C 102 45.32 -5.89 -4.39
CA GLU C 102 46.08 -6.73 -3.50
C GLU C 102 47.06 -7.55 -4.32
N GLY C 103 48.20 -6.94 -4.64
CA GLY C 103 49.26 -7.58 -5.43
C GLY C 103 49.86 -6.70 -6.52
N ALA C 104 49.01 -6.07 -7.32
CA ALA C 104 49.44 -5.26 -8.47
C ALA C 104 50.05 -3.91 -8.08
N THR C 105 50.90 -3.37 -8.95
CA THR C 105 51.45 -2.03 -8.76
C THR C 105 51.14 -1.12 -9.96
N SER C 106 49.97 -1.34 -10.57
CA SER C 106 49.54 -0.51 -11.66
C SER C 106 48.02 -0.53 -11.71
N HIS C 107 47.45 0.51 -12.31
CA HIS C 107 46.00 0.60 -12.55
C HIS C 107 45.77 0.58 -14.05
N LEU C 108 44.51 0.45 -14.46
CA LEU C 108 44.15 0.53 -15.88
C LEU C 108 44.21 1.96 -16.38
N ALA C 109 44.85 2.15 -17.54
CA ALA C 109 44.98 3.47 -18.16
C ALA C 109 43.64 4.16 -18.36
N VAL C 110 42.60 3.37 -18.65
CA VAL C 110 41.27 3.90 -18.92
C VAL C 110 40.73 4.81 -17.79
N TYR C 111 41.08 4.51 -16.53
CA TYR C 111 40.62 5.26 -15.37
C TYR C 111 41.10 6.70 -15.39
N GLU C 112 42.23 6.94 -16.05
CA GLU C 112 42.78 8.28 -16.11
C GLU C 112 41.91 9.23 -16.96
N GLY C 113 40.95 8.67 -17.68
CA GLY C 113 39.98 9.46 -18.44
C GLY C 113 38.86 10.04 -17.59
N ASN C 114 38.67 9.51 -16.37
CA ASN C 114 37.67 10.04 -15.46
C ASN C 114 38.12 11.31 -14.77
N PRO C 115 37.17 12.18 -14.35
CA PRO C 115 37.55 13.37 -13.60
C PRO C 115 38.18 13.03 -12.27
N ASP C 116 39.05 13.92 -11.78
CA ASP C 116 39.59 13.84 -10.42
C ASP C 116 40.39 12.56 -10.16
N PHE C 117 41.08 12.05 -11.19
CA PHE C 117 41.91 10.87 -10.99
C PHE C 117 43.10 11.18 -10.08
N ARG C 118 43.29 10.34 -9.08
CA ARG C 118 44.35 10.50 -8.06
C ARG C 118 44.97 9.15 -7.76
N VAL C 119 46.29 9.11 -7.62
CA VAL C 119 46.97 7.92 -7.11
C VAL C 119 47.16 8.10 -5.61
N LEU C 120 46.67 7.14 -4.82
CA LEU C 120 46.70 7.26 -3.37
C LEU C 120 47.85 6.46 -2.76
N ASP C 121 48.10 6.70 -1.49
CA ASP C 121 49.08 5.91 -0.77
C ASP C 121 48.43 4.60 -0.34
N PRO C 122 48.93 3.45 -0.84
CA PRO C 122 48.26 2.17 -0.56
C PRO C 122 48.27 1.78 0.91
N ARG C 123 49.18 2.36 1.68
CA ARG C 123 49.33 2.06 3.10
C ARG C 123 48.17 2.64 3.92
N THR C 124 47.41 3.54 3.30
CA THR C 124 46.23 4.14 3.92
C THR C 124 44.95 3.31 3.72
N ALA C 125 45.02 2.24 2.94
CA ALA C 125 43.90 1.30 2.81
C ALA C 125 43.60 0.67 4.17
N PRO C 126 42.32 0.41 4.47
CA PRO C 126 41.98 -0.13 5.79
C PRO C 126 42.34 -1.61 5.99
N CYS C 127 42.50 -2.33 4.87
CA CYS C 127 42.86 -3.74 4.90
C CYS C 127 44.33 -3.90 4.54
N SER C 128 44.90 -5.04 4.91
CA SER C 128 46.32 -5.32 4.69
C SER C 128 46.57 -5.78 3.25
N ASN C 129 47.85 -5.85 2.89
CA ASN C 129 48.31 -6.38 1.60
C ASN C 129 47.92 -5.57 0.36
N ILE C 130 47.53 -4.30 0.54
CA ILE C 130 47.22 -3.45 -0.61
C ILE C 130 48.49 -2.79 -1.13
N THR C 131 48.71 -2.95 -2.42
CA THR C 131 49.97 -2.54 -3.04
C THR C 131 49.80 -1.36 -3.99
N HIS C 132 48.55 -1.05 -4.34
CA HIS C 132 48.25 0.06 -5.24
C HIS C 132 46.81 0.49 -4.97
N MET C 133 46.57 1.80 -5.05
CA MET C 133 45.24 2.37 -4.79
C MET C 133 45.06 3.70 -5.53
N VAL C 134 43.89 3.86 -6.15
CA VAL C 134 43.58 5.07 -6.89
C VAL C 134 42.15 5.47 -6.55
N SER C 135 41.80 6.72 -6.86
CA SER C 135 40.41 7.14 -6.79
C SER C 135 40.12 8.05 -7.98
N PHE C 136 38.84 8.15 -8.32
CA PHE C 136 38.40 9.03 -9.39
C PHE C 136 36.91 9.22 -9.26
N THR C 137 36.40 10.25 -9.92
CA THR C 137 34.96 10.45 -9.97
C THR C 137 34.33 9.48 -10.95
N SER C 138 33.29 8.80 -10.47
CA SER C 138 32.52 7.91 -11.31
C SER C 138 31.03 8.01 -10.97
N LEU C 139 30.25 7.00 -11.33
CA LEU C 139 28.81 7.00 -11.12
C LEU C 139 28.34 5.62 -10.69
N THR C 140 27.28 5.60 -9.87
CA THR C 140 26.51 4.38 -9.68
C THR C 140 25.13 4.56 -10.31
N ILE C 141 24.47 3.44 -10.56
CA ILE C 141 23.15 3.41 -11.16
C ILE C 141 22.28 2.47 -10.32
N ALA C 142 21.10 2.95 -9.92
CA ALA C 142 20.05 2.07 -9.40
C ALA C 142 19.32 1.52 -10.63
N PRO C 143 19.64 0.28 -11.04
CA PRO C 143 19.17 -0.17 -12.36
C PRO C 143 17.65 -0.20 -12.56
N THR C 144 16.89 -0.55 -11.53
CA THR C 144 15.43 -0.56 -11.65
C THR C 144 14.91 0.83 -12.02
N VAL C 145 15.45 1.85 -11.37
CA VAL C 145 15.07 3.24 -11.64
C VAL C 145 15.48 3.68 -13.04
N TYR C 146 16.73 3.36 -13.42
CA TYR C 146 17.22 3.80 -14.73
C TYR C 146 16.50 3.07 -15.87
N LEU C 147 16.28 1.78 -15.70
CA LEU C 147 15.58 1.03 -16.73
C LEU C 147 14.13 1.50 -16.87
N ALA C 148 13.50 1.89 -15.75
CA ALA C 148 12.14 2.46 -15.82
C ALA C 148 12.13 3.72 -16.67
N ALA C 149 13.15 4.56 -16.51
CA ALA C 149 13.29 5.78 -17.33
C ALA C 149 13.53 5.45 -18.80
N LEU C 150 14.35 4.44 -19.10
CA LEU C 150 14.55 3.96 -20.47
C LEU C 150 13.25 3.43 -21.10
N GLU C 151 12.51 2.66 -20.31
CA GLU C 151 11.22 2.14 -20.78
C GLU C 151 10.28 3.30 -21.13
N ALA C 152 10.17 4.29 -20.24
CA ALA C 152 9.34 5.48 -20.49
C ALA C 152 9.81 6.22 -21.74
N ARG C 153 11.14 6.30 -21.91
CA ARG C 153 11.73 6.99 -23.05
C ARG C 153 11.40 6.30 -24.39
N VAL C 154 11.54 4.97 -24.47
CA VAL C 154 11.22 4.28 -25.74
C VAL C 154 9.73 4.39 -26.07
N ARG C 155 8.87 4.39 -25.04
CA ARG C 155 7.43 4.61 -25.25
C ARG C 155 7.19 6.00 -25.86
N ASP C 156 7.79 7.01 -25.25
CA ASP C 156 7.64 8.38 -25.71
C ASP C 156 8.13 8.57 -27.15
N LEU C 157 9.14 7.78 -27.54
CA LEU C 157 9.69 7.79 -28.89
C LEU C 157 8.90 6.92 -29.88
N GLY C 158 7.85 6.28 -29.38
CA GLY C 158 6.89 5.53 -30.20
C GLY C 158 7.14 4.04 -30.43
N ALA C 159 8.06 3.43 -29.66
CA ALA C 159 8.24 1.97 -29.75
C ALA C 159 6.99 1.26 -29.27
N LYS C 160 6.66 0.13 -29.88
CA LYS C 160 5.64 -0.79 -29.34
C LYS C 160 6.36 -1.84 -28.49
N LEU C 161 5.80 -2.13 -27.32
CA LEU C 161 6.45 -3.06 -26.36
C LEU C 161 5.60 -4.30 -26.23
N HIS C 162 6.23 -5.48 -26.31
CA HIS C 162 5.50 -6.74 -26.25
C HIS C 162 6.22 -7.71 -25.31
N ARG C 163 5.42 -8.43 -24.49
CA ARG C 163 5.91 -9.54 -23.70
C ARG C 163 5.77 -10.83 -24.51
N ALA C 164 6.89 -11.36 -24.97
CA ALA C 164 6.89 -12.47 -25.91
C ALA C 164 8.20 -13.21 -25.82
N HIS C 165 8.15 -14.53 -25.95
CA HIS C 165 9.35 -15.32 -26.03
C HIS C 165 9.62 -15.67 -27.48
N VAL C 166 10.86 -15.48 -27.92
CA VAL C 166 11.28 -15.74 -29.29
C VAL C 166 12.06 -17.06 -29.35
N PRO C 167 11.45 -18.13 -29.94
CA PRO C 167 12.16 -19.43 -29.87
C PRO C 167 13.32 -19.57 -30.86
N SER C 168 13.29 -18.78 -31.94
CA SER C 168 14.37 -18.76 -32.90
C SER C 168 14.26 -17.44 -33.67
N LEU C 169 15.34 -17.03 -34.34
CA LEU C 169 15.27 -15.80 -35.13
C LEU C 169 14.28 -15.94 -36.28
N GLY C 170 14.27 -17.12 -36.92
CA GLY C 170 13.30 -17.42 -37.99
C GLY C 170 11.84 -17.24 -37.56
N ALA C 171 11.56 -17.59 -36.31
CA ALA C 171 10.20 -17.43 -35.77
C ALA C 171 9.65 -16.01 -35.90
N LEU C 172 10.53 -15.00 -35.93
CA LEU C 172 10.08 -13.60 -36.07
C LEU C 172 9.35 -13.36 -37.39
N ARG C 173 9.73 -14.09 -38.43
CA ARG C 173 9.11 -13.96 -39.75
C ARG C 173 8.02 -15.00 -40.02
N THR C 174 8.04 -16.12 -39.30
CA THR C 174 7.19 -17.27 -39.64
C THR C 174 6.13 -17.65 -38.61
N ASP C 175 6.38 -17.30 -37.34
CA ASP C 175 5.56 -17.80 -36.24
C ASP C 175 4.32 -16.90 -36.06
N PRO C 176 3.10 -17.46 -36.26
CA PRO C 176 1.88 -16.64 -36.14
C PRO C 176 1.71 -15.93 -34.79
N ALA C 177 2.23 -16.53 -33.70
CA ALA C 177 2.15 -15.90 -32.36
C ALA C 177 2.92 -14.60 -32.31
N LEU C 178 4.02 -14.53 -33.08
CA LEU C 178 4.84 -13.32 -33.11
C LEU C 178 4.35 -12.35 -34.18
N LEU C 179 3.96 -12.88 -35.34
CA LEU C 179 3.39 -12.05 -36.41
C LEU C 179 2.15 -11.27 -36.00
N ALA C 180 1.40 -11.80 -35.04
CA ALA C 180 0.24 -11.08 -34.52
C ALA C 180 0.61 -9.75 -33.87
N LEU C 181 1.86 -9.63 -33.41
CA LEU C 181 2.34 -8.43 -32.71
C LEU C 181 2.61 -7.26 -33.64
N TYR C 182 3.10 -7.56 -34.84
CA TYR C 182 3.57 -6.50 -35.76
C TYR C 182 3.14 -6.68 -37.21
N THR C 183 2.35 -7.73 -37.47
CA THR C 183 1.68 -7.98 -38.76
C THR C 183 2.59 -8.43 -39.91
N ARG C 184 3.55 -7.61 -40.29
CA ARG C 184 4.44 -7.90 -41.44
C ARG C 184 5.74 -8.57 -40.98
N PRO C 185 6.34 -9.46 -41.81
CA PRO C 185 7.64 -10.02 -41.45
C PRO C 185 8.69 -8.92 -41.27
N PRO C 186 9.48 -8.96 -40.18
CA PRO C 186 10.46 -7.89 -39.94
C PRO C 186 11.58 -7.87 -40.95
N ALA C 187 12.08 -6.67 -41.24
CA ALA C 187 13.25 -6.47 -42.06
C ALA C 187 14.56 -6.71 -41.29
N ALA C 188 14.54 -6.43 -39.98
CA ALA C 188 15.76 -6.39 -39.17
C ALA C 188 15.47 -6.71 -37.72
N VAL C 189 16.49 -7.24 -37.04
CA VAL C 189 16.40 -7.52 -35.62
C VAL C 189 17.73 -7.19 -34.95
N PHE C 190 17.65 -6.45 -33.83
CA PHE C 190 18.79 -6.23 -32.94
C PHE C 190 18.68 -7.31 -31.86
N VAL C 191 19.63 -8.24 -31.85
CA VAL C 191 19.61 -9.34 -30.90
C VAL C 191 20.35 -8.91 -29.63
N CYS C 192 19.57 -8.45 -28.64
CA CYS C 192 20.10 -8.01 -27.36
C CYS C 192 19.58 -8.93 -26.25
N ALA C 193 19.78 -10.23 -26.43
CA ALA C 193 19.17 -11.27 -25.61
C ALA C 193 20.01 -11.64 -24.40
N GLY C 194 21.12 -10.94 -24.19
CA GLY C 194 22.04 -11.24 -23.08
C GLY C 194 22.49 -12.70 -23.14
N LEU C 195 22.58 -13.36 -21.99
CA LEU C 195 22.97 -14.79 -21.96
C LEU C 195 21.99 -15.67 -22.74
N GLY C 196 20.75 -15.23 -22.88
CA GLY C 196 19.71 -15.90 -23.67
C GLY C 196 20.05 -16.03 -25.16
N ALA C 197 21.04 -15.26 -25.63
CA ALA C 197 21.50 -15.37 -27.01
C ALA C 197 22.00 -16.77 -27.31
N ARG C 198 22.38 -17.53 -26.26
CA ARG C 198 22.86 -18.90 -26.47
C ARG C 198 21.83 -19.83 -27.11
N HIS C 199 20.54 -19.49 -26.99
CA HIS C 199 19.46 -20.26 -27.62
C HIS C 199 19.10 -19.83 -29.03
N LEU C 200 19.77 -18.78 -29.52
CA LEU C 200 19.39 -18.12 -30.78
C LEU C 200 20.48 -18.16 -31.85
N VAL C 201 21.68 -18.58 -31.47
CA VAL C 201 22.85 -18.53 -32.38
C VAL C 201 23.37 -19.96 -32.61
N PRO C 202 24.22 -20.16 -33.65
CA PRO C 202 24.80 -21.49 -33.89
C PRO C 202 25.64 -21.97 -32.72
N ALA C 203 25.76 -23.28 -32.59
CA ALA C 203 26.43 -23.86 -31.43
C ALA C 203 27.85 -23.31 -31.12
N PRO C 204 28.69 -23.02 -32.14
CA PRO C 204 30.00 -22.45 -31.77
C PRO C 204 29.89 -21.07 -31.10
N GLU C 205 29.01 -20.22 -31.59
CA GLU C 205 28.73 -18.94 -30.92
C GLU C 205 28.07 -19.14 -29.55
N ALA C 206 27.20 -20.13 -29.44
CA ALA C 206 26.54 -20.43 -28.16
C ALA C 206 27.55 -20.91 -27.14
N ALA C 207 28.54 -21.68 -27.61
CA ALA C 207 29.61 -22.19 -26.74
C ALA C 207 30.54 -21.12 -26.19
N ALA C 208 30.64 -19.98 -26.90
CA ALA C 208 31.47 -18.88 -26.45
C ALA C 208 30.84 -18.18 -25.24
N LEU C 209 29.54 -18.38 -25.03
CA LEU C 209 28.81 -17.70 -23.94
C LEU C 209 28.82 -18.59 -22.71
N PHE C 210 28.97 -17.99 -21.53
CA PHE C 210 28.88 -18.77 -20.29
C PHE C 210 28.48 -17.84 -19.17
N PRO C 211 27.82 -18.37 -18.13
CA PRO C 211 27.51 -17.50 -17.01
C PRO C 211 28.75 -17.25 -16.17
N THR C 212 28.90 -16.04 -15.65
CA THR C 212 29.81 -15.82 -14.52
C THR C 212 28.88 -15.41 -13.39
N ARG C 213 28.61 -16.37 -12.51
CA ARG C 213 27.63 -16.16 -11.45
C ARG C 213 28.14 -15.11 -10.47
N GLY C 214 27.25 -14.22 -10.05
CA GLY C 214 27.58 -13.26 -9.00
C GLY C 214 26.50 -13.20 -7.96
N GLN C 215 26.91 -13.37 -6.70
CA GLN C 215 26.00 -13.18 -5.59
C GLN C 215 26.29 -11.82 -4.97
N VAL C 216 25.24 -11.13 -4.56
CA VAL C 216 25.37 -9.85 -3.86
C VAL C 216 24.48 -9.82 -2.61
N VAL C 217 24.83 -8.94 -1.69
CA VAL C 217 23.96 -8.64 -0.53
C VAL C 217 23.64 -7.15 -0.60
N VAL C 218 22.36 -6.80 -0.57
CA VAL C 218 21.95 -5.40 -0.58
C VAL C 218 21.63 -5.02 0.85
N VAL C 219 22.26 -3.94 1.35
CA VAL C 219 22.03 -3.43 2.71
C VAL C 219 21.44 -2.03 2.66
N ARG C 220 20.76 -1.61 3.73
CA ARG C 220 20.28 -0.23 3.80
C ARG C 220 21.33 0.58 4.52
N ALA C 221 22.16 1.30 3.77
CA ALA C 221 23.27 2.02 4.38
C ALA C 221 23.40 3.40 3.74
N PRO C 222 22.40 4.29 3.98
CA PRO C 222 22.42 5.59 3.26
C PRO C 222 23.55 6.52 3.68
N TRP C 223 24.26 6.20 4.76
CA TRP C 223 25.50 6.92 5.13
C TRP C 223 26.65 6.72 4.15
N MET C 224 26.55 5.67 3.33
CA MET C 224 27.59 5.35 2.36
C MET C 224 27.27 6.00 1.01
N ARG C 225 28.10 6.95 0.61
CA ARG C 225 27.93 7.64 -0.68
C ARG C 225 29.24 7.72 -1.47
N ALA C 226 30.11 6.77 -1.16
CA ALA C 226 31.39 6.60 -1.86
C ALA C 226 31.51 5.13 -2.25
N GLY C 227 32.30 4.84 -3.28
CA GLY C 227 32.41 3.47 -3.82
C GLY C 227 33.79 2.92 -3.52
N PHE C 228 33.86 1.60 -3.31
CA PHE C 228 35.13 0.93 -3.00
C PHE C 228 35.17 -0.41 -3.68
N THR C 229 36.32 -0.72 -4.30
CA THR C 229 36.55 -2.02 -4.89
C THR C 229 37.95 -2.50 -4.55
N ARG C 230 38.07 -3.79 -4.21
CA ARG C 230 39.38 -4.45 -4.09
C ARG C 230 39.49 -5.56 -5.13
N GLN C 231 40.53 -5.47 -5.96
CA GLN C 231 40.84 -6.47 -6.97
C GLN C 231 41.95 -7.39 -6.47
N VAL C 232 41.69 -8.70 -6.59
CA VAL C 232 42.64 -9.76 -6.21
C VAL C 232 42.85 -10.61 -7.47
N GLY C 233 44.10 -10.81 -7.87
CA GLY C 233 44.39 -11.55 -9.09
C GLY C 233 44.36 -10.65 -10.32
N SER C 234 44.84 -11.19 -11.44
CA SER C 234 44.91 -10.40 -12.68
C SER C 234 43.58 -10.41 -13.42
N LEU C 235 43.24 -9.28 -14.05
CA LEU C 235 42.12 -9.24 -15.01
C LEU C 235 42.36 -10.11 -16.23
N GLY C 236 43.63 -10.39 -16.53
CA GLY C 236 44.03 -11.28 -17.64
C GLY C 236 43.56 -10.81 -19.01
N GLY C 237 43.47 -9.49 -19.17
CA GLY C 237 42.95 -8.86 -20.40
C GLY C 237 41.43 -8.92 -20.58
N GLY C 238 40.73 -9.46 -19.58
CA GLY C 238 39.26 -9.54 -19.59
C GLY C 238 38.74 -9.08 -18.24
N GLU C 239 37.96 -9.94 -17.57
CA GLU C 239 37.35 -9.58 -16.28
C GLU C 239 37.82 -10.51 -15.16
N GLY C 240 39.06 -10.99 -15.27
CA GLY C 240 39.57 -12.02 -14.35
C GLY C 240 39.79 -11.62 -12.91
N GLY C 241 40.11 -12.61 -12.08
CA GLY C 241 40.35 -12.41 -10.66
C GLY C 241 39.05 -12.25 -9.89
N THR C 242 39.15 -11.74 -8.68
CA THR C 242 37.97 -11.59 -7.81
C THR C 242 37.89 -10.19 -7.25
N ARG C 243 36.67 -9.72 -7.03
CA ARG C 243 36.47 -8.40 -6.49
C ARG C 243 35.60 -8.41 -5.25
N THR C 244 35.95 -7.51 -4.34
CA THR C 244 35.08 -7.08 -3.27
C THR C 244 34.66 -5.67 -3.62
N TYR C 245 33.38 -5.35 -3.45
CA TYR C 245 32.92 -4.00 -3.74
C TYR C 245 31.78 -3.52 -2.86
N ILE C 246 31.73 -2.20 -2.73
CA ILE C 246 30.64 -1.46 -2.08
C ILE C 246 30.13 -0.51 -3.17
N ILE C 247 28.86 -0.69 -3.55
CA ILE C 247 28.22 0.06 -4.65
C ILE C 247 26.95 0.73 -4.10
N PRO C 248 27.06 2.00 -3.67
CA PRO C 248 25.91 2.67 -3.08
C PRO C 248 25.01 3.29 -4.15
N ARG C 249 23.72 3.05 -4.01
CA ARG C 249 22.68 3.66 -4.86
C ARG C 249 22.16 4.93 -4.21
N CYS C 250 21.62 5.83 -5.04
CA CYS C 250 21.05 7.08 -4.55
C CYS C 250 19.89 6.87 -3.59
N ASN C 251 19.23 5.72 -3.66
CA ASN C 251 18.07 5.42 -2.81
C ASN C 251 18.45 4.86 -1.43
N GLY C 252 19.74 4.77 -1.16
CA GLY C 252 20.23 4.33 0.15
C GLY C 252 20.47 2.84 0.29
N GLU C 253 20.05 2.08 -0.72
CA GLU C 253 20.45 0.66 -0.82
C GLU C 253 21.91 0.65 -1.26
N VAL C 254 22.70 -0.25 -0.67
CA VAL C 254 24.12 -0.36 -1.03
C VAL C 254 24.36 -1.82 -1.35
N VAL C 255 24.88 -2.07 -2.56
CA VAL C 255 25.13 -3.41 -3.04
C VAL C 255 26.55 -3.82 -2.65
N LEU C 256 26.63 -4.94 -1.93
CA LEU C 256 27.88 -5.51 -1.45
C LEU C 256 28.18 -6.80 -2.21
N GLY C 257 29.43 -6.94 -2.65
CA GLY C 257 29.78 -8.15 -3.38
C GLY C 257 31.28 -8.38 -3.34
N GLY C 258 31.76 -9.36 -4.10
CA GLY C 258 30.92 -10.16 -4.98
C GLY C 258 31.59 -11.50 -5.27
N THR C 259 31.00 -12.25 -6.17
CA THR C 259 31.57 -13.53 -6.61
C THR C 259 31.60 -13.57 -8.12
N MET C 260 32.45 -14.46 -8.63
CA MET C 260 32.75 -14.49 -10.07
C MET C 260 32.95 -15.97 -10.44
N GLU C 261 31.88 -16.73 -10.32
CA GLU C 261 31.94 -18.20 -10.49
C GLU C 261 31.59 -18.56 -11.94
N GLN C 262 32.63 -18.82 -12.74
CA GLN C 262 32.47 -19.13 -14.16
C GLN C 262 31.82 -20.50 -14.33
N GLY C 263 30.78 -20.57 -15.17
CA GLY C 263 30.08 -21.83 -15.43
C GLY C 263 29.12 -22.30 -14.35
N ASP C 264 28.93 -21.48 -13.31
CA ASP C 264 28.05 -21.83 -12.18
C ASP C 264 26.64 -21.34 -12.46
N TRP C 265 25.73 -22.29 -12.66
CA TRP C 265 24.36 -21.98 -13.05
C TRP C 265 23.37 -22.01 -11.88
N THR C 266 23.87 -22.07 -10.65
CA THR C 266 23.00 -22.06 -9.47
C THR C 266 22.37 -20.68 -9.27
N PRO C 267 21.02 -20.59 -9.33
CA PRO C 267 20.36 -19.26 -9.29
C PRO C 267 20.04 -18.74 -7.89
N TYR C 268 20.28 -19.56 -6.87
CA TYR C 268 19.87 -19.24 -5.52
C TYR C 268 21.06 -18.86 -4.65
N PRO C 269 20.85 -17.93 -3.70
CA PRO C 269 22.02 -17.53 -2.87
C PRO C 269 22.49 -18.61 -1.90
N ARG C 270 23.78 -18.59 -1.64
CA ARG C 270 24.43 -19.54 -0.72
C ARG C 270 24.69 -18.84 0.62
N ASP C 271 24.28 -19.47 1.72
CA ASP C 271 24.49 -18.88 3.06
C ASP C 271 25.94 -18.51 3.36
N GLU C 272 26.88 -19.38 3.00
CA GLU C 272 28.27 -19.12 3.32
C GLU C 272 28.79 -17.94 2.51
N THR C 273 28.19 -17.74 1.33
CA THR C 273 28.59 -16.62 0.48
C THR C 273 28.09 -15.30 1.04
N VAL C 274 26.90 -15.30 1.65
CA VAL C 274 26.43 -14.11 2.38
C VAL C 274 27.47 -13.70 3.42
N THR C 275 27.90 -14.66 4.26
CA THR C 275 28.90 -14.40 5.29
C THR C 275 30.20 -13.87 4.71
N ASP C 276 30.65 -14.52 3.63
CA ASP C 276 31.87 -14.13 2.91
C ASP C 276 31.79 -12.66 2.45
N ILE C 277 30.69 -12.30 1.80
CA ILE C 277 30.54 -10.94 1.26
C ILE C 277 30.53 -9.87 2.38
N LEU C 278 29.79 -10.11 3.45
CA LEU C 278 29.73 -9.12 4.53
C LEU C 278 31.10 -8.94 5.18
N THR C 279 31.79 -10.07 5.38
CA THR C 279 33.13 -10.08 5.98
C THR C 279 34.13 -9.26 5.14
N ARG C 280 34.15 -9.51 3.83
CA ARG C 280 35.04 -8.81 2.91
C ARG C 280 34.65 -7.35 2.75
N ALA C 281 33.34 -7.06 2.71
CA ALA C 281 32.89 -5.66 2.64
C ALA C 281 33.46 -4.83 3.78
N LEU C 282 33.40 -5.37 5.00
CA LEU C 282 33.94 -4.68 6.18
C LEU C 282 35.44 -4.45 6.10
N GLN C 283 36.16 -5.39 5.48
CA GLN C 283 37.61 -5.25 5.32
C GLN C 283 37.97 -4.04 4.49
N ILE C 284 37.28 -3.82 3.37
CA ILE C 284 37.69 -2.77 2.43
C ILE C 284 37.04 -1.42 2.73
N CYS C 285 35.99 -1.43 3.54
CA CYS C 285 35.21 -0.23 3.81
C CYS C 285 34.58 -0.33 5.21
N PRO C 286 35.37 -0.02 6.28
CA PRO C 286 34.83 -0.11 7.64
C PRO C 286 33.53 0.67 7.82
N ASP C 287 33.37 1.78 7.09
CA ASP C 287 32.19 2.62 7.26
C ASP C 287 30.89 2.05 6.68
N ILE C 288 30.95 0.90 6.01
CA ILE C 288 29.71 0.23 5.62
C ILE C 288 28.91 -0.19 6.87
N ALA C 289 29.62 -0.47 7.98
CA ALA C 289 28.92 -0.86 9.22
C ALA C 289 28.03 0.30 9.69
N PRO C 290 26.84 -0.03 10.25
CA PRO C 290 26.05 1.01 10.95
C PRO C 290 26.92 1.83 11.89
N PRO C 291 26.74 3.16 11.90
CA PRO C 291 27.63 4.01 12.69
C PRO C 291 27.79 3.57 14.14
N TYR C 292 26.70 3.12 14.78
CA TYR C 292 26.77 2.74 16.20
C TYR C 292 27.64 1.50 16.45
N ALA C 293 27.88 0.72 15.38
CA ALA C 293 28.60 -0.54 15.50
C ALA C 293 30.09 -0.45 15.16
N ARG C 294 30.56 0.73 14.77
CA ARG C 294 31.91 0.88 14.22
C ARG C 294 33.10 0.62 15.14
N SER C 295 32.87 0.67 16.45
CA SER C 295 33.93 0.39 17.44
C SER C 295 33.93 -1.05 17.92
N TRP C 296 32.91 -1.83 17.51
CA TRP C 296 32.79 -3.23 17.93
C TRP C 296 33.84 -4.15 17.31
N PRO C 297 34.11 -5.32 17.93
CA PRO C 297 34.95 -6.34 17.29
C PRO C 297 34.41 -6.76 15.94
N LYS C 298 35.30 -7.23 15.08
CA LYS C 298 34.97 -7.60 13.70
C LYS C 298 33.75 -8.51 13.54
N ASP C 299 33.65 -9.58 14.33
CA ASP C 299 32.49 -10.49 14.28
C ASP C 299 31.14 -9.87 14.61
N ASP C 300 31.12 -9.01 15.63
CA ASP C 300 29.92 -8.28 16.00
C ASP C 300 29.47 -7.34 14.89
N GLN C 301 30.43 -6.82 14.12
CA GLN C 301 30.10 -5.90 13.01
C GLN C 301 29.43 -6.62 11.86
N VAL C 302 29.84 -7.87 11.59
CA VAL C 302 29.14 -8.71 10.59
C VAL C 302 27.66 -8.85 10.99
N ALA C 303 27.42 -9.14 12.28
CA ALA C 303 26.06 -9.13 12.83
C ALA C 303 25.29 -7.80 12.63
N ALA C 304 25.97 -6.67 12.80
CA ALA C 304 25.36 -5.36 12.56
C ALA C 304 24.99 -5.21 11.07
N LEU C 305 25.84 -5.69 10.17
CA LEU C 305 25.48 -5.68 8.74
C LEU C 305 24.28 -6.57 8.43
N ARG C 306 24.22 -7.74 9.07
CA ARG C 306 23.07 -8.62 8.86
C ARG C 306 21.76 -7.92 9.22
N SER C 307 21.82 -7.09 10.26
CA SER C 307 20.64 -6.38 10.78
C SER C 307 20.08 -5.34 9.81
N ILE C 308 20.88 -4.95 8.81
CA ILE C 308 20.45 -3.95 7.81
C ILE C 308 20.34 -4.54 6.39
N VAL C 309 20.34 -5.85 6.29
CA VAL C 309 20.13 -6.51 4.98
C VAL C 309 18.71 -6.25 4.44
N VAL C 310 18.66 -5.81 3.19
CA VAL C 310 17.43 -5.62 2.46
C VAL C 310 17.07 -6.89 1.69
N ARG C 311 18.02 -7.41 0.92
CA ARG C 311 17.79 -8.65 0.16
C ARG C 311 19.12 -9.28 -0.20
N ASP C 312 19.08 -10.58 -0.51
CA ASP C 312 20.16 -11.30 -1.19
C ASP C 312 19.75 -11.44 -2.63
N ALA C 313 20.72 -11.46 -3.56
CA ALA C 313 20.39 -11.64 -4.97
C ALA C 313 21.52 -12.35 -5.68
N VAL C 314 21.17 -13.01 -6.78
CA VAL C 314 22.16 -13.75 -7.60
C VAL C 314 21.85 -13.39 -9.05
N GLY C 315 22.90 -13.22 -9.85
CA GLY C 315 22.71 -13.02 -11.29
C GLY C 315 23.76 -13.76 -12.08
N PHE C 316 23.44 -14.07 -13.33
CA PHE C 316 24.43 -14.66 -14.24
C PHE C 316 24.90 -13.57 -15.21
N ARG C 317 26.17 -13.20 -15.11
CA ARG C 317 26.77 -12.25 -16.06
C ARG C 317 26.82 -12.97 -17.41
N PRO C 318 26.41 -12.29 -18.51
CA PRO C 318 26.47 -12.93 -19.82
C PRO C 318 27.90 -12.85 -20.37
N SER C 319 28.78 -13.68 -19.82
CA SER C 319 30.19 -13.64 -20.24
C SER C 319 30.37 -14.28 -21.61
N ARG C 320 31.33 -13.74 -22.37
CA ARG C 320 31.64 -14.28 -23.68
C ARG C 320 33.13 -14.25 -23.91
N ALA C 321 33.65 -15.35 -24.43
CA ALA C 321 35.03 -15.44 -24.88
C ALA C 321 35.32 -14.30 -25.87
N GLY C 322 36.26 -13.42 -25.50
CA GLY C 322 36.58 -12.24 -26.31
C GLY C 322 35.71 -11.00 -26.09
N GLY C 323 34.81 -11.06 -25.12
CA GLY C 323 33.94 -9.91 -24.82
C GLY C 323 32.73 -9.86 -25.73
N ALA C 324 32.02 -8.74 -25.69
CA ALA C 324 30.72 -8.63 -26.35
C ALA C 324 30.81 -8.85 -27.85
N ARG C 325 29.76 -9.44 -28.39
CA ARG C 325 29.58 -9.53 -29.81
C ARG C 325 28.69 -8.35 -30.23
N VAL C 326 29.28 -7.42 -30.98
CA VAL C 326 28.54 -6.29 -31.54
C VAL C 326 28.87 -6.30 -33.03
N ALA C 327 27.95 -6.82 -33.83
CA ALA C 327 28.26 -7.19 -35.22
C ALA C 327 27.03 -7.32 -36.08
N LEU C 328 27.20 -6.96 -37.35
CA LEU C 328 26.20 -7.09 -38.38
C LEU C 328 26.27 -8.46 -39.02
N ALA C 329 25.12 -9.04 -39.26
CA ALA C 329 25.04 -10.32 -39.93
C ALA C 329 23.74 -10.42 -40.69
N SER C 330 23.51 -11.58 -41.28
CA SER C 330 22.27 -11.90 -41.95
C SER C 330 21.84 -13.27 -41.46
N ALA C 331 20.54 -13.40 -41.16
CA ALA C 331 19.99 -14.66 -40.69
C ALA C 331 18.49 -14.65 -40.88
N ALA C 332 17.97 -15.82 -41.26
CA ALA C 332 16.54 -16.06 -41.50
C ALA C 332 15.88 -14.97 -42.37
N GLY C 333 16.63 -14.45 -43.34
CA GLY C 333 16.14 -13.43 -44.28
C GLY C 333 16.07 -12.02 -43.71
N MET C 334 16.67 -11.81 -42.55
CA MET C 334 16.71 -10.49 -41.91
C MET C 334 18.12 -9.93 -41.84
N ARG C 335 18.20 -8.60 -41.80
CA ARG C 335 19.41 -7.89 -41.43
C ARG C 335 19.52 -7.98 -39.89
N VAL C 336 20.61 -8.53 -39.39
CA VAL C 336 20.72 -8.81 -37.96
C VAL C 336 21.87 -8.03 -37.37
N VAL C 337 21.63 -7.38 -36.23
CA VAL C 337 22.75 -6.83 -35.46
C VAL C 337 22.75 -7.52 -34.11
N TYR C 338 23.81 -8.27 -33.85
CA TYR C 338 24.04 -8.83 -32.51
C TYR C 338 24.62 -7.78 -31.59
N ASN C 339 24.17 -7.79 -30.33
CA ASN C 339 24.68 -6.87 -29.31
C ASN C 339 24.49 -7.59 -27.98
N TYR C 340 25.40 -8.52 -27.68
CA TYR C 340 25.24 -9.38 -26.51
C TYR C 340 26.57 -9.89 -26.00
N GLY C 341 26.56 -10.37 -24.76
CA GLY C 341 27.75 -10.98 -24.18
C GLY C 341 28.65 -9.97 -23.47
N HIS C 342 28.05 -9.03 -22.74
CA HIS C 342 28.79 -7.95 -22.09
C HIS C 342 29.42 -8.30 -20.74
N GLY C 343 29.25 -9.55 -20.28
CA GLY C 343 29.85 -10.01 -19.03
C GLY C 343 29.41 -9.13 -17.87
N GLY C 344 30.38 -8.75 -17.04
CA GLY C 344 30.16 -7.86 -15.91
C GLY C 344 30.26 -6.38 -16.23
N ALA C 345 30.07 -6.04 -17.50
CA ALA C 345 30.35 -4.68 -17.98
C ALA C 345 29.22 -4.07 -18.81
N GLY C 346 28.04 -4.69 -18.84
CA GLY C 346 26.93 -4.14 -19.64
C GLY C 346 26.47 -2.74 -19.27
N TRP C 347 26.40 -2.46 -17.98
CA TRP C 347 26.00 -1.11 -17.54
C TRP C 347 27.04 -0.05 -17.90
N GLN C 348 28.32 -0.39 -17.77
CA GLN C 348 29.39 0.61 -18.03
C GLN C 348 29.74 0.78 -19.52
N SER C 349 29.16 -0.05 -20.38
CA SER C 349 29.39 0.02 -21.83
C SER C 349 28.13 0.24 -22.67
N CYS C 350 26.95 0.23 -22.04
CA CYS C 350 25.68 0.13 -22.78
C CYS C 350 25.52 1.16 -23.92
N TRP C 351 25.69 2.44 -23.56
CA TRP C 351 25.45 3.50 -24.57
C TRP C 351 26.44 3.41 -25.71
N GLY C 352 27.71 3.14 -25.41
CA GLY C 352 28.75 2.94 -26.46
C GLY C 352 28.35 1.82 -27.42
N CYS C 353 28.01 0.66 -26.83
CA CYS C 353 27.52 -0.48 -27.62
C CYS C 353 26.27 -0.17 -28.44
N ALA C 354 25.30 0.54 -27.84
CA ALA C 354 24.04 0.85 -28.53
C ALA C 354 24.32 1.70 -29.79
N GLU C 355 25.25 2.64 -29.65
CA GLU C 355 25.56 3.55 -30.77
C GLU C 355 26.24 2.79 -31.89
N ASP C 356 27.17 1.91 -31.54
CA ASP C 356 27.77 1.02 -32.53
C ASP C 356 26.73 0.13 -33.23
N ALA C 357 25.80 -0.43 -32.46
CA ALA C 357 24.79 -1.34 -33.01
C ALA C 357 23.92 -0.63 -34.03
N VAL C 358 23.45 0.57 -33.68
CA VAL C 358 22.60 1.39 -34.58
C VAL C 358 23.39 1.77 -35.84
N ALA C 359 24.64 2.18 -35.68
CA ALA C 359 25.52 2.47 -36.82
C ALA C 359 25.71 1.27 -37.75
N LEU C 360 25.89 0.09 -37.19
CA LEU C 360 26.00 -1.10 -38.00
C LEU C 360 24.73 -1.36 -38.81
N TRP C 361 23.58 -1.18 -38.17
CA TRP C 361 22.34 -1.42 -38.86
C TRP C 361 22.12 -0.38 -39.96
N ALA C 362 22.47 0.87 -39.68
CA ALA C 362 22.22 1.97 -40.62
C ALA C 362 23.15 1.82 -41.82
N SER D 4 -18.15 38.62 4.72
CA SER D 4 -16.86 39.17 5.25
C SER D 4 -16.65 38.83 6.72
N ASP D 5 -17.72 38.85 7.52
CA ASP D 5 -17.69 38.25 8.86
C ASP D 5 -17.86 36.74 8.70
N PRO D 6 -17.03 35.94 9.39
CA PRO D 6 -17.12 34.49 9.16
C PRO D 6 -18.35 33.85 9.78
N ILE D 7 -18.86 32.83 9.09
CA ILE D 7 -19.93 31.99 9.60
C ILE D 7 -19.32 30.64 9.93
N ILE D 8 -19.49 30.22 11.17
CA ILE D 8 -18.88 28.98 11.69
C ILE D 8 -19.87 27.83 11.63
N VAL D 9 -19.44 26.70 11.06
CA VAL D 9 -20.13 25.43 11.26
C VAL D 9 -19.23 24.67 12.24
N LEU D 10 -19.74 24.44 13.43
CA LEU D 10 -18.99 23.72 14.44
C LEU D 10 -19.41 22.27 14.40
N GLY D 11 -18.54 21.43 13.84
CA GLY D 11 -18.81 19.99 13.75
C GLY D 11 -18.68 19.47 12.33
N ALA D 12 -18.02 18.31 12.20
CA ALA D 12 -17.79 17.67 10.91
C ALA D 12 -18.27 16.21 10.92
N GLY D 13 -19.31 15.96 11.70
CA GLY D 13 -20.11 14.75 11.54
C GLY D 13 -21.12 14.95 10.42
N VAL D 14 -22.03 14.00 10.27
CA VAL D 14 -23.02 14.08 9.21
C VAL D 14 -23.88 15.36 9.32
N ILE D 15 -24.17 15.76 10.55
CA ILE D 15 -25.05 16.91 10.80
C ILE D 15 -24.37 18.21 10.38
N GLY D 16 -23.13 18.43 10.85
CA GLY D 16 -22.33 19.59 10.45
C GLY D 16 -22.08 19.66 8.96
N LEU D 17 -21.71 18.54 8.35
CA LEU D 17 -21.37 18.59 6.94
C LEU D 17 -22.58 18.83 6.02
N THR D 18 -23.73 18.20 6.32
CA THR D 18 -24.97 18.52 5.58
C THR D 18 -25.41 20.00 5.76
N THR D 19 -25.29 20.50 6.99
CA THR D 19 -25.59 21.91 7.29
C THR D 19 -24.71 22.82 6.45
N ALA D 20 -23.41 22.54 6.45
CA ALA D 20 -22.47 23.32 5.66
C ALA D 20 -22.77 23.30 4.17
N VAL D 21 -23.14 22.12 3.64
CA VAL D 21 -23.48 22.00 2.21
C VAL D 21 -24.69 22.89 1.85
N ARG D 22 -25.74 22.78 2.65
CA ARG D 22 -26.97 23.54 2.40
C ARG D 22 -26.72 25.03 2.58
N LEU D 23 -25.87 25.37 3.55
CA LEU D 23 -25.48 26.78 3.81
C LEU D 23 -24.83 27.39 2.57
N LEU D 24 -23.83 26.70 2.05
CA LEU D 24 -23.06 27.17 0.90
C LEU D 24 -23.85 27.14 -0.40
N GLU D 25 -24.79 26.21 -0.54
CA GLU D 25 -25.63 26.14 -1.73
C GLU D 25 -26.67 27.27 -1.77
N ALA D 26 -27.15 27.67 -0.59
CA ALA D 26 -28.14 28.75 -0.46
C ALA D 26 -27.50 30.12 -0.69
N HIS D 27 -26.25 30.25 -0.27
CA HIS D 27 -25.54 31.52 -0.28
C HIS D 27 -24.16 31.27 -0.84
N LEU D 28 -24.08 31.26 -2.16
CA LEU D 28 -22.84 30.96 -2.88
C LEU D 28 -21.77 32.00 -2.56
N GLY D 29 -20.56 31.51 -2.29
CA GLY D 29 -19.44 32.39 -1.96
C GLY D 29 -19.35 32.90 -0.53
N ALA D 30 -20.31 32.50 0.32
CA ALA D 30 -20.33 32.91 1.74
C ALA D 30 -19.06 32.49 2.48
N ASN D 31 -18.71 33.25 3.52
CA ASN D 31 -17.46 33.06 4.25
C ASN D 31 -17.61 32.04 5.38
N VAL D 32 -17.52 30.77 4.99
CA VAL D 32 -17.84 29.66 5.88
C VAL D 32 -16.57 28.93 6.31
N HIS D 33 -16.46 28.76 7.63
CA HIS D 33 -15.34 28.04 8.26
C HIS D 33 -15.89 26.89 9.09
N ILE D 34 -15.48 25.66 8.73
CA ILE D 34 -15.91 24.47 9.47
C ILE D 34 -14.82 24.07 10.47
N LEU D 35 -15.16 24.12 11.76
CA LEU D 35 -14.23 23.73 12.83
C LEU D 35 -14.69 22.43 13.47
N ALA D 36 -13.75 21.49 13.65
CA ALA D 36 -14.05 20.22 14.33
C ALA D 36 -12.79 19.56 14.87
N ASP D 37 -12.93 18.86 15.99
CA ASP D 37 -11.80 18.15 16.55
C ASP D 37 -11.72 16.68 16.09
N HIS D 38 -12.73 16.22 15.35
CA HIS D 38 -12.71 14.90 14.70
C HIS D 38 -13.32 15.05 13.31
N TRP D 39 -12.59 14.55 12.30
CA TRP D 39 -12.99 14.61 10.89
C TRP D 39 -13.31 13.21 10.37
N PRO D 40 -14.14 13.08 9.31
CA PRO D 40 -14.65 11.76 8.90
C PRO D 40 -13.57 10.72 8.63
N SER D 41 -12.47 11.11 7.98
CA SER D 41 -11.41 10.13 7.65
C SER D 41 -10.46 9.78 8.81
N ASP D 42 -10.62 10.43 9.97
CA ASP D 42 -9.87 10.04 11.16
C ASP D 42 -10.20 8.60 11.56
N ALA D 43 -9.29 7.98 12.31
CA ALA D 43 -9.49 6.65 12.89
C ALA D 43 -10.79 6.66 13.70
N LEU D 44 -11.52 5.54 13.66
CA LEU D 44 -12.77 5.42 14.39
C LEU D 44 -12.60 5.71 15.88
N ASP D 45 -13.58 6.40 16.44
CA ASP D 45 -13.58 6.79 17.84
C ASP D 45 -15.02 6.72 18.30
N ALA D 46 -15.23 6.11 19.46
CA ALA D 46 -16.56 5.93 20.04
C ALA D 46 -17.28 7.26 20.24
N GLN D 47 -16.51 8.33 20.45
CA GLN D 47 -17.05 9.67 20.61
C GLN D 47 -17.56 10.33 19.34
N TYR D 48 -17.15 9.82 18.18
CA TYR D 48 -17.61 10.39 16.91
C TYR D 48 -18.63 9.42 16.32
N ALA D 49 -19.90 9.78 16.41
CA ALA D 49 -20.96 8.83 16.04
C ALA D 49 -21.09 8.52 14.55
N SER D 50 -20.77 9.49 13.70
CA SER D 50 -21.18 9.45 12.30
C SER D 50 -20.57 8.30 11.50
N THR D 51 -19.34 7.90 11.83
CA THR D 51 -18.70 6.76 11.15
C THR D 51 -18.86 5.45 11.90
N ILE D 52 -19.46 5.48 13.09
CA ILE D 52 -19.79 4.25 13.80
C ILE D 52 -21.11 3.68 13.27
N ALA D 53 -21.99 4.57 12.85
CA ALA D 53 -23.35 4.22 12.38
C ALA D 53 -23.36 3.19 11.24
N GLY D 54 -24.45 2.41 11.18
CA GLY D 54 -24.64 1.37 10.15
C GLY D 54 -24.29 1.77 8.74
N ALA D 55 -25.00 2.74 8.14
CA ALA D 55 -26.25 3.31 8.65
C ALA D 55 -27.37 2.90 7.72
N HIS D 56 -28.58 2.71 8.26
CA HIS D 56 -29.73 2.54 7.38
C HIS D 56 -30.75 3.66 7.56
N HIS D 57 -31.58 3.87 6.53
CA HIS D 57 -32.74 4.73 6.68
C HIS D 57 -33.91 3.88 7.13
N LEU D 58 -34.12 3.87 8.45
CA LEU D 58 -35.23 3.16 9.06
C LEU D 58 -35.85 4.06 10.13
N SER D 59 -36.79 4.88 9.68
CA SER D 59 -37.41 5.92 10.54
C SER D 59 -37.92 5.40 11.88
N PHE D 60 -37.72 6.19 12.93
CA PHE D 60 -38.34 5.95 14.23
C PHE D 60 -39.49 6.93 14.51
N ALA D 61 -39.90 7.70 13.49
CA ALA D 61 -40.82 8.81 13.70
C ALA D 61 -42.22 8.32 14.06
N ASP D 62 -42.67 8.67 15.28
CA ASP D 62 -44.04 8.43 15.71
C ASP D 62 -45.04 9.00 14.71
N ASP D 63 -46.18 8.31 14.55
CA ASP D 63 -47.25 8.77 13.66
C ASP D 63 -47.59 10.25 13.88
N GLY D 64 -47.59 10.68 15.15
CA GLY D 64 -47.90 12.07 15.51
C GLY D 64 -46.71 13.00 15.68
N ASP D 65 -45.52 12.56 15.30
CA ASP D 65 -44.32 13.41 15.33
C ASP D 65 -44.12 14.02 13.94
N ALA D 66 -44.83 15.11 13.65
CA ALA D 66 -44.84 15.73 12.34
C ALA D 66 -43.42 16.10 11.88
N ARG D 67 -42.64 16.68 12.79
CA ARG D 67 -41.30 17.19 12.48
C ARG D 67 -40.36 16.05 12.04
N GLN D 68 -40.32 14.99 12.83
CA GLN D 68 -39.46 13.85 12.53
C GLN D 68 -39.86 13.16 11.23
N ARG D 69 -41.18 12.99 11.02
CA ARG D 69 -41.67 12.41 9.77
C ARG D 69 -41.26 13.25 8.58
N ARG D 70 -41.36 14.59 8.70
CA ARG D 70 -40.99 15.50 7.62
C ARG D 70 -39.50 15.39 7.33
N TRP D 71 -38.70 15.42 8.41
CA TRP D 71 -37.23 15.33 8.31
C TRP D 71 -36.79 14.02 7.67
N ASP D 72 -37.32 12.92 8.21
CA ASP D 72 -36.98 11.57 7.72
C ASP D 72 -37.34 11.37 6.25
N MET D 73 -38.54 11.79 5.86
CA MET D 73 -38.93 11.65 4.45
C MET D 73 -38.23 12.59 3.48
N ARG D 74 -37.90 13.80 3.92
CA ARG D 74 -37.14 14.74 3.10
C ARG D 74 -35.75 14.16 2.85
N THR D 75 -35.17 13.61 3.90
CA THR D 75 -33.81 13.03 3.86
C THR D 75 -33.82 11.82 2.96
N PHE D 76 -34.86 11.00 3.07
CA PHE D 76 -35.02 9.88 2.14
C PHE D 76 -35.07 10.34 0.68
N ASP D 77 -35.88 11.37 0.41
CA ASP D 77 -36.01 11.90 -0.94
C ASP D 77 -34.65 12.33 -1.50
N VAL D 78 -33.90 13.08 -0.69
CA VAL D 78 -32.59 13.59 -1.09
C VAL D 78 -31.62 12.43 -1.38
N LEU D 79 -31.54 11.47 -0.45
CA LEU D 79 -30.64 10.30 -0.62
C LEU D 79 -31.04 9.41 -1.79
N TYR D 80 -32.35 9.16 -1.92
CA TYR D 80 -32.86 8.33 -3.02
C TYR D 80 -32.60 8.96 -4.37
N ASP D 81 -32.87 10.27 -4.47
CA ASP D 81 -32.52 11.00 -5.70
C ASP D 81 -31.03 10.94 -6.01
N GLU D 82 -30.20 11.02 -4.98
CA GLU D 82 -28.76 10.92 -5.17
C GLU D 82 -28.39 9.54 -5.70
N TRP D 83 -28.93 8.49 -5.08
CA TRP D 83 -28.71 7.12 -5.56
C TRP D 83 -29.19 6.93 -7.01
N LYS D 84 -30.31 7.55 -7.40
CA LYS D 84 -30.74 7.50 -8.81
C LYS D 84 -29.77 8.20 -9.76
N ALA D 85 -29.08 9.23 -9.27
CA ALA D 85 -28.16 9.99 -10.08
C ALA D 85 -26.78 9.34 -10.20
N VAL D 86 -26.27 8.77 -9.10
CA VAL D 86 -24.88 8.30 -9.04
C VAL D 86 -24.68 6.83 -8.62
N GLY D 87 -25.78 6.15 -8.30
CA GLY D 87 -25.73 4.77 -7.81
C GLY D 87 -25.00 4.73 -6.49
N GLU D 88 -24.01 3.83 -6.41
CA GLU D 88 -23.30 3.58 -5.15
C GLU D 88 -22.01 4.41 -4.99
N ARG D 89 -21.79 5.36 -5.90
CA ARG D 89 -20.55 6.16 -5.97
C ARG D 89 -20.22 6.86 -4.66
N THR D 90 -21.24 7.35 -3.97
CA THR D 90 -21.06 8.04 -2.71
C THR D 90 -21.45 7.19 -1.50
N GLY D 91 -21.59 5.87 -1.69
CA GLY D 91 -21.80 4.97 -0.56
C GLY D 91 -23.24 4.58 -0.27
N LEU D 92 -24.15 4.95 -1.16
CA LEU D 92 -25.57 4.67 -1.01
C LEU D 92 -25.96 3.37 -1.69
N MET D 93 -26.85 2.61 -1.06
CA MET D 93 -27.37 1.38 -1.68
C MET D 93 -28.85 1.22 -1.37
N ALA D 94 -29.69 1.29 -2.42
CA ALA D 94 -31.11 0.98 -2.26
C ALA D 94 -31.23 -0.51 -1.98
N LEU D 95 -32.18 -0.84 -1.12
CA LEU D 95 -32.42 -2.22 -0.76
C LEU D 95 -33.82 -2.40 -0.27
N THR D 96 -34.24 -3.66 -0.18
CA THR D 96 -35.45 -4.01 0.51
C THR D 96 -35.15 -4.13 1.99
N GLN D 97 -35.84 -3.31 2.80
CA GLN D 97 -35.77 -3.38 4.25
C GLN D 97 -36.96 -4.15 4.79
N THR D 98 -36.70 -5.17 5.61
CA THR D 98 -37.74 -5.94 6.25
C THR D 98 -37.69 -5.66 7.74
N GLU D 99 -38.79 -5.18 8.30
CA GLU D 99 -38.88 -5.03 9.75
C GLU D 99 -39.86 -6.00 10.36
N MET D 100 -39.44 -6.61 11.46
CA MET D 100 -40.22 -7.58 12.25
C MET D 100 -40.43 -7.00 13.62
N TRP D 101 -41.64 -7.19 14.15
CA TRP D 101 -41.95 -6.78 15.52
C TRP D 101 -42.27 -7.98 16.38
N GLU D 102 -41.69 -8.00 17.57
CA GLU D 102 -41.98 -9.01 18.57
C GLU D 102 -42.96 -8.45 19.63
N GLY D 103 -44.23 -8.34 19.24
CA GLY D 103 -45.30 -7.84 20.12
C GLY D 103 -46.33 -6.95 19.45
N ALA D 104 -45.84 -5.99 18.66
CA ALA D 104 -46.69 -4.98 17.99
C ALA D 104 -47.50 -5.56 16.83
N THR D 105 -48.66 -4.96 16.56
CA THR D 105 -49.54 -5.40 15.48
C THR D 105 -49.75 -4.32 14.41
N SER D 106 -48.90 -3.31 14.47
CA SER D 106 -48.93 -2.18 13.53
C SER D 106 -47.51 -1.73 13.23
N HIS D 107 -47.35 -1.06 12.10
CA HIS D 107 -46.10 -0.43 11.71
C HIS D 107 -46.29 1.08 11.79
N LEU D 108 -45.19 1.82 11.76
CA LEU D 108 -45.27 3.28 11.68
C LEU D 108 -45.77 3.73 10.32
N ALA D 109 -46.68 4.70 10.33
CA ALA D 109 -47.29 5.27 9.11
C ALA D 109 -46.26 5.84 8.12
N VAL D 110 -45.17 6.40 8.66
CA VAL D 110 -44.10 7.00 7.87
C VAL D 110 -43.55 6.03 6.81
N TYR D 111 -43.49 4.74 7.15
CA TYR D 111 -42.99 3.69 6.23
C TYR D 111 -43.75 3.59 4.90
N GLU D 112 -45.04 3.94 4.94
CA GLU D 112 -45.91 3.91 3.75
C GLU D 112 -45.55 4.94 2.68
N GLY D 113 -44.70 5.90 3.03
CA GLY D 113 -44.15 6.86 2.07
C GLY D 113 -43.00 6.33 1.23
N ASN D 114 -42.39 5.22 1.65
CA ASN D 114 -41.29 4.58 0.91
C ASN D 114 -41.81 3.79 -0.29
N PRO D 115 -41.01 3.62 -1.35
CA PRO D 115 -41.43 2.78 -2.48
C PRO D 115 -41.61 1.33 -2.07
N ASP D 116 -42.48 0.63 -2.80
CA ASP D 116 -42.69 -0.82 -2.65
C ASP D 116 -43.10 -1.23 -1.24
N PHE D 117 -43.90 -0.40 -0.57
CA PHE D 117 -44.34 -0.78 0.78
C PHE D 117 -45.29 -1.96 0.71
N ARG D 118 -45.12 -2.89 1.64
CA ARG D 118 -46.02 -4.06 1.76
C ARG D 118 -45.98 -4.64 3.15
N VAL D 119 -47.15 -5.07 3.62
CA VAL D 119 -47.29 -5.82 4.86
C VAL D 119 -47.10 -7.28 4.48
N LEU D 120 -46.32 -7.99 5.32
CA LEU D 120 -45.94 -9.37 5.06
C LEU D 120 -46.62 -10.31 6.03
N ASP D 121 -46.50 -11.62 5.76
CA ASP D 121 -47.03 -12.64 6.66
C ASP D 121 -46.02 -12.83 7.79
N PRO D 122 -46.38 -12.45 9.05
CA PRO D 122 -45.41 -12.56 10.16
C PRO D 122 -45.06 -14.00 10.52
N ARG D 123 -45.87 -14.95 10.07
CA ARG D 123 -45.55 -16.37 10.21
C ARG D 123 -44.30 -16.79 9.44
N THR D 124 -43.93 -16.01 8.42
CA THR D 124 -42.80 -16.34 7.54
C THR D 124 -41.45 -15.85 8.10
N ALA D 125 -41.49 -15.13 9.22
CA ALA D 125 -40.26 -14.65 9.88
C ALA D 125 -39.44 -15.86 10.33
N PRO D 126 -38.09 -15.76 10.25
CA PRO D 126 -37.30 -16.94 10.61
C PRO D 126 -37.19 -17.20 12.12
N CYS D 127 -37.53 -16.19 12.91
CA CYS D 127 -37.45 -16.25 14.37
C CYS D 127 -38.86 -16.28 14.97
N SER D 128 -38.95 -16.69 16.23
CA SER D 128 -40.26 -16.88 16.88
C SER D 128 -40.88 -15.60 17.44
N ASN D 129 -42.19 -15.65 17.68
CA ASN D 129 -42.97 -14.58 18.32
C ASN D 129 -43.03 -13.26 17.57
N ILE D 130 -42.93 -13.33 16.25
CA ILE D 130 -43.13 -12.16 15.41
C ILE D 130 -44.61 -12.00 15.13
N THR D 131 -45.12 -10.79 15.35
CA THR D 131 -46.56 -10.48 15.32
C THR D 131 -46.94 -9.49 14.23
N HIS D 132 -45.96 -8.75 13.73
CA HIS D 132 -46.15 -7.85 12.60
C HIS D 132 -44.86 -7.81 11.81
N MET D 133 -44.98 -7.70 10.49
CA MET D 133 -43.82 -7.67 9.61
C MET D 133 -44.15 -6.91 8.33
N VAL D 134 -43.21 -6.06 7.91
CA VAL D 134 -43.37 -5.27 6.69
C VAL D 134 -42.08 -5.26 5.90
N SER D 135 -42.17 -4.89 4.63
CA SER D 135 -40.98 -4.50 3.89
C SER D 135 -41.26 -3.28 3.04
N PHE D 136 -40.19 -2.58 2.66
CA PHE D 136 -40.26 -1.44 1.76
C PHE D 136 -38.85 -1.17 1.23
N THR D 137 -38.79 -0.43 0.14
CA THR D 137 -37.52 0.01 -0.41
C THR D 137 -36.96 1.16 0.45
N SER D 138 -35.70 0.99 0.84
CA SER D 138 -35.01 2.04 1.58
C SER D 138 -33.57 2.08 1.13
N LEU D 139 -32.69 2.64 1.97
CA LEU D 139 -31.29 2.83 1.61
C LEU D 139 -30.41 2.55 2.80
N THR D 140 -29.22 2.02 2.50
CA THR D 140 -28.14 2.08 3.47
C THR D 140 -27.05 3.03 2.98
N ILE D 141 -26.21 3.42 3.93
CA ILE D 141 -25.10 4.34 3.70
C ILE D 141 -23.83 3.77 4.31
N ALA D 142 -22.76 3.73 3.52
CA ALA D 142 -21.41 3.49 4.05
C ALA D 142 -20.88 4.87 4.51
N PRO D 143 -20.93 5.16 5.83
CA PRO D 143 -20.79 6.56 6.25
C PRO D 143 -19.44 7.17 5.93
N THR D 144 -18.38 6.36 5.96
CA THR D 144 -17.06 6.89 5.63
C THR D 144 -17.01 7.42 4.21
N VAL D 145 -17.60 6.68 3.27
CA VAL D 145 -17.64 7.06 1.86
C VAL D 145 -18.51 8.29 1.66
N TYR D 146 -19.70 8.28 2.29
CA TYR D 146 -20.63 9.41 2.14
C TYR D 146 -20.06 10.69 2.74
N LEU D 147 -19.45 10.59 3.91
CA LEU D 147 -18.86 11.76 4.58
C LEU D 147 -17.67 12.27 3.79
N ALA D 148 -16.92 11.37 3.15
CA ALA D 148 -15.82 11.83 2.29
C ALA D 148 -16.35 12.64 1.12
N ALA D 149 -17.50 12.23 0.56
CA ALA D 149 -18.13 12.97 -0.54
C ALA D 149 -18.62 14.35 -0.07
N LEU D 150 -19.18 14.40 1.13
CA LEU D 150 -19.62 15.67 1.72
C LEU D 150 -18.44 16.60 1.95
N GLU D 151 -17.33 16.04 2.44
CA GLU D 151 -16.13 16.83 2.68
C GLU D 151 -15.59 17.45 1.39
N ALA D 152 -15.54 16.64 0.32
CA ALA D 152 -15.15 17.12 -1.00
C ALA D 152 -16.10 18.20 -1.53
N ARG D 153 -17.39 18.04 -1.27
CA ARG D 153 -18.44 18.98 -1.69
C ARG D 153 -18.27 20.34 -1.02
N VAL D 154 -18.10 20.35 0.31
CA VAL D 154 -17.91 21.61 1.05
C VAL D 154 -16.64 22.35 0.61
N ARG D 155 -15.58 21.59 0.31
CA ARG D 155 -14.34 22.17 -0.26
C ARG D 155 -14.59 22.84 -1.60
N ASP D 156 -15.26 22.12 -2.51
CA ASP D 156 -15.62 22.64 -3.83
C ASP D 156 -16.56 23.86 -3.74
N LEU D 157 -17.37 23.93 -2.69
CA LEU D 157 -18.26 25.10 -2.50
C LEU D 157 -17.56 26.27 -1.81
N GLY D 158 -16.27 26.09 -1.50
CA GLY D 158 -15.42 27.16 -0.93
C GLY D 158 -15.32 27.24 0.59
N ALA D 159 -15.76 26.22 1.32
CA ALA D 159 -15.59 26.20 2.78
C ALA D 159 -14.11 26.09 3.15
N LYS D 160 -13.72 26.77 4.22
CA LYS D 160 -12.41 26.59 4.85
C LYS D 160 -12.56 25.59 6.01
N LEU D 161 -11.70 24.58 6.03
CA LEU D 161 -11.79 23.49 7.01
C LEU D 161 -10.67 23.59 8.03
N HIS D 162 -10.99 23.46 9.30
CA HIS D 162 -10.00 23.58 10.38
C HIS D 162 -10.17 22.50 11.43
N ARG D 163 -9.04 21.93 11.85
CA ARG D 163 -9.00 21.00 12.96
C ARG D 163 -8.74 21.83 14.21
N ALA D 164 -9.74 21.92 15.08
CA ALA D 164 -9.68 22.79 16.23
C ALA D 164 -10.71 22.34 17.25
N HIS D 165 -10.32 22.45 18.52
CA HIS D 165 -11.26 22.24 19.61
C HIS D 165 -11.80 23.58 20.11
N VAL D 166 -13.13 23.66 20.22
CA VAL D 166 -13.82 24.87 20.70
C VAL D 166 -14.24 24.64 22.15
N PRO D 167 -13.55 25.29 23.12
CA PRO D 167 -13.90 25.05 24.54
C PRO D 167 -15.24 25.66 24.98
N SER D 168 -15.67 26.74 24.33
CA SER D 168 -16.94 27.40 24.60
C SER D 168 -17.29 28.22 23.38
N LEU D 169 -18.57 28.54 23.19
CA LEU D 169 -19.00 29.33 22.06
C LEU D 169 -18.39 30.73 22.09
N GLY D 170 -18.26 31.30 23.28
CA GLY D 170 -17.59 32.60 23.50
C GLY D 170 -16.15 32.62 22.99
N ALA D 171 -15.46 31.49 23.11
CA ALA D 171 -14.08 31.35 22.61
C ALA D 171 -13.98 31.64 21.11
N LEU D 172 -15.04 31.34 20.36
CA LEU D 172 -15.03 31.65 18.91
C LEU D 172 -14.75 33.11 18.60
N ARG D 173 -15.20 34.01 19.48
CA ARG D 173 -15.02 35.44 19.27
C ARG D 173 -13.77 36.01 19.96
N THR D 174 -13.28 35.31 20.98
CA THR D 174 -12.27 35.88 21.91
C THR D 174 -10.94 35.13 21.98
N ASP D 175 -10.91 33.86 21.59
CA ASP D 175 -9.71 33.03 21.74
C ASP D 175 -8.74 33.23 20.56
N PRO D 176 -7.51 33.72 20.83
CA PRO D 176 -6.54 33.99 19.76
C PRO D 176 -6.25 32.75 18.91
N ALA D 177 -6.28 31.57 19.54
CA ALA D 177 -6.03 30.28 18.83
C ALA D 177 -7.09 30.00 17.77
N LEU D 178 -8.33 30.43 18.05
CA LEU D 178 -9.41 30.27 17.08
C LEU D 178 -9.50 31.46 16.11
N LEU D 179 -9.32 32.67 16.64
CA LEU D 179 -9.29 33.85 15.77
C LEU D 179 -8.26 33.78 14.65
N ALA D 180 -7.13 33.10 14.88
CA ALA D 180 -6.12 32.93 13.83
C ALA D 180 -6.65 32.19 12.58
N LEU D 181 -7.72 31.42 12.76
CA LEU D 181 -8.28 30.63 11.66
C LEU D 181 -9.09 31.47 10.68
N TYR D 182 -9.87 32.42 11.20
CA TYR D 182 -10.82 33.20 10.38
C TYR D 182 -10.73 34.72 10.57
N THR D 183 -9.78 35.17 11.40
CA THR D 183 -9.38 36.58 11.58
C THR D 183 -10.35 37.42 12.40
N ARG D 184 -11.59 37.53 11.92
CA ARG D 184 -12.59 38.40 12.55
C ARG D 184 -13.52 37.60 13.46
N PRO D 185 -14.01 38.21 14.57
CA PRO D 185 -15.02 37.53 15.39
C PRO D 185 -16.22 37.12 14.53
N PRO D 186 -16.65 35.85 14.64
CA PRO D 186 -17.74 35.35 13.78
C PRO D 186 -19.06 36.07 14.06
N ALA D 187 -19.85 36.22 13.00
CA ALA D 187 -21.22 36.73 13.09
C ALA D 187 -22.19 35.65 13.59
N ALA D 188 -21.89 34.39 13.28
CA ALA D 188 -22.85 33.29 13.47
C ALA D 188 -22.14 31.96 13.65
N VAL D 189 -22.76 31.05 14.40
CA VAL D 189 -22.29 29.66 14.54
C VAL D 189 -23.46 28.67 14.47
N PHE D 190 -23.30 27.67 13.59
CA PHE D 190 -24.17 26.49 13.57
C PHE D 190 -23.52 25.47 14.47
N VAL D 191 -24.19 25.17 15.57
CA VAL D 191 -23.65 24.30 16.58
C VAL D 191 -24.11 22.86 16.27
N CYS D 192 -23.26 22.16 15.53
CA CYS D 192 -23.53 20.77 15.16
C CYS D 192 -22.53 19.84 15.85
N ALA D 193 -22.44 19.97 17.17
CA ALA D 193 -21.43 19.30 17.96
C ALA D 193 -21.82 17.90 18.43
N GLY D 194 -22.96 17.38 17.99
CA GLY D 194 -23.43 16.08 18.47
C GLY D 194 -23.45 16.04 19.99
N LEU D 195 -22.99 14.93 20.57
CA LEU D 195 -23.00 14.76 22.03
C LEU D 195 -22.07 15.76 22.73
N GLY D 196 -21.11 16.26 21.96
CA GLY D 196 -20.19 17.32 22.39
C GLY D 196 -20.87 18.64 22.74
N ALA D 197 -22.08 18.87 22.23
CA ALA D 197 -22.90 20.04 22.60
C ALA D 197 -23.12 20.19 24.11
N ARG D 198 -23.00 19.09 24.86
CA ARG D 198 -23.20 19.11 26.32
C ARG D 198 -22.20 20.02 27.05
N HIS D 199 -21.08 20.31 26.41
CA HIS D 199 -20.04 21.18 26.98
C HIS D 199 -20.17 22.63 26.51
N LEU D 200 -21.17 22.88 25.66
CA LEU D 200 -21.30 24.15 24.95
C LEU D 200 -22.60 24.91 25.20
N VAL D 201 -23.51 24.29 25.94
CA VAL D 201 -24.84 24.85 26.20
C VAL D 201 -25.07 24.98 27.73
N PRO D 202 -25.99 25.89 28.16
CA PRO D 202 -26.29 26.03 29.61
C PRO D 202 -26.83 24.74 30.25
N ALA D 203 -26.63 24.63 31.57
CA ALA D 203 -26.95 23.42 32.36
C ALA D 203 -28.35 22.77 32.17
N PRO D 204 -29.43 23.57 31.99
CA PRO D 204 -30.72 22.92 31.65
C PRO D 204 -30.71 22.20 30.30
N GLU D 205 -30.18 22.85 29.27
CA GLU D 205 -30.06 22.23 27.95
C GLU D 205 -29.04 21.09 27.90
N ALA D 206 -27.99 21.17 28.72
CA ALA D 206 -26.98 20.10 28.81
C ALA D 206 -27.52 18.81 29.46
N ALA D 207 -28.43 18.98 30.43
CA ALA D 207 -29.05 17.85 31.13
C ALA D 207 -30.00 17.04 30.24
N ALA D 208 -30.47 17.64 29.16
CA ALA D 208 -31.33 16.98 28.16
C ALA D 208 -30.57 15.92 27.34
N LEU D 209 -29.24 16.05 27.30
CA LEU D 209 -28.37 15.16 26.50
C LEU D 209 -27.83 13.99 27.29
N PHE D 210 -27.76 12.84 26.65
CA PHE D 210 -27.20 11.64 27.26
C PHE D 210 -26.75 10.67 26.15
N PRO D 211 -25.75 9.83 26.43
CA PRO D 211 -25.40 8.83 25.41
C PRO D 211 -26.39 7.67 25.44
N THR D 212 -26.73 7.14 24.27
CA THR D 212 -27.28 5.80 24.20
C THR D 212 -26.22 5.01 23.45
N ARG D 213 -25.46 4.24 24.22
CA ARG D 213 -24.34 3.45 23.70
C ARG D 213 -24.84 2.37 22.75
N GLY D 214 -24.19 2.20 21.61
CA GLY D 214 -24.49 1.07 20.73
C GLY D 214 -23.23 0.37 20.32
N GLN D 215 -23.21 -0.95 20.49
CA GLN D 215 -22.10 -1.76 20.01
C GLN D 215 -22.56 -2.49 18.76
N VAL D 216 -21.65 -2.61 17.79
CA VAL D 216 -21.94 -3.33 16.54
C VAL D 216 -20.82 -4.31 16.21
N VAL D 217 -21.12 -5.31 15.38
CA VAL D 217 -20.08 -6.17 14.81
C VAL D 217 -20.14 -6.00 13.31
N VAL D 218 -19.00 -5.70 12.68
CA VAL D 218 -18.96 -5.61 11.22
C VAL D 218 -18.40 -6.90 10.66
N VAL D 219 -19.15 -7.51 9.74
CA VAL D 219 -18.71 -8.72 9.03
C VAL D 219 -18.53 -8.49 7.54
N ARG D 220 -17.72 -9.34 6.90
CA ARG D 220 -17.60 -9.29 5.45
C ARG D 220 -18.57 -10.30 4.87
N ALA D 221 -19.72 -9.80 4.41
CA ALA D 221 -20.79 -10.68 3.93
C ALA D 221 -21.46 -10.07 2.69
N PRO D 222 -20.72 -10.03 1.55
CA PRO D 222 -21.24 -9.34 0.37
C PRO D 222 -22.40 -10.06 -0.31
N TRP D 223 -22.70 -11.29 0.15
CA TRP D 223 -23.93 -11.98 -0.26
C TRP D 223 -25.21 -11.36 0.28
N MET D 224 -25.07 -10.49 1.28
CA MET D 224 -26.20 -9.86 1.95
C MET D 224 -26.38 -8.44 1.43
N ARG D 225 -27.45 -8.23 0.68
CA ARG D 225 -27.81 -6.91 0.14
C ARG D 225 -29.25 -6.56 0.44
N ALA D 226 -29.77 -7.13 1.51
CA ALA D 226 -31.08 -6.85 2.01
C ALA D 226 -30.96 -6.52 3.50
N GLY D 227 -31.90 -5.75 4.01
CA GLY D 227 -31.83 -5.28 5.39
C GLY D 227 -32.91 -5.89 6.23
N PHE D 228 -32.57 -6.19 7.49
CA PHE D 228 -33.51 -6.81 8.44
C PHE D 228 -33.39 -6.16 9.79
N THR D 229 -34.53 -5.91 10.43
CA THR D 229 -34.55 -5.36 11.79
C THR D 229 -35.66 -6.05 12.57
N ARG D 230 -35.37 -6.37 13.83
CA ARG D 230 -36.37 -6.88 14.76
C ARG D 230 -36.50 -5.87 15.88
N GLN D 231 -37.70 -5.33 16.05
CA GLN D 231 -38.02 -4.39 17.11
C GLN D 231 -38.65 -5.16 18.27
N VAL D 232 -38.05 -5.05 19.45
CA VAL D 232 -38.63 -5.59 20.68
C VAL D 232 -38.98 -4.44 21.62
N GLY D 233 -40.22 -4.43 22.13
CA GLY D 233 -40.69 -3.35 23.01
C GLY D 233 -41.16 -2.13 22.25
N SER D 234 -41.76 -1.18 22.98
CA SER D 234 -42.36 0.00 22.35
C SER D 234 -41.32 1.08 22.06
N LEU D 235 -41.45 1.75 20.92
CA LEU D 235 -40.67 2.97 20.63
C LEU D 235 -40.99 4.09 21.64
N GLY D 236 -42.23 4.10 22.13
CA GLY D 236 -42.66 5.06 23.15
C GLY D 236 -42.69 6.50 22.65
N GLY D 237 -43.01 6.67 21.37
CA GLY D 237 -42.99 7.99 20.71
C GLY D 237 -41.59 8.53 20.46
N GLY D 238 -40.57 7.70 20.72
CA GLY D 238 -39.16 8.05 20.55
C GLY D 238 -38.39 6.91 19.89
N GLU D 239 -37.25 6.54 20.47
CA GLU D 239 -36.41 5.45 19.95
C GLU D 239 -36.29 4.29 20.96
N GLY D 240 -37.35 4.10 21.77
CA GLY D 240 -37.35 3.10 22.83
C GLY D 240 -37.31 1.65 22.37
N GLY D 241 -37.10 0.76 23.33
CA GLY D 241 -37.04 -0.68 23.08
C GLY D 241 -35.67 -1.09 22.58
N THR D 242 -35.59 -2.30 22.03
CA THR D 242 -34.30 -2.84 21.54
C THR D 242 -34.43 -3.39 20.12
N ARG D 243 -33.35 -3.30 19.36
CA ARG D 243 -33.36 -3.72 17.97
C ARG D 243 -32.20 -4.65 17.68
N THR D 244 -32.49 -5.68 16.90
CA THR D 244 -31.48 -6.50 16.24
C THR D 244 -31.55 -6.04 14.80
N TYR D 245 -30.39 -5.89 14.16
CA TYR D 245 -30.37 -5.47 12.76
C TYR D 245 -29.21 -6.00 11.94
N ILE D 246 -29.47 -6.08 10.64
CA ILE D 246 -28.50 -6.41 9.60
C ILE D 246 -28.53 -5.22 8.63
N ILE D 247 -27.41 -4.49 8.55
CA ILE D 247 -27.29 -3.29 7.72
C ILE D 247 -26.15 -3.51 6.73
N PRO D 248 -26.48 -3.91 5.48
CA PRO D 248 -25.40 -4.19 4.53
C PRO D 248 -24.95 -2.93 3.81
N ARG D 249 -23.64 -2.73 3.72
CA ARG D 249 -23.10 -1.63 2.90
C ARG D 249 -22.77 -2.10 1.50
N CYS D 250 -22.74 -1.14 0.57
CA CYS D 250 -22.38 -1.43 -0.82
C CYS D 250 -20.98 -2.01 -1.00
N ASN D 251 -20.10 -1.79 -0.03
CA ASN D 251 -18.74 -2.31 -0.13
C ASN D 251 -18.60 -3.76 0.41
N GLY D 252 -19.72 -4.37 0.79
CA GLY D 252 -19.72 -5.76 1.24
C GLY D 252 -19.57 -5.94 2.74
N GLU D 253 -19.22 -4.87 3.45
CA GLU D 253 -19.27 -4.87 4.91
C GLU D 253 -20.72 -4.84 5.33
N VAL D 254 -21.06 -5.63 6.35
CA VAL D 254 -22.45 -5.69 6.83
C VAL D 254 -22.39 -5.46 8.34
N VAL D 255 -23.13 -4.46 8.80
CA VAL D 255 -23.15 -4.06 10.20
C VAL D 255 -24.25 -4.83 10.93
N LEU D 256 -23.85 -5.55 11.97
CA LEU D 256 -24.74 -6.35 12.83
C LEU D 256 -24.89 -5.68 14.19
N GLY D 257 -26.12 -5.58 14.68
CA GLY D 257 -26.36 -4.87 15.92
C GLY D 257 -27.67 -5.33 16.51
N GLY D 258 -28.08 -4.71 17.61
CA GLY D 258 -27.33 -3.64 18.27
C GLY D 258 -27.62 -3.62 19.76
N THR D 259 -27.09 -2.60 20.43
CA THR D 259 -27.39 -2.34 21.84
C THR D 259 -27.86 -0.90 22.00
N MET D 260 -28.58 -0.64 23.08
CA MET D 260 -29.22 0.66 23.27
C MET D 260 -29.13 0.99 24.76
N GLU D 261 -27.90 1.07 25.26
CA GLU D 261 -27.65 1.30 26.69
C GLU D 261 -27.60 2.80 27.02
N GLN D 262 -28.65 3.27 27.69
CA GLN D 262 -28.77 4.69 28.02
C GLN D 262 -27.84 5.02 29.17
N GLY D 263 -27.07 6.09 29.02
CA GLY D 263 -26.14 6.55 30.06
C GLY D 263 -24.87 5.72 30.22
N ASP D 264 -24.65 4.76 29.33
CA ASP D 264 -23.47 3.91 29.39
C ASP D 264 -22.36 4.58 28.57
N TRP D 265 -21.32 5.04 29.26
CA TRP D 265 -20.20 5.74 28.61
C TRP D 265 -19.00 4.83 28.28
N THR D 266 -19.15 3.50 28.42
CA THR D 266 -18.03 2.58 28.14
C THR D 266 -17.74 2.57 26.62
N PRO D 267 -16.50 2.98 26.23
CA PRO D 267 -16.25 3.12 24.80
C PRO D 267 -15.69 1.86 24.12
N TYR D 268 -15.43 0.81 24.89
CA TYR D 268 -14.80 -0.39 24.34
C TYR D 268 -15.81 -1.55 24.20
N PRO D 269 -15.67 -2.38 23.16
CA PRO D 269 -16.62 -3.49 22.99
C PRO D 269 -16.52 -4.55 24.07
N ARG D 270 -17.67 -5.10 24.46
CA ARG D 270 -17.72 -6.19 25.45
C ARG D 270 -17.79 -7.53 24.74
N ASP D 271 -17.00 -8.49 25.18
CA ASP D 271 -16.98 -9.83 24.54
C ASP D 271 -18.36 -10.51 24.54
N GLU D 272 -19.09 -10.42 25.65
CA GLU D 272 -20.41 -11.06 25.75
C GLU D 272 -21.44 -10.45 24.78
N THR D 273 -21.29 -9.15 24.52
CA THR D 273 -22.11 -8.44 23.55
C THR D 273 -21.81 -8.85 22.09
N VAL D 274 -20.54 -9.12 21.80
CA VAL D 274 -20.19 -9.68 20.47
C VAL D 274 -20.99 -10.98 20.26
N THR D 275 -20.92 -11.89 21.24
CA THR D 275 -21.66 -13.16 21.18
C THR D 275 -23.17 -12.94 21.00
N ASP D 276 -23.71 -12.01 21.80
CA ASP D 276 -25.13 -11.65 21.77
C ASP D 276 -25.57 -11.17 20.36
N ILE D 277 -24.80 -10.25 19.79
CA ILE D 277 -25.10 -9.69 18.48
C ILE D 277 -25.06 -10.76 17.38
N LEU D 278 -24.01 -11.58 17.40
CA LEU D 278 -23.86 -12.64 16.38
C LEU D 278 -25.01 -13.63 16.45
N THR D 279 -25.34 -14.05 17.67
CA THR D 279 -26.47 -14.96 17.92
C THR D 279 -27.80 -14.38 17.42
N ARG D 280 -28.11 -13.14 17.83
CA ARG D 280 -29.35 -12.48 17.41
C ARG D 280 -29.40 -12.19 15.90
N ALA D 281 -28.27 -11.82 15.30
CA ALA D 281 -28.23 -11.61 13.83
C ALA D 281 -28.66 -12.89 13.11
N LEU D 282 -28.16 -14.02 13.59
CA LEU D 282 -28.46 -15.31 12.98
C LEU D 282 -29.93 -15.67 13.11
N GLN D 283 -30.53 -15.29 14.25
CA GLN D 283 -31.98 -15.48 14.47
C GLN D 283 -32.85 -14.78 13.44
N ILE D 284 -32.54 -13.51 13.15
CA ILE D 284 -33.42 -12.69 12.31
C ILE D 284 -33.07 -12.78 10.82
N CYS D 285 -31.88 -13.30 10.52
CA CYS D 285 -31.42 -13.38 9.14
C CYS D 285 -30.45 -14.56 8.98
N PRO D 286 -30.98 -15.81 8.85
CA PRO D 286 -30.09 -16.98 8.72
C PRO D 286 -29.06 -16.85 7.58
N ASP D 287 -29.41 -16.12 6.54
CA ASP D 287 -28.51 -15.93 5.40
C ASP D 287 -27.30 -15.01 5.66
N ILE D 288 -27.21 -14.41 6.85
CA ILE D 288 -25.98 -13.69 7.20
C ILE D 288 -24.79 -14.65 7.29
N ALA D 289 -25.04 -15.91 7.68
CA ALA D 289 -23.96 -16.91 7.77
C ALA D 289 -23.33 -17.16 6.38
N PRO D 290 -22.00 -17.42 6.34
CA PRO D 290 -21.35 -17.86 5.09
C PRO D 290 -22.16 -18.97 4.43
N PRO D 291 -22.38 -18.87 3.10
CA PRO D 291 -23.23 -19.85 2.42
C PRO D 291 -22.91 -21.31 2.77
N TYR D 292 -21.62 -21.66 2.85
CA TYR D 292 -21.24 -23.06 3.08
C TYR D 292 -21.58 -23.56 4.48
N ALA D 293 -21.86 -22.63 5.39
CA ALA D 293 -22.11 -22.92 6.80
C ALA D 293 -23.60 -22.98 7.17
N ARG D 294 -24.48 -22.72 6.23
CA ARG D 294 -25.89 -22.50 6.53
C ARG D 294 -26.69 -23.74 7.02
N SER D 295 -26.17 -24.94 6.80
CA SER D 295 -26.85 -26.16 7.26
C SER D 295 -26.25 -26.69 8.56
N TRP D 296 -25.24 -26.00 9.09
CA TRP D 296 -24.55 -26.44 10.29
C TRP D 296 -25.38 -26.15 11.55
N PRO D 297 -25.08 -26.83 12.69
CA PRO D 297 -25.72 -26.47 13.96
C PRO D 297 -25.41 -25.01 14.35
N LYS D 298 -26.29 -24.42 15.18
CA LYS D 298 -26.23 -22.99 15.55
C LYS D 298 -24.88 -22.50 16.07
N ASP D 299 -24.24 -23.29 16.94
CA ASP D 299 -22.95 -22.90 17.52
C ASP D 299 -21.81 -22.87 16.50
N ASP D 300 -21.88 -23.76 15.52
CA ASP D 300 -20.90 -23.81 14.45
C ASP D 300 -21.11 -22.63 13.51
N GLN D 301 -22.36 -22.20 13.37
CA GLN D 301 -22.65 -21.01 12.57
C GLN D 301 -22.18 -19.71 13.22
N VAL D 302 -22.30 -19.63 14.55
CA VAL D 302 -21.78 -18.47 15.29
C VAL D 302 -20.27 -18.38 15.06
N ALA D 303 -19.59 -19.52 15.15
CA ALA D 303 -18.15 -19.61 14.88
C ALA D 303 -17.81 -19.20 13.44
N ALA D 304 -18.65 -19.63 12.48
CA ALA D 304 -18.50 -19.22 11.08
C ALA D 304 -18.64 -17.70 10.94
N LEU D 305 -19.60 -17.09 11.67
CA LEU D 305 -19.69 -15.61 11.66
C LEU D 305 -18.48 -14.93 12.25
N ARG D 306 -17.98 -15.46 13.38
CA ARG D 306 -16.75 -14.94 13.97
C ARG D 306 -15.60 -14.90 12.96
N SER D 307 -15.55 -15.90 12.08
CA SER D 307 -14.47 -16.01 11.10
C SER D 307 -14.54 -14.96 9.99
N ILE D 308 -15.68 -14.30 9.84
CA ILE D 308 -15.80 -13.23 8.83
C ILE D 308 -15.90 -11.83 9.44
N VAL D 309 -15.62 -11.70 10.73
CA VAL D 309 -15.60 -10.41 11.42
C VAL D 309 -14.48 -9.51 10.87
N VAL D 310 -14.86 -8.30 10.49
CA VAL D 310 -13.94 -7.25 10.05
C VAL D 310 -13.48 -6.42 11.25
N ARG D 311 -14.44 -5.95 12.06
CA ARG D 311 -14.16 -5.12 13.24
C ARG D 311 -15.32 -5.13 14.21
N ASP D 312 -14.99 -4.84 15.46
CA ASP D 312 -15.96 -4.52 16.50
C ASP D 312 -15.95 -3.03 16.68
N ALA D 313 -17.11 -2.44 16.92
CA ALA D 313 -17.16 -0.99 17.14
C ALA D 313 -18.19 -0.59 18.16
N VAL D 314 -17.97 0.58 18.75
CA VAL D 314 -18.86 1.15 19.78
C VAL D 314 -19.01 2.63 19.50
N GLY D 315 -20.23 3.16 19.65
CA GLY D 315 -20.48 4.58 19.52
C GLY D 315 -21.51 5.01 20.54
N PHE D 316 -21.55 6.31 20.78
CA PHE D 316 -22.55 6.90 21.67
C PHE D 316 -23.52 7.73 20.86
N ARG D 317 -24.77 7.28 20.76
CA ARG D 317 -25.79 8.07 20.08
C ARG D 317 -26.01 9.34 20.92
N PRO D 318 -26.06 10.51 20.28
CA PRO D 318 -26.30 11.78 20.98
C PRO D 318 -27.82 11.96 21.21
N SER D 319 -28.32 11.24 22.21
CA SER D 319 -29.75 11.22 22.53
C SER D 319 -30.15 12.49 23.28
N ARG D 320 -31.37 12.95 23.01
CA ARG D 320 -31.95 14.13 23.66
C ARG D 320 -33.46 13.97 23.90
N ALA D 321 -33.91 14.37 25.08
CA ALA D 321 -35.34 14.48 25.41
C ALA D 321 -36.09 15.35 24.39
N GLY D 322 -37.04 14.75 23.68
CA GLY D 322 -37.77 15.43 22.62
C GLY D 322 -37.08 15.42 21.27
N GLY D 323 -36.05 14.58 21.14
CA GLY D 323 -35.29 14.48 19.89
C GLY D 323 -34.39 15.67 19.70
N ALA D 324 -34.02 15.92 18.44
CA ALA D 324 -33.02 16.91 18.07
C ALA D 324 -33.44 18.35 18.37
N ARG D 325 -32.48 19.14 18.85
CA ARG D 325 -32.68 20.57 18.99
C ARG D 325 -32.23 21.24 17.69
N VAL D 326 -33.20 21.80 16.96
CA VAL D 326 -32.91 22.59 15.76
C VAL D 326 -33.59 23.95 15.98
N ALA D 327 -32.79 24.92 16.40
CA ALA D 327 -33.34 26.13 17.03
C ALA D 327 -32.41 27.33 16.86
N LEU D 328 -33.02 28.50 16.65
CA LEU D 328 -32.31 29.78 16.58
C LEU D 328 -32.21 30.40 17.96
N ALA D 329 -31.02 30.91 18.30
CA ALA D 329 -30.77 31.55 19.59
C ALA D 329 -29.71 32.65 19.47
N SER D 330 -29.40 33.28 20.60
CA SER D 330 -28.29 34.22 20.73
C SER D 330 -27.47 33.88 21.96
N ALA D 331 -26.17 33.66 21.74
CA ALA D 331 -25.21 33.38 22.80
C ALA D 331 -23.89 34.04 22.46
N ALA D 332 -23.19 34.49 23.51
CA ALA D 332 -21.89 35.14 23.43
C ALA D 332 -21.63 35.96 22.15
N GLY D 333 -22.53 36.92 21.92
CA GLY D 333 -22.42 37.87 20.82
C GLY D 333 -22.81 37.39 19.43
N MET D 334 -23.22 36.13 19.30
CA MET D 334 -23.47 35.58 17.97
C MET D 334 -24.91 35.13 17.73
N ARG D 335 -25.28 35.10 16.45
CA ARG D 335 -26.49 34.44 15.96
C ARG D 335 -26.18 32.93 15.91
N VAL D 336 -26.85 32.17 16.76
CA VAL D 336 -26.56 30.75 16.97
C VAL D 336 -27.71 29.90 16.42
N VAL D 337 -27.39 28.91 15.56
CA VAL D 337 -28.38 27.89 15.22
C VAL D 337 -27.88 26.56 15.79
N TYR D 338 -28.60 26.04 16.77
CA TYR D 338 -28.35 24.70 17.27
C TYR D 338 -28.91 23.66 16.29
N ASN D 339 -28.15 22.59 16.09
CA ASN D 339 -28.57 21.47 15.27
C ASN D 339 -27.86 20.24 15.84
N TYR D 340 -28.36 19.75 16.96
CA TYR D 340 -27.77 18.62 17.68
C TYR D 340 -28.79 17.76 18.43
N GLY D 341 -28.36 16.57 18.87
CA GLY D 341 -29.15 15.66 19.67
C GLY D 341 -30.05 14.74 18.88
N HIS D 342 -29.53 14.20 17.77
CA HIS D 342 -30.29 13.39 16.81
C HIS D 342 -30.43 11.91 17.18
N GLY D 343 -29.83 11.51 18.29
CA GLY D 343 -29.95 10.16 18.83
C GLY D 343 -29.47 9.13 17.82
N GLY D 344 -30.31 8.12 17.58
CA GLY D 344 -30.00 7.09 16.59
C GLY D 344 -30.56 7.34 15.21
N ALA D 345 -30.85 8.60 14.89
CA ALA D 345 -31.55 8.96 13.66
C ALA D 345 -30.88 10.09 12.86
N GLY D 346 -29.64 10.43 13.21
CA GLY D 346 -28.91 11.47 12.50
C GLY D 346 -28.74 11.26 11.01
N TRP D 347 -28.39 10.03 10.60
CA TRP D 347 -28.23 9.75 9.18
C TRP D 347 -29.55 9.85 8.39
N GLN D 348 -30.62 9.35 8.99
CA GLN D 348 -31.92 9.31 8.30
C GLN D 348 -32.67 10.64 8.35
N SER D 349 -32.14 11.59 9.13
CA SER D 349 -32.76 12.92 9.25
C SER D 349 -31.86 14.10 8.82
N CYS D 350 -30.60 13.81 8.44
CA CYS D 350 -29.59 14.88 8.27
C CYS D 350 -29.97 16.01 7.32
N TRP D 351 -30.38 15.67 6.10
CA TRP D 351 -30.70 16.68 5.10
C TRP D 351 -31.93 17.53 5.49
N GLY D 352 -32.91 16.88 6.13
CA GLY D 352 -34.08 17.58 6.66
C GLY D 352 -33.70 18.63 7.70
N CYS D 353 -32.89 18.22 8.68
CA CYS D 353 -32.41 19.11 9.74
C CYS D 353 -31.54 20.23 9.21
N ALA D 354 -30.63 19.89 8.30
CA ALA D 354 -29.73 20.87 7.67
C ALA D 354 -30.50 22.01 7.04
N GLU D 355 -31.58 21.67 6.32
CA GLU D 355 -32.38 22.63 5.57
C GLU D 355 -33.14 23.55 6.51
N ASP D 356 -33.69 23.00 7.59
CA ASP D 356 -34.33 23.79 8.65
C ASP D 356 -33.32 24.72 9.32
N ALA D 357 -32.12 24.20 9.59
CA ALA D 357 -31.05 24.97 10.26
C ALA D 357 -30.65 26.20 9.44
N VAL D 358 -30.41 26.00 8.14
CA VAL D 358 -30.05 27.09 7.21
C VAL D 358 -31.20 28.12 7.12
N ALA D 359 -32.44 27.62 7.08
CA ALA D 359 -33.64 28.48 7.05
C ALA D 359 -33.74 29.39 8.27
N LEU D 360 -33.57 28.79 9.45
CA LEU D 360 -33.59 29.53 10.72
C LEU D 360 -32.55 30.66 10.77
N TRP D 361 -31.36 30.40 10.21
CA TRP D 361 -30.30 31.42 10.12
C TRP D 361 -30.61 32.52 9.10
N ALA D 362 -31.17 32.13 7.96
CA ALA D 362 -31.40 33.04 6.83
C ALA D 362 -32.48 34.08 7.14
#